data_7BPC
#
_entry.id   7BPC
#
_cell.length_a   76.769
_cell.length_b   129.739
_cell.length_c   140.557
_cell.angle_alpha   90.000
_cell.angle_beta   90.000
_cell.angle_gamma   90.000
#
_symmetry.space_group_name_H-M   'P 21 21 21'
#
loop_
_entity.id
_entity.type
_entity.pdbx_description
1 polymer '2,3-dihydroxybenzoate decarboxylase'
2 non-polymer '2,5-dihydroxybenzoic acid'
3 non-polymer 'ZINC ION'
4 water water
#
_entity_poly.entity_id   1
_entity_poly.type   'polypeptide(L)'
_entity_poly.pdbx_seq_one_letter_code
;HMLGKVALEEAFALPRHKERTRWWAGLFAIDPDKHAAEINDITEQRIKYMNEHGVGYTILSYTAPGVQDVWDPKEAQALA
VEVNDYIADAIKAHPDRLGAFATLSMHDPKEAAEELRRVVTKYGFKGALVNDTQRAGADGDDMIFYDGPEWDVFWSTVTD
LDVPFYLHPRNPTGSIHEKLWAKRSWLIGPPLSFAQGVSLHALGMVTNGVFDRHPKLQIVLGHLGEHIPFDMWRINHWFE
DIKKPLGLSCKLTIREYFARNLWITTSGHFSTSTLQFCLGEVGADRILFSIDYPFENFSDACTWYDGLAINDVDKRKIGK
DNAKKLFKLPQFYQSEDHHHHHH
;
_entity_poly.pdbx_strand_id   A,B,C,D
#
# COMPACT_ATOMS: atom_id res chain seq x y z
N MET A 2 -9.49 -17.11 12.49
CA MET A 2 -9.57 -18.22 11.54
C MET A 2 -9.09 -19.52 12.16
N LEU A 3 -9.81 -20.61 11.98
CA LEU A 3 -9.37 -21.91 12.48
C LEU A 3 -8.66 -22.68 11.37
N GLY A 4 -7.81 -23.61 11.77
CA GLY A 4 -7.10 -24.45 10.84
C GLY A 4 -5.82 -23.87 10.29
N LYS A 5 -5.30 -22.80 10.90
CA LYS A 5 -4.08 -22.19 10.41
C LYS A 5 -2.94 -23.18 10.47
N VAL A 6 -1.97 -23.00 9.58
CA VAL A 6 -0.81 -23.86 9.53
C VAL A 6 0.43 -23.01 9.82
N ALA A 7 1.26 -23.48 10.76
CA ALA A 7 2.49 -22.79 11.07
C ALA A 7 3.63 -23.78 10.91
N LEU A 8 4.76 -23.32 10.40
CA LEU A 8 5.79 -24.27 10.05
C LEU A 8 7.18 -23.72 10.29
N GLU A 9 7.34 -22.76 11.19
CA GLU A 9 8.69 -22.46 11.66
C GLU A 9 8.68 -22.62 13.18
N GLU A 10 8.35 -23.82 13.62
CA GLU A 10 8.06 -24.08 15.02
C GLU A 10 9.15 -24.97 15.58
N ALA A 11 9.78 -24.51 16.67
CA ALA A 11 11.02 -25.08 17.17
C ALA A 11 10.76 -26.03 18.33
N PHE A 12 11.67 -27.01 18.48
CA PHE A 12 11.74 -27.90 19.62
C PHE A 12 13.21 -28.15 19.89
N ALA A 13 13.54 -28.52 21.14
CA ALA A 13 14.92 -28.82 21.54
C ALA A 13 14.96 -30.20 22.18
N LEU A 14 16.19 -30.75 22.35
CA LEU A 14 16.36 -32.07 22.97
C LEU A 14 16.29 -31.96 24.48
N PRO A 15 15.45 -32.79 25.15
CA PRO A 15 15.37 -32.74 26.63
C PRO A 15 16.69 -32.88 27.34
N ARG A 16 17.64 -33.66 26.82
CA ARG A 16 18.90 -33.82 27.53
C ARG A 16 19.74 -32.55 27.49
N HIS A 17 19.37 -31.58 26.66
CA HIS A 17 20.09 -30.33 26.54
C HIS A 17 19.46 -29.21 27.34
N LYS A 18 18.61 -29.55 28.32
CA LYS A 18 17.85 -28.51 29.00
C LYS A 18 18.77 -27.46 29.62
N GLU A 19 19.84 -27.88 30.29
CA GLU A 19 20.72 -26.93 31.02
C GLU A 19 21.20 -25.81 30.10
N ARG A 20 21.80 -26.17 28.98
CA ARG A 20 22.30 -25.16 28.08
C ARG A 20 21.16 -24.54 27.29
N THR A 21 20.11 -25.32 26.98
CA THR A 21 18.91 -24.75 26.38
C THR A 21 18.35 -23.60 27.22
N ARG A 22 18.44 -23.72 28.54
CA ARG A 22 17.95 -22.67 29.44
C ARG A 22 18.94 -21.51 29.52
N TRP A 23 20.23 -21.81 29.56
CA TRP A 23 21.23 -20.74 29.51
C TRP A 23 20.97 -19.84 28.30
N TRP A 24 21.16 -20.38 27.10
CA TRP A 24 20.96 -19.64 25.86
C TRP A 24 19.68 -18.81 25.90
N ALA A 25 18.58 -19.36 26.44
CA ALA A 25 17.33 -18.59 26.46
C ALA A 25 17.47 -17.30 27.25
N GLY A 26 18.37 -17.26 28.22
CA GLY A 26 18.49 -16.09 29.05
C GLY A 26 18.71 -14.85 28.22
N LEU A 27 19.13 -15.05 26.97
CA LEU A 27 19.45 -13.98 26.03
C LEU A 27 18.32 -13.64 25.08
N PHE A 28 17.34 -14.52 24.89
CA PHE A 28 16.34 -14.30 23.85
C PHE A 28 14.93 -14.42 24.42
N ALA A 29 14.77 -14.55 25.74
CA ALA A 29 13.44 -14.69 26.34
C ALA A 29 13.40 -13.96 27.67
N ILE A 30 12.34 -13.20 27.89
CA ILE A 30 12.30 -12.47 29.16
C ILE A 30 12.10 -13.44 30.32
N ASP A 31 11.68 -14.68 30.03
CA ASP A 31 11.41 -15.71 31.04
C ASP A 31 12.00 -17.02 30.50
N PRO A 32 13.32 -17.16 30.56
CA PRO A 32 13.95 -18.33 29.95
C PRO A 32 13.46 -19.65 30.51
N ASP A 33 12.90 -19.69 31.73
CA ASP A 33 12.40 -20.96 32.24
C ASP A 33 11.19 -21.41 31.44
N LYS A 34 10.31 -20.47 31.12
CA LYS A 34 9.12 -20.79 30.35
C LYS A 34 9.50 -21.14 28.92
N HIS A 35 10.60 -20.58 28.45
CA HIS A 35 11.03 -20.85 27.09
C HIS A 35 11.55 -22.27 26.97
N ALA A 36 12.36 -22.68 27.96
CA ALA A 36 12.90 -24.02 27.93
C ALA A 36 11.82 -25.06 28.16
N ALA A 37 10.87 -24.79 29.06
CA ALA A 37 9.79 -25.76 29.26
C ALA A 37 9.00 -25.93 27.98
N GLU A 38 8.69 -24.82 27.32
CA GLU A 38 7.87 -24.85 26.11
C GLU A 38 8.64 -25.38 24.89
N ILE A 39 9.93 -25.03 24.77
CA ILE A 39 10.66 -25.54 23.61
C ILE A 39 11.01 -27.01 23.80
N ASN A 40 10.97 -27.51 25.04
CA ASN A 40 11.18 -28.93 25.24
C ASN A 40 9.90 -29.72 25.05
N ASP A 41 8.74 -29.12 25.34
CA ASP A 41 7.47 -29.84 25.23
C ASP A 41 7.02 -30.07 23.78
N ILE A 42 6.50 -31.26 23.51
CA ILE A 42 6.04 -31.61 22.17
C ILE A 42 4.53 -31.75 22.10
N THR A 43 3.88 -32.33 23.11
CA THR A 43 2.47 -32.70 22.94
C THR A 43 1.50 -32.10 23.95
N GLU A 44 1.97 -31.36 24.96
CA GLU A 44 1.07 -30.90 26.01
C GLU A 44 0.80 -29.43 25.82
N GLN A 45 1.59 -28.53 26.42
CA GLN A 45 1.41 -27.11 26.20
C GLN A 45 1.35 -26.76 24.72
N ARG A 46 2.17 -27.42 23.90
CA ARG A 46 2.23 -27.04 22.49
C ARG A 46 0.87 -27.21 21.81
N ILE A 47 0.26 -28.41 21.90
CA ILE A 47 -0.98 -28.58 21.16
C ILE A 47 -2.12 -27.86 21.88
N LYS A 48 -2.03 -27.66 23.18
CA LYS A 48 -3.07 -26.88 23.86
C LYS A 48 -3.07 -25.44 23.36
N TYR A 49 -1.89 -24.88 23.09
CA TYR A 49 -1.81 -23.56 22.46
C TYR A 49 -2.43 -23.59 21.06
N MET A 50 -2.18 -24.68 20.32
CA MET A 50 -2.79 -24.79 18.99
C MET A 50 -4.31 -24.77 19.09
N ASN A 51 -4.86 -25.48 20.08
CA ASN A 51 -6.30 -25.59 20.24
C ASN A 51 -6.93 -24.25 20.61
N GLU A 52 -6.27 -23.44 21.46
CA GLU A 52 -6.92 -22.18 21.83
C GLU A 52 -6.69 -21.06 20.83
N HIS A 53 -5.76 -21.20 19.89
CA HIS A 53 -5.46 -20.08 19.00
C HIS A 53 -5.73 -20.41 17.54
N GLY A 54 -6.52 -21.45 17.30
CA GLY A 54 -6.99 -21.73 15.95
C GLY A 54 -5.92 -22.19 15.00
N VAL A 55 -4.96 -22.98 15.48
CA VAL A 55 -3.88 -23.51 14.66
C VAL A 55 -4.08 -25.02 14.57
N GLY A 56 -4.46 -25.51 13.38
CA GLY A 56 -4.77 -26.92 13.24
C GLY A 56 -3.55 -27.80 13.14
N TYR A 57 -2.45 -27.25 12.65
CA TYR A 57 -1.29 -28.06 12.28
C TYR A 57 -0.04 -27.20 12.37
N THR A 58 0.99 -27.76 12.99
CA THR A 58 2.30 -27.15 13.02
C THR A 58 3.29 -28.20 12.57
N ILE A 59 4.24 -27.79 11.75
CA ILE A 59 5.36 -28.61 11.32
C ILE A 59 6.54 -28.19 12.18
N LEU A 60 7.12 -29.13 12.91
CA LEU A 60 8.12 -28.79 13.91
C LEU A 60 9.52 -28.98 13.36
N SER A 61 10.45 -28.20 13.90
CA SER A 61 11.81 -28.19 13.42
C SER A 61 12.74 -27.99 14.62
N TYR A 62 13.95 -28.49 14.47
CA TYR A 62 14.92 -28.40 15.55
C TYR A 62 15.44 -26.97 15.69
N THR A 63 15.57 -26.54 16.95
CA THR A 63 15.90 -25.15 17.25
C THR A 63 17.30 -24.77 16.77
N ALA A 64 17.43 -23.56 16.32
CA ALA A 64 18.71 -23.07 15.86
C ALA A 64 19.58 -22.73 17.06
N PRO A 65 20.92 -22.76 16.88
CA PRO A 65 21.62 -23.11 15.64
C PRO A 65 21.54 -24.58 15.25
N GLY A 66 21.16 -25.40 16.24
CA GLY A 66 20.94 -26.82 15.95
C GLY A 66 22.19 -27.47 15.39
N VAL A 67 21.99 -28.40 14.45
CA VAL A 67 23.12 -29.14 13.93
C VAL A 67 24.12 -28.21 13.22
N GLN A 68 23.68 -27.06 12.73
CA GLN A 68 24.62 -26.20 12.02
C GLN A 68 25.61 -25.55 12.95
N ASP A 69 25.52 -25.79 14.26
CA ASP A 69 26.52 -25.26 15.18
C ASP A 69 27.65 -26.24 15.46
N VAL A 70 27.54 -27.48 14.99
CA VAL A 70 28.49 -28.54 15.31
C VAL A 70 29.43 -28.70 14.12
N TRP A 71 30.71 -28.37 14.34
CA TRP A 71 31.62 -28.38 13.21
C TRP A 71 32.30 -29.71 12.99
N ASP A 72 32.18 -30.63 13.93
CA ASP A 72 32.74 -31.96 13.72
C ASP A 72 31.74 -32.79 12.94
N PRO A 73 32.11 -33.31 11.77
CA PRO A 73 31.11 -33.99 10.91
C PRO A 73 30.46 -35.20 11.56
N LYS A 74 31.25 -36.03 12.24
CA LYS A 74 30.67 -37.22 12.81
C LYS A 74 29.76 -36.85 13.97
N GLU A 75 30.15 -35.85 14.76
CA GLU A 75 29.28 -35.46 15.85
C GLU A 75 28.02 -34.78 15.32
N ALA A 76 28.12 -34.01 14.25
CA ALA A 76 26.94 -33.33 13.70
C ALA A 76 25.95 -34.34 13.13
N GLN A 77 26.44 -35.27 12.31
CA GLN A 77 25.60 -36.29 11.72
C GLN A 77 24.85 -37.08 12.81
N ALA A 78 25.54 -37.42 13.90
CA ALA A 78 24.86 -38.18 14.95
C ALA A 78 23.73 -37.37 15.57
N LEU A 79 23.97 -36.10 15.85
CA LEU A 79 22.90 -35.26 16.38
C LEU A 79 21.71 -35.21 15.43
N ALA A 80 21.96 -35.09 14.13
CA ALA A 80 20.83 -35.03 13.21
C ALA A 80 20.01 -36.30 13.32
N VAL A 81 20.69 -37.47 13.35
CA VAL A 81 19.98 -38.74 13.45
C VAL A 81 19.24 -38.82 14.77
N GLU A 82 19.89 -38.44 15.86
CA GLU A 82 19.21 -38.44 17.15
C GLU A 82 17.96 -37.56 17.08
N VAL A 83 18.14 -36.32 16.58
CA VAL A 83 17.01 -35.39 16.55
C VAL A 83 15.90 -35.95 15.69
N ASN A 84 16.23 -36.47 14.50
CA ASN A 84 15.18 -36.95 13.60
C ASN A 84 14.42 -38.14 14.18
N ASP A 85 15.13 -39.15 14.67
CA ASP A 85 14.45 -40.29 15.30
C ASP A 85 13.65 -39.85 16.51
N TYR A 86 14.21 -38.92 17.28
CA TYR A 86 13.50 -38.43 18.46
C TYR A 86 12.17 -37.80 18.06
N ILE A 87 12.18 -36.88 17.09
CA ILE A 87 10.96 -36.12 16.83
C ILE A 87 9.93 -36.98 16.11
N ALA A 88 10.36 -37.86 15.19
CA ALA A 88 9.40 -38.75 14.55
C ALA A 88 8.59 -39.50 15.59
N ASP A 89 9.27 -39.97 16.64
CA ASP A 89 8.63 -40.72 17.71
C ASP A 89 7.83 -39.82 18.64
N ALA A 90 8.31 -38.60 18.91
CA ALA A 90 7.58 -37.75 19.85
C ALA A 90 6.24 -37.28 19.29
N ILE A 91 6.12 -37.19 17.98
CA ILE A 91 4.87 -36.64 17.37
C ILE A 91 3.99 -37.75 16.81
N LYS A 92 4.40 -39.01 16.89
CA LYS A 92 3.66 -40.15 16.31
C LYS A 92 2.19 -40.24 16.76
N ALA A 93 1.84 -39.85 17.98
CA ALA A 93 0.44 -40.01 18.43
C ALA A 93 -0.44 -38.89 17.90
N HIS A 94 0.11 -37.84 17.31
CA HIS A 94 -0.78 -36.75 16.81
C HIS A 94 -0.51 -36.46 15.33
N PRO A 95 -0.82 -37.35 14.39
CA PRO A 95 -0.57 -37.09 12.98
C PRO A 95 -1.49 -36.03 12.34
N ASP A 96 -2.59 -35.70 13.00
CA ASP A 96 -3.50 -34.66 12.48
C ASP A 96 -3.09 -33.30 13.02
N ARG A 97 -2.21 -33.25 14.00
CA ARG A 97 -1.86 -31.93 14.55
C ARG A 97 -0.38 -31.61 14.37
N LEU A 98 0.50 -32.61 14.34
CA LEU A 98 1.93 -32.29 14.28
C LEU A 98 2.65 -32.94 13.11
N GLY A 99 3.57 -32.20 12.50
CA GLY A 99 4.45 -32.67 11.44
C GLY A 99 5.89 -32.33 11.78
N ALA A 100 6.84 -32.81 10.99
CA ALA A 100 8.24 -32.52 11.26
C ALA A 100 9.00 -32.29 9.96
N PHE A 101 9.97 -31.37 10.02
CA PHE A 101 11.02 -31.21 9.03
C PHE A 101 12.26 -32.01 9.41
N ALA A 102 12.99 -32.47 8.41
CA ALA A 102 14.26 -33.12 8.68
C ALA A 102 15.23 -32.14 9.33
N THR A 103 15.95 -32.63 10.33
CA THR A 103 17.17 -32.00 10.83
C THR A 103 18.36 -32.67 10.15
N LEU A 104 19.33 -31.86 9.72
CA LEU A 104 20.41 -32.37 8.87
C LEU A 104 21.77 -31.79 9.23
N SER A 105 22.80 -32.64 9.15
CA SER A 105 24.17 -32.16 9.06
C SER A 105 24.48 -31.80 7.63
N MET A 106 24.92 -30.57 7.38
CA MET A 106 25.23 -30.14 6.02
C MET A 106 26.73 -30.11 5.76
N HIS A 107 27.47 -30.99 6.43
CA HIS A 107 28.90 -31.09 6.17
C HIS A 107 29.17 -31.76 4.82
N ASP A 108 28.41 -32.81 4.50
CA ASP A 108 28.66 -33.53 3.26
C ASP A 108 27.40 -33.61 2.41
N PRO A 109 27.45 -33.16 1.16
CA PRO A 109 26.23 -33.17 0.34
C PRO A 109 25.56 -34.52 0.27
N LYS A 110 26.33 -35.62 0.19
CA LYS A 110 25.70 -36.92 0.01
C LYS A 110 25.28 -37.56 1.31
N GLU A 111 25.96 -37.24 2.40
CA GLU A 111 25.45 -37.63 3.72
C GLU A 111 24.12 -36.93 4.00
N ALA A 112 24.04 -35.64 3.69
CA ALA A 112 22.80 -34.90 3.93
C ALA A 112 21.65 -35.43 3.09
N ALA A 113 21.93 -35.83 1.86
CA ALA A 113 20.89 -36.33 0.95
C ALA A 113 20.35 -37.66 1.46
N GLU A 114 21.23 -38.44 2.07
CA GLU A 114 20.92 -39.78 2.53
C GLU A 114 19.99 -39.69 3.73
N GLU A 115 20.38 -38.87 4.71
CA GLU A 115 19.58 -38.66 5.91
C GLU A 115 18.29 -37.93 5.57
N LEU A 116 18.30 -37.02 4.59
CA LEU A 116 17.03 -36.45 4.17
C LEU A 116 16.11 -37.51 3.61
N ARG A 117 16.62 -38.34 2.68
CA ARG A 117 15.79 -39.41 2.11
C ARG A 117 15.34 -40.39 3.18
N ARG A 118 16.25 -40.75 4.10
CA ARG A 118 15.87 -41.68 5.14
C ARG A 118 14.66 -41.17 5.89
N VAL A 119 14.72 -39.95 6.40
CA VAL A 119 13.67 -39.53 7.33
C VAL A 119 12.40 -39.14 6.60
N VAL A 120 12.49 -38.63 5.38
CA VAL A 120 11.27 -38.38 4.59
C VAL A 120 10.57 -39.69 4.25
N THR A 121 11.34 -40.73 3.93
CA THR A 121 10.73 -41.98 3.52
C THR A 121 10.14 -42.73 4.73
N LYS A 122 10.90 -42.81 5.84
CA LYS A 122 10.48 -43.65 6.96
C LYS A 122 9.50 -42.96 7.89
N TYR A 123 9.62 -41.63 8.07
CA TYR A 123 8.81 -40.92 9.03
C TYR A 123 7.82 -39.98 8.38
N GLY A 124 7.95 -39.76 7.07
CA GLY A 124 7.05 -38.86 6.37
C GLY A 124 7.23 -37.41 6.70
N PHE A 125 8.46 -37.00 7.01
CA PHE A 125 8.76 -35.58 7.23
C PHE A 125 8.46 -34.80 5.96
N LYS A 126 8.07 -33.52 6.15
CA LYS A 126 7.56 -32.65 5.09
C LYS A 126 8.64 -31.87 4.34
N GLY A 127 9.90 -31.94 4.78
CA GLY A 127 10.97 -31.23 4.12
C GLY A 127 12.16 -31.12 5.06
N ALA A 128 13.00 -30.13 4.79
CA ALA A 128 14.19 -29.92 5.60
C ALA A 128 14.19 -28.52 6.18
N LEU A 129 14.64 -28.39 7.43
CA LEU A 129 14.84 -27.08 8.01
C LEU A 129 16.29 -27.02 8.48
N VAL A 130 17.06 -26.13 7.86
CA VAL A 130 18.50 -26.04 8.10
C VAL A 130 18.83 -24.61 8.49
N ASN A 131 19.63 -24.44 9.53
CA ASN A 131 19.81 -23.10 10.06
C ASN A 131 20.99 -22.43 9.38
N ASP A 132 20.74 -21.96 8.16
CA ASP A 132 21.73 -21.19 7.39
C ASP A 132 22.96 -22.06 7.17
N THR A 133 24.16 -21.48 7.22
CA THR A 133 25.36 -22.23 6.83
C THR A 133 25.80 -23.17 7.94
N GLN A 134 26.51 -24.22 7.52
CA GLN A 134 27.01 -25.25 8.41
C GLN A 134 28.41 -24.90 8.91
N ARG A 135 28.58 -24.78 10.22
CA ARG A 135 29.90 -24.56 10.79
C ARG A 135 30.86 -25.71 10.50
N ALA A 136 32.09 -25.38 10.15
CA ALA A 136 33.07 -26.37 9.71
C ALA A 136 34.44 -25.84 10.07
N GLY A 137 35.48 -26.65 9.83
CA GLY A 137 36.83 -26.23 10.14
C GLY A 137 37.21 -26.65 11.55
N ALA A 138 38.52 -26.60 11.82
CA ALA A 138 39.02 -27.15 13.08
C ALA A 138 38.33 -26.53 14.29
N ASP A 139 38.07 -25.22 14.24
CA ASP A 139 37.38 -24.56 15.35
C ASP A 139 36.02 -24.00 14.92
N GLY A 140 35.43 -24.57 13.87
CA GLY A 140 34.09 -24.22 13.45
C GLY A 140 33.97 -22.80 12.93
N ASP A 141 35.05 -22.24 12.40
CA ASP A 141 34.97 -20.88 11.89
C ASP A 141 34.93 -20.84 10.38
N ASP A 142 34.83 -21.98 9.71
CA ASP A 142 34.51 -21.89 8.30
C ASP A 142 33.01 -22.04 8.16
N MET A 143 32.51 -21.67 6.99
CA MET A 143 31.09 -21.74 6.71
C MET A 143 30.89 -22.52 5.42
N ILE A 144 29.86 -23.37 5.43
CA ILE A 144 29.46 -24.12 4.26
C ILE A 144 28.15 -23.53 3.80
N PHE A 145 28.15 -22.99 2.57
CA PHE A 145 26.97 -22.56 1.84
C PHE A 145 26.56 -23.70 0.92
N TYR A 146 25.31 -23.72 0.49
CA TYR A 146 24.82 -24.85 -0.30
C TYR A 146 24.55 -24.46 -1.75
N ASP A 147 25.18 -23.39 -2.25
CA ASP A 147 24.94 -22.88 -3.58
C ASP A 147 26.05 -23.25 -4.54
N GLY A 148 27.10 -23.92 -4.06
CA GLY A 148 28.17 -24.38 -4.91
C GLY A 148 27.74 -25.57 -5.73
N PRO A 149 28.49 -25.92 -6.77
CA PRO A 149 28.11 -27.09 -7.59
C PRO A 149 28.15 -28.40 -6.82
N GLU A 150 29.00 -28.51 -5.79
CA GLU A 150 29.09 -29.76 -5.05
C GLU A 150 27.81 -30.09 -4.29
N TRP A 151 26.85 -29.16 -4.22
CA TRP A 151 25.58 -29.45 -3.58
C TRP A 151 24.50 -29.92 -4.56
N ASP A 152 24.80 -29.93 -5.88
CA ASP A 152 23.82 -30.38 -6.87
C ASP A 152 23.24 -31.73 -6.52
N VAL A 153 24.08 -32.65 -6.03
CA VAL A 153 23.58 -33.99 -5.71
C VAL A 153 22.59 -33.93 -4.57
N PHE A 154 22.75 -32.96 -3.66
CA PHE A 154 21.79 -32.83 -2.57
C PHE A 154 20.47 -32.28 -3.08
N TRP A 155 20.52 -31.22 -3.88
CA TRP A 155 19.28 -30.62 -4.35
C TRP A 155 18.47 -31.58 -5.19
N SER A 156 19.14 -32.49 -5.90
CA SER A 156 18.43 -33.43 -6.75
C SER A 156 17.60 -34.38 -5.91
N THR A 157 18.15 -34.84 -4.77
CA THR A 157 17.36 -35.59 -3.82
C THR A 157 16.22 -34.76 -3.29
N VAL A 158 16.46 -33.48 -2.95
CA VAL A 158 15.39 -32.62 -2.46
C VAL A 158 14.26 -32.55 -3.46
N THR A 159 14.57 -32.27 -4.74
CA THR A 159 13.54 -32.27 -5.76
C THR A 159 13.04 -33.68 -6.06
N ASP A 160 13.88 -34.71 -5.88
CA ASP A 160 13.40 -36.07 -6.09
C ASP A 160 12.32 -36.42 -5.07
N LEU A 161 12.56 -36.13 -3.79
CA LEU A 161 11.47 -36.32 -2.83
C LEU A 161 10.31 -35.34 -3.07
N ASP A 162 10.55 -34.24 -3.78
CA ASP A 162 9.58 -33.16 -3.93
C ASP A 162 9.14 -32.63 -2.57
N VAL A 163 10.12 -32.28 -1.74
CA VAL A 163 9.77 -31.66 -0.46
C VAL A 163 10.46 -30.30 -0.41
N PRO A 164 9.91 -29.30 0.29
CA PRO A 164 10.57 -28.01 0.39
C PRO A 164 11.73 -28.04 1.38
N PHE A 165 12.55 -26.99 1.27
CA PHE A 165 13.72 -26.80 2.12
C PHE A 165 13.57 -25.43 2.77
N TYR A 166 13.55 -25.39 4.10
CA TYR A 166 13.28 -24.16 4.83
C TYR A 166 14.62 -23.57 5.27
N LEU A 167 14.96 -22.40 4.76
CA LEU A 167 16.27 -21.79 5.01
C LEU A 167 16.13 -20.80 6.16
N HIS A 168 16.46 -21.25 7.38
CA HIS A 168 16.37 -20.68 8.72
C HIS A 168 17.63 -19.93 9.08
N PRO A 169 17.49 -18.82 9.82
CA PRO A 169 18.66 -18.07 10.27
C PRO A 169 19.43 -18.86 11.31
N ARG A 170 20.68 -18.48 11.51
CA ARG A 170 21.53 -18.98 12.56
C ARG A 170 22.28 -17.78 13.13
N ASN A 171 22.56 -17.80 14.42
CA ASN A 171 23.32 -16.71 15.04
C ASN A 171 24.72 -16.60 14.42
N PRO A 172 25.27 -15.41 14.31
CA PRO A 172 26.61 -15.29 13.72
C PRO A 172 27.64 -15.75 14.73
N THR A 173 28.71 -16.35 14.24
CA THR A 173 29.73 -16.92 15.11
C THR A 173 31.14 -16.50 14.69
N GLY A 174 32.10 -16.97 15.48
CA GLY A 174 33.53 -16.73 15.31
C GLY A 174 33.94 -15.36 14.77
N SER A 175 34.84 -15.40 13.81
CA SER A 175 35.42 -14.15 13.30
C SER A 175 34.35 -13.21 12.79
N ILE A 176 33.40 -13.70 11.98
CA ILE A 176 32.33 -12.85 11.49
C ILE A 176 31.61 -12.19 12.67
N HIS A 177 31.35 -12.97 13.72
CA HIS A 177 30.68 -12.44 14.90
C HIS A 177 31.53 -11.35 15.54
N GLU A 178 32.84 -11.61 15.65
CA GLU A 178 33.73 -10.66 16.31
C GLU A 178 33.88 -9.35 15.53
N LYS A 179 33.95 -9.42 14.20
CA LYS A 179 34.23 -8.21 13.45
C LYS A 179 33.01 -7.30 13.37
N LEU A 180 31.82 -7.84 13.26
CA LEU A 180 30.68 -7.00 12.94
C LEU A 180 29.67 -6.81 14.05
N TRP A 181 29.28 -7.91 14.74
CA TRP A 181 28.18 -7.98 15.70
C TRP A 181 28.55 -7.79 17.16
N ALA A 182 29.68 -8.35 17.61
CA ALA A 182 30.02 -8.34 19.02
C ALA A 182 29.99 -6.94 19.60
N LYS A 183 30.36 -5.92 18.81
CA LYS A 183 30.37 -4.55 19.31
C LYS A 183 29.01 -3.90 19.23
N ARG A 184 28.05 -4.51 18.51
CA ARG A 184 26.64 -4.11 18.57
C ARG A 184 25.78 -5.39 18.55
N SER A 185 25.77 -6.09 19.67
CA SER A 185 25.18 -7.40 19.74
C SER A 185 23.70 -7.40 20.11
N TRP A 186 23.10 -6.24 20.32
CA TRP A 186 21.62 -6.26 20.46
C TRP A 186 20.99 -6.45 19.09
N LEU A 187 21.79 -6.38 18.04
CA LEU A 187 21.32 -6.56 16.65
C LEU A 187 21.42 -8.03 16.26
N ILE A 188 21.95 -8.86 17.15
CA ILE A 188 22.10 -10.30 16.84
C ILE A 188 20.71 -10.94 16.93
N GLY A 189 20.33 -11.68 15.90
CA GLY A 189 19.03 -12.35 15.90
C GLY A 189 18.00 -11.62 15.09
N PRO A 190 16.71 -11.71 15.46
CA PRO A 190 15.63 -11.09 14.72
C PRO A 190 15.86 -9.63 14.32
N PRO A 191 16.39 -8.75 15.19
CA PRO A 191 16.68 -7.38 14.81
C PRO A 191 17.40 -7.18 13.48
N LEU A 192 18.44 -7.95 13.14
CA LEU A 192 19.15 -7.75 11.85
C LEU A 192 19.96 -8.97 11.42
N SER A 193 20.77 -9.53 12.30
CA SER A 193 21.71 -10.61 11.89
C SER A 193 21.02 -11.78 11.20
N PHE A 194 19.89 -12.22 11.72
CA PHE A 194 19.13 -13.35 11.16
C PHE A 194 18.84 -13.16 9.68
N ALA A 195 18.17 -12.07 9.31
CA ALA A 195 17.82 -11.81 7.91
C ALA A 195 19.07 -11.54 7.07
N GLN A 196 20.13 -10.98 7.65
CA GLN A 196 21.33 -10.72 6.82
C GLN A 196 21.92 -12.04 6.33
N GLY A 197 21.93 -13.06 7.17
CA GLY A 197 22.47 -14.37 6.82
C GLY A 197 21.65 -15.10 5.79
N VAL A 198 20.35 -15.18 6.00
CA VAL A 198 19.42 -15.94 5.12
C VAL A 198 19.43 -15.29 3.74
N SER A 199 19.24 -13.98 3.70
CA SER A 199 19.16 -13.31 2.40
C SER A 199 20.48 -13.49 1.63
N LEU A 200 21.60 -13.39 2.31
CA LEU A 200 22.86 -13.71 1.65
C LEU A 200 22.80 -15.11 1.05
N HIS A 201 22.35 -16.07 1.84
CA HIS A 201 22.36 -17.46 1.40
C HIS A 201 21.32 -17.70 0.31
N ALA A 202 20.12 -17.18 0.47
CA ALA A 202 19.11 -17.41 -0.54
C ALA A 202 19.52 -16.76 -1.86
N LEU A 203 20.02 -15.53 -1.79
CA LEU A 203 20.45 -14.85 -3.00
C LEU A 203 21.68 -15.50 -3.60
N GLY A 204 22.49 -16.17 -2.78
CA GLY A 204 23.58 -16.97 -3.33
C GLY A 204 23.05 -18.11 -4.17
N MET A 205 22.07 -18.86 -3.63
CA MET A 205 21.44 -19.92 -4.42
C MET A 205 20.85 -19.37 -5.71
N VAL A 206 20.21 -18.20 -5.63
CA VAL A 206 19.63 -17.57 -6.80
C VAL A 206 20.72 -17.26 -7.82
N THR A 207 21.70 -16.44 -7.45
CA THR A 207 22.66 -15.96 -8.44
C THR A 207 23.67 -17.01 -8.88
N ASN A 208 23.91 -18.07 -8.10
CA ASN A 208 24.82 -19.13 -8.49
C ASN A 208 24.12 -20.29 -9.18
N GLY A 209 22.84 -20.14 -9.52
CA GLY A 209 22.17 -21.06 -10.40
C GLY A 209 21.54 -22.29 -9.78
N VAL A 210 21.44 -22.37 -8.45
CA VAL A 210 20.80 -23.54 -7.82
C VAL A 210 19.40 -23.78 -8.37
N PHE A 211 18.62 -22.72 -8.54
CA PHE A 211 17.24 -22.87 -9.03
C PHE A 211 17.17 -23.11 -10.54
N ASP A 212 18.23 -22.75 -11.26
CA ASP A 212 18.33 -23.15 -12.65
C ASP A 212 18.69 -24.62 -12.78
N ARG A 213 19.59 -25.11 -11.94
CA ARG A 213 19.89 -26.54 -12.01
C ARG A 213 18.84 -27.39 -11.34
N HIS A 214 18.03 -26.83 -10.45
CA HIS A 214 17.02 -27.58 -9.71
C HIS A 214 15.71 -26.80 -9.72
N PRO A 215 15.09 -26.67 -10.90
CA PRO A 215 13.94 -25.74 -11.07
C PRO A 215 12.67 -26.12 -10.31
N LYS A 216 12.64 -27.32 -9.75
CA LYS A 216 11.46 -27.74 -8.95
C LYS A 216 11.74 -27.50 -7.47
N LEU A 217 12.93 -27.00 -7.14
CA LEU A 217 13.28 -26.76 -5.76
C LEU A 217 12.41 -25.67 -5.15
N GLN A 218 11.87 -25.95 -3.97
CA GLN A 218 11.06 -25.01 -3.22
C GLN A 218 11.81 -24.65 -1.94
N ILE A 219 12.25 -23.40 -1.84
CA ILE A 219 12.93 -22.86 -0.66
C ILE A 219 11.96 -21.91 0.04
N VAL A 220 11.84 -22.04 1.36
CA VAL A 220 10.93 -21.23 2.18
C VAL A 220 11.75 -20.30 3.07
N LEU A 221 11.39 -19.02 3.10
CA LEU A 221 12.06 -18.05 3.95
C LEU A 221 11.08 -17.51 5.00
N GLY A 222 11.54 -17.40 6.23
CA GLY A 222 10.72 -16.88 7.29
C GLY A 222 10.75 -15.38 7.29
N HIS A 223 10.05 -14.79 8.24
CA HIS A 223 10.16 -13.35 8.51
C HIS A 223 9.89 -12.53 7.26
N LEU A 224 8.86 -12.95 6.53
CA LEU A 224 8.38 -12.24 5.37
C LEU A 224 9.47 -12.02 4.34
N GLY A 225 10.44 -12.92 4.28
CA GLY A 225 11.43 -12.88 3.23
C GLY A 225 12.79 -12.31 3.57
N GLU A 226 13.12 -12.13 4.85
CA GLU A 226 14.46 -11.69 5.27
C GLU A 226 14.92 -10.46 4.48
N HIS A 227 14.09 -9.41 4.54
CA HIS A 227 14.27 -8.15 3.85
C HIS A 227 14.11 -8.18 2.33
N ILE A 228 14.22 -9.33 1.66
CA ILE A 228 14.37 -9.30 0.19
C ILE A 228 13.22 -8.60 -0.50
N PRO A 229 11.96 -8.80 -0.14
CA PRO A 229 10.90 -8.09 -0.89
C PRO A 229 11.03 -6.57 -0.83
N PHE A 230 11.63 -6.02 0.24
CA PHE A 230 11.76 -4.56 0.31
C PHE A 230 12.51 -4.03 -0.90
N ASP A 231 13.44 -4.82 -1.42
CA ASP A 231 14.31 -4.42 -2.51
C ASP A 231 14.02 -5.16 -3.79
N MET A 232 12.85 -5.76 -3.92
CA MET A 232 12.49 -6.47 -5.14
C MET A 232 12.72 -5.61 -6.37
N TRP A 233 12.23 -4.38 -6.34
CA TRP A 233 12.47 -3.47 -7.47
C TRP A 233 13.96 -3.24 -7.67
N ARG A 234 14.67 -2.96 -6.58
CA ARG A 234 16.09 -2.64 -6.69
C ARG A 234 16.91 -3.84 -7.15
N ILE A 235 16.67 -5.02 -6.58
CA ILE A 235 17.44 -6.18 -6.99
C ILE A 235 17.17 -6.50 -8.43
N ASN A 236 15.88 -6.53 -8.80
CA ASN A 236 15.52 -6.85 -10.16
C ASN A 236 16.20 -5.89 -11.13
N HIS A 237 16.12 -4.60 -10.82
CA HIS A 237 16.71 -3.62 -11.72
C HIS A 237 18.18 -3.86 -11.92
N TRP A 238 18.90 -4.20 -10.84
CA TRP A 238 20.34 -4.39 -10.92
C TRP A 238 20.71 -5.75 -11.51
N PHE A 239 19.91 -6.79 -11.27
CA PHE A 239 20.14 -8.05 -11.96
C PHE A 239 19.90 -7.88 -13.45
N GLU A 240 18.72 -7.36 -13.83
CA GLU A 240 18.29 -7.38 -15.23
C GLU A 240 18.99 -6.32 -16.07
N ASP A 241 19.27 -5.14 -15.53
CA ASP A 241 19.73 -4.07 -16.39
C ASP A 241 21.24 -3.85 -16.36
N ILE A 242 21.94 -4.36 -15.35
CA ILE A 242 23.38 -4.14 -15.19
C ILE A 242 24.11 -5.47 -15.03
N LYS A 243 23.73 -6.29 -14.05
CA LYS A 243 24.57 -7.44 -13.75
C LYS A 243 24.46 -8.51 -14.82
N LYS A 244 23.25 -8.82 -15.29
CA LYS A 244 23.15 -9.83 -16.35
C LYS A 244 23.87 -9.36 -17.59
N PRO A 245 23.69 -8.12 -18.05
CA PRO A 245 24.55 -7.64 -19.15
C PRO A 245 26.05 -7.75 -18.86
N LEU A 246 26.48 -7.79 -17.60
CA LEU A 246 27.92 -7.89 -17.36
C LEU A 246 28.40 -9.30 -16.99
N GLY A 247 27.54 -10.32 -17.01
CA GLY A 247 28.00 -11.68 -16.79
C GLY A 247 27.12 -12.55 -15.91
N LEU A 248 26.22 -11.95 -15.14
CA LEU A 248 25.32 -12.76 -14.34
C LEU A 248 24.55 -13.72 -15.24
N SER A 249 24.62 -14.98 -14.90
CA SER A 249 24.14 -15.99 -15.80
C SER A 249 22.88 -16.69 -15.31
N CYS A 250 22.47 -16.49 -14.06
CA CYS A 250 21.19 -17.06 -13.64
C CYS A 250 20.11 -16.65 -14.64
N LYS A 251 19.24 -17.64 -14.92
CA LYS A 251 18.36 -17.66 -16.09
C LYS A 251 17.06 -16.87 -15.91
N LEU A 252 16.59 -16.67 -14.69
CA LEU A 252 15.30 -16.03 -14.47
C LEU A 252 15.45 -14.68 -13.78
N THR A 253 14.36 -13.92 -13.78
CA THR A 253 14.40 -12.68 -13.03
C THR A 253 14.15 -12.98 -11.57
N ILE A 254 14.56 -12.05 -10.71
CA ILE A 254 14.30 -12.27 -9.29
C ILE A 254 12.82 -12.51 -9.07
N ARG A 255 11.96 -11.82 -9.83
CA ARG A 255 10.52 -11.98 -9.65
C ARG A 255 10.09 -13.39 -10.03
N GLU A 256 10.70 -13.96 -11.06
CA GLU A 256 10.31 -15.28 -11.45
C GLU A 256 10.71 -16.34 -10.43
N TYR A 257 11.90 -16.21 -9.82
CA TYR A 257 12.24 -17.14 -8.76
C TYR A 257 11.25 -17.07 -7.63
N PHE A 258 10.84 -15.87 -7.25
CA PHE A 258 9.80 -15.74 -6.22
C PHE A 258 8.49 -16.35 -6.66
N ALA A 259 8.22 -16.39 -7.96
CA ALA A 259 6.97 -17.02 -8.39
C ALA A 259 7.09 -18.54 -8.46
N ARG A 260 8.26 -19.09 -8.73
CA ARG A 260 8.29 -20.57 -8.91
C ARG A 260 9.20 -21.32 -7.92
N ASN A 261 10.11 -20.66 -7.21
CA ASN A 261 10.98 -21.40 -6.30
C ASN A 261 10.97 -20.96 -4.82
N LEU A 262 10.50 -19.77 -4.49
CA LEU A 262 10.64 -19.30 -3.12
C LEU A 262 9.28 -19.09 -2.44
N TRP A 263 9.27 -19.20 -1.11
CA TRP A 263 8.09 -18.99 -0.29
C TRP A 263 8.49 -18.12 0.87
N ILE A 264 7.59 -17.26 1.34
CA ILE A 264 7.85 -16.48 2.55
C ILE A 264 6.82 -16.81 3.62
N THR A 265 7.23 -16.77 4.87
CA THR A 265 6.26 -16.98 5.94
C THR A 265 6.17 -15.73 6.81
N THR A 266 5.12 -15.63 7.61
CA THR A 266 4.95 -14.50 8.51
C THR A 266 5.61 -14.70 9.86
N SER A 267 6.47 -15.69 10.01
CA SER A 267 7.15 -15.94 11.28
C SER A 267 7.77 -14.66 11.87
N GLY A 268 7.42 -14.38 13.13
CA GLY A 268 8.00 -13.30 13.89
C GLY A 268 7.90 -11.94 13.23
N HIS A 269 6.89 -11.75 12.35
CA HIS A 269 6.75 -10.50 11.61
C HIS A 269 5.26 -10.19 11.50
N PHE A 270 4.65 -9.78 12.60
CA PHE A 270 3.18 -9.70 12.59
C PHE A 270 2.71 -8.33 12.15
N SER A 271 3.21 -7.90 11.00
CA SER A 271 3.04 -6.51 10.59
C SER A 271 2.06 -6.47 9.42
N THR A 272 0.87 -5.95 9.69
CA THR A 272 -0.12 -5.87 8.62
C THR A 272 0.41 -5.07 7.44
N SER A 273 1.02 -3.91 7.71
CA SER A 273 1.48 -3.13 6.60
C SER A 273 2.57 -3.87 5.83
N THR A 274 3.52 -4.50 6.52
CA THR A 274 4.50 -5.23 5.71
C THR A 274 3.85 -6.37 4.93
N LEU A 275 2.91 -7.10 5.56
CA LEU A 275 2.23 -8.16 4.81
C LEU A 275 1.53 -7.61 3.57
N GLN A 276 0.81 -6.49 3.70
CA GLN A 276 0.13 -5.88 2.56
C GLN A 276 1.11 -5.49 1.46
N PHE A 277 2.26 -4.94 1.85
CA PHE A 277 3.27 -4.61 0.86
C PHE A 277 3.67 -5.87 0.07
N CYS A 278 3.75 -7.02 0.75
CA CYS A 278 4.12 -8.26 0.09
C CYS A 278 2.99 -8.85 -0.75
N LEU A 279 1.75 -8.51 -0.46
CA LEU A 279 0.69 -8.90 -1.36
C LEU A 279 1.02 -8.48 -2.79
N GLY A 280 1.65 -7.32 -2.95
CA GLY A 280 2.05 -6.83 -4.25
C GLY A 280 3.38 -7.38 -4.71
N GLU A 281 4.39 -7.35 -3.84
CA GLU A 281 5.73 -7.67 -4.29
C GLU A 281 5.95 -9.18 -4.45
N VAL A 282 5.24 -9.99 -3.66
CA VAL A 282 5.42 -11.43 -3.66
C VAL A 282 4.17 -12.16 -4.13
N GLY A 283 3.03 -11.82 -3.56
CA GLY A 283 1.73 -12.35 -3.93
C GLY A 283 1.20 -13.31 -2.88
N ALA A 284 -0.11 -13.26 -2.64
CA ALA A 284 -0.75 -14.10 -1.62
C ALA A 284 -0.53 -15.60 -1.85
N ASP A 285 -0.34 -16.03 -3.10
CA ASP A 285 -0.22 -17.45 -3.36
C ASP A 285 1.06 -18.02 -2.80
N ARG A 286 2.00 -17.17 -2.40
CA ARG A 286 3.27 -17.70 -1.93
C ARG A 286 3.66 -17.21 -0.54
N ILE A 287 2.70 -16.81 0.28
CA ILE A 287 2.93 -16.38 1.65
C ILE A 287 2.26 -17.39 2.58
N LEU A 288 2.99 -17.81 3.60
CA LEU A 288 2.52 -18.79 4.57
C LEU A 288 2.51 -18.16 5.95
N PHE A 289 1.44 -18.42 6.68
CA PHE A 289 1.45 -18.15 8.10
C PHE A 289 2.55 -18.97 8.77
N SER A 290 3.15 -18.39 9.81
CA SER A 290 4.05 -19.07 10.73
C SER A 290 4.18 -18.21 11.97
N ILE A 291 4.68 -18.81 13.04
CA ILE A 291 4.72 -18.09 14.33
C ILE A 291 6.14 -17.83 14.79
N ASP A 292 7.06 -18.83 14.70
CA ASP A 292 8.37 -18.82 15.38
C ASP A 292 8.24 -19.10 16.88
N TYR A 293 7.34 -20.01 17.21
CA TYR A 293 7.16 -20.44 18.62
C TYR A 293 8.37 -21.27 18.99
N PRO A 294 8.92 -21.18 20.21
CA PRO A 294 8.40 -20.30 21.23
C PRO A 294 9.09 -18.93 21.43
N PHE A 295 9.95 -18.51 20.51
CA PHE A 295 10.56 -17.16 20.58
C PHE A 295 9.42 -16.15 20.55
N GLU A 296 8.43 -16.44 19.72
CA GLU A 296 7.19 -15.68 19.73
C GLU A 296 6.13 -16.58 20.36
N ASN A 297 5.08 -15.97 20.90
CA ASN A 297 3.99 -16.74 21.49
C ASN A 297 2.81 -16.82 20.54
N PHE A 298 1.99 -17.86 20.72
CA PHE A 298 0.84 -18.05 19.83
C PHE A 298 -0.06 -16.83 19.85
N SER A 299 -0.29 -16.24 21.02
CA SER A 299 -1.34 -15.22 21.10
C SER A 299 -1.01 -13.98 20.28
N ASP A 300 0.25 -13.55 20.27
CA ASP A 300 0.62 -12.42 19.42
C ASP A 300 0.36 -12.73 17.96
N ALA A 301 0.82 -13.90 17.50
CA ALA A 301 0.74 -14.22 16.07
C ALA A 301 -0.69 -14.47 15.63
N CYS A 302 -1.45 -15.21 16.43
CA CYS A 302 -2.77 -15.67 16.04
C CYS A 302 -3.83 -14.64 16.30
N THR A 303 -3.65 -13.83 17.34
CA THR A 303 -4.48 -12.65 17.46
C THR A 303 -4.28 -11.72 16.27
N TRP A 304 -3.02 -11.44 15.93
CA TRP A 304 -2.75 -10.57 14.79
C TRP A 304 -3.38 -11.14 13.53
N TYR A 305 -3.13 -12.42 13.25
CA TYR A 305 -3.59 -12.99 11.98
C TYR A 305 -5.10 -13.08 11.93
N ASP A 306 -5.72 -13.61 12.99
CA ASP A 306 -7.16 -13.75 13.01
C ASP A 306 -7.84 -12.44 12.70
N GLY A 307 -7.23 -11.33 13.10
CA GLY A 307 -7.80 -10.03 12.92
C GLY A 307 -7.54 -9.36 11.58
N LEU A 308 -6.77 -9.96 10.67
CA LEU A 308 -6.42 -9.26 9.44
C LEU A 308 -7.68 -8.88 8.68
N ALA A 309 -7.82 -7.59 8.36
CA ALA A 309 -8.92 -7.09 7.54
C ALA A 309 -8.45 -7.07 6.09
N ILE A 310 -8.24 -8.27 5.57
CA ILE A 310 -7.87 -8.43 4.18
C ILE A 310 -8.90 -9.37 3.55
N ASN A 311 -8.86 -9.45 2.23
CA ASN A 311 -9.83 -10.27 1.52
C ASN A 311 -9.78 -11.72 2.02
N ASP A 312 -10.94 -12.38 1.98
CA ASP A 312 -11.02 -13.71 2.60
C ASP A 312 -10.29 -14.78 1.79
N VAL A 313 -10.25 -14.65 0.47
CA VAL A 313 -9.53 -15.63 -0.35
C VAL A 313 -8.07 -15.68 0.06
N ASP A 314 -7.43 -14.52 0.08
CA ASP A 314 -6.03 -14.52 0.46
C ASP A 314 -5.86 -14.90 1.93
N LYS A 315 -6.80 -14.52 2.77
CA LYS A 315 -6.69 -14.85 4.21
C LYS A 315 -6.64 -16.37 4.37
N ARG A 316 -7.48 -17.07 3.62
CA ARG A 316 -7.56 -18.54 3.63
C ARG A 316 -6.28 -19.13 3.08
N LYS A 317 -5.77 -18.58 2.00
CA LYS A 317 -4.56 -19.06 1.32
C LYS A 317 -3.34 -18.94 2.23
N ILE A 318 -3.10 -17.77 2.79
CA ILE A 318 -1.89 -17.53 3.61
C ILE A 318 -2.04 -18.22 4.97
N GLY A 319 -3.25 -18.41 5.43
CA GLY A 319 -3.41 -19.03 6.75
C GLY A 319 -3.34 -20.53 6.75
N LYS A 320 -3.69 -21.18 5.64
CA LYS A 320 -3.71 -22.67 5.66
C LYS A 320 -3.63 -23.32 4.28
N ASP A 321 -4.51 -22.93 3.38
CA ASP A 321 -4.62 -23.55 2.03
C ASP A 321 -3.28 -23.61 1.31
N ASN A 322 -2.48 -22.57 1.34
CA ASN A 322 -1.19 -22.66 0.61
C ASN A 322 -0.32 -23.74 1.26
N ALA A 323 -0.32 -23.81 2.58
CA ALA A 323 0.51 -24.82 3.26
C ALA A 323 -0.06 -26.19 3.02
N LYS A 324 -1.38 -26.34 3.03
CA LYS A 324 -1.96 -27.67 2.79
C LYS A 324 -1.55 -28.19 1.42
N LYS A 325 -1.51 -27.32 0.42
CA LYS A 325 -1.12 -27.76 -0.91
C LYS A 325 0.39 -27.97 -0.99
N LEU A 326 1.16 -27.02 -0.49
CA LEU A 326 2.61 -27.13 -0.60
C LEU A 326 3.12 -28.41 0.08
N PHE A 327 2.67 -28.67 1.30
CA PHE A 327 3.16 -29.81 2.07
C PHE A 327 2.19 -30.98 2.01
N LYS A 328 1.20 -30.91 1.13
CA LYS A 328 0.26 -31.99 0.92
C LYS A 328 -0.32 -32.46 2.26
N LEU A 329 -0.98 -31.57 2.92
CA LEU A 329 -1.53 -32.10 4.16
C LEU A 329 -2.97 -32.64 3.97
N PRO A 330 -3.38 -33.68 4.70
CA PRO A 330 -4.79 -34.08 4.63
C PRO A 330 -5.71 -32.92 5.01
N GLN A 331 -7.00 -33.09 4.74
CA GLN A 331 -7.97 -32.01 4.90
C GLN A 331 -8.64 -32.10 6.29
N PHE A 332 -7.85 -31.78 7.31
CA PHE A 332 -8.40 -31.57 8.65
C PHE A 332 -9.14 -30.23 8.74
N TYR A 333 -10.20 -30.22 9.55
CA TYR A 333 -10.85 -29.00 10.05
C TYR A 333 -10.90 -29.13 11.58
N GLN A 334 -11.04 -28.00 12.26
CA GLN A 334 -10.64 -27.97 13.66
C GLN A 334 -11.81 -27.64 14.57
N SER A 335 -11.63 -28.00 15.85
CA SER A 335 -12.55 -27.66 16.98
C SER A 335 -13.12 -26.23 16.94
N MET B 2 7.48 17.47 -12.05
CA MET B 2 7.73 18.54 -11.08
C MET B 2 9.12 19.17 -11.25
N LEU B 3 9.16 20.48 -11.17
CA LEU B 3 10.39 21.26 -11.33
C LEU B 3 10.98 21.54 -9.98
N GLY B 4 12.28 21.82 -9.96
CA GLY B 4 12.94 22.19 -8.72
C GLY B 4 13.33 21.03 -7.83
N LYS B 5 13.38 19.82 -8.35
CA LYS B 5 13.71 18.70 -7.48
C LYS B 5 15.13 18.85 -6.94
N VAL B 6 15.36 18.28 -5.76
CA VAL B 6 16.67 18.24 -5.11
C VAL B 6 17.08 16.78 -5.02
N ALA B 7 18.32 16.48 -5.41
CA ALA B 7 18.84 15.12 -5.28
C ALA B 7 20.16 15.20 -4.53
N LEU B 8 20.39 14.20 -3.67
CA LEU B 8 21.53 14.40 -2.78
C LEU B 8 22.29 13.12 -2.51
N GLU B 9 22.25 12.13 -3.39
CA GLU B 9 23.22 11.03 -3.35
C GLU B 9 23.86 10.95 -4.74
N GLU B 10 24.55 12.03 -5.10
CA GLU B 10 25.04 12.22 -6.45
C GLU B 10 26.56 12.26 -6.40
N ALA B 11 27.18 11.35 -7.15
CA ALA B 11 28.60 11.09 -6.99
C ALA B 11 29.40 11.81 -8.08
N PHE B 12 30.65 12.08 -7.74
CA PHE B 12 31.64 12.60 -8.68
C PHE B 12 32.96 11.93 -8.33
N ALA B 13 33.88 11.92 -9.29
CA ALA B 13 35.20 11.34 -9.06
C ALA B 13 36.31 12.36 -9.35
N LEU B 14 37.51 12.01 -8.92
CA LEU B 14 38.68 12.85 -9.22
C LEU B 14 39.12 12.48 -10.62
N PRO B 15 39.38 13.45 -11.51
CA PRO B 15 39.81 13.18 -12.88
C PRO B 15 41.17 12.47 -12.98
N ARG B 16 41.99 12.61 -11.95
CA ARG B 16 43.33 11.99 -11.93
C ARG B 16 43.20 10.49 -11.67
N HIS B 17 42.10 10.05 -11.08
CA HIS B 17 41.89 8.61 -10.78
C HIS B 17 41.33 7.88 -11.99
N LYS B 18 42.11 7.79 -13.07
CA LYS B 18 41.61 7.12 -14.29
C LYS B 18 41.40 5.62 -14.03
N GLU B 19 42.32 4.95 -13.37
CA GLU B 19 42.17 3.50 -13.12
C GLU B 19 40.95 3.22 -12.24
N ARG B 20 40.92 3.79 -11.03
CA ARG B 20 39.83 3.57 -10.05
C ARG B 20 38.48 3.84 -10.70
N THR B 21 38.34 4.95 -11.43
CA THR B 21 37.04 5.28 -12.07
C THR B 21 36.66 4.22 -13.10
N ARG B 22 37.57 3.84 -14.00
CA ARG B 22 37.24 2.84 -15.05
C ARG B 22 36.92 1.48 -14.43
N TRP B 23 37.62 1.13 -13.35
CA TRP B 23 37.43 -0.15 -12.63
C TRP B 23 36.03 -0.17 -12.03
N TRP B 24 35.73 0.75 -11.14
CA TRP B 24 34.39 0.83 -10.52
C TRP B 24 33.33 0.91 -11.62
N ALA B 25 33.51 1.77 -12.62
CA ALA B 25 32.54 1.91 -13.73
C ALA B 25 32.28 0.59 -14.47
N GLY B 26 33.29 -0.28 -14.62
CA GLY B 26 33.11 -1.58 -15.30
C GLY B 26 32.27 -2.58 -14.52
N LEU B 27 32.06 -2.36 -13.23
CA LEU B 27 31.23 -3.21 -12.36
C LEU B 27 29.82 -2.64 -12.19
N PHE B 28 29.60 -1.39 -12.57
CA PHE B 28 28.31 -0.80 -12.29
C PHE B 28 27.58 -0.31 -13.52
N ALA B 29 28.18 -0.40 -14.71
CA ALA B 29 27.53 0.12 -15.90
C ALA B 29 27.77 -0.81 -17.07
N ILE B 30 26.78 -0.89 -17.95
CA ILE B 30 26.90 -1.65 -19.17
C ILE B 30 27.73 -0.88 -20.19
N ASP B 31 27.99 0.41 -19.92
CA ASP B 31 28.69 1.33 -20.80
C ASP B 31 29.68 2.08 -19.92
N PRO B 32 30.75 1.42 -19.51
CA PRO B 32 31.66 2.03 -18.54
C PRO B 32 32.32 3.31 -19.08
N ASP B 33 32.43 3.46 -20.40
CA ASP B 33 32.99 4.68 -20.93
C ASP B 33 32.09 5.86 -20.62
N LYS B 34 30.78 5.68 -20.77
CA LYS B 34 29.87 6.78 -20.47
C LYS B 34 29.81 7.05 -18.97
N HIS B 35 29.96 6.01 -18.15
CA HIS B 35 29.88 6.22 -16.72
C HIS B 35 31.07 7.05 -16.24
N ALA B 36 32.27 6.74 -16.74
CA ALA B 36 33.44 7.46 -16.31
C ALA B 36 33.35 8.92 -16.72
N ALA B 37 32.82 9.20 -17.92
CA ALA B 37 32.67 10.60 -18.31
C ALA B 37 31.65 11.29 -17.40
N GLU B 38 30.56 10.60 -17.07
CA GLU B 38 29.54 11.26 -16.27
C GLU B 38 30.03 11.50 -14.85
N ILE B 39 30.75 10.53 -14.27
CA ILE B 39 31.19 10.66 -12.89
C ILE B 39 32.35 11.64 -12.73
N ASN B 40 33.04 11.98 -13.83
CA ASN B 40 34.08 13.01 -13.80
C ASN B 40 33.55 14.41 -14.04
N ASP B 41 32.50 14.54 -14.85
CA ASP B 41 31.91 15.84 -15.15
C ASP B 41 31.16 16.39 -13.95
N ILE B 42 31.33 17.69 -13.70
CA ILE B 42 30.66 18.39 -12.63
C ILE B 42 29.64 19.38 -13.15
N THR B 43 29.94 20.07 -14.27
CA THR B 43 29.21 21.27 -14.69
C THR B 43 28.60 21.26 -16.09
N GLU B 44 28.80 20.22 -16.91
CA GLU B 44 28.28 20.27 -18.26
C GLU B 44 27.18 19.23 -18.40
N GLN B 45 27.49 17.99 -18.79
CA GLN B 45 26.46 16.97 -18.87
C GLN B 45 25.58 17.00 -17.62
N ARG B 46 26.18 17.19 -16.45
CA ARG B 46 25.42 17.08 -15.20
C ARG B 46 24.31 18.11 -15.15
N ILE B 47 24.61 19.35 -15.51
CA ILE B 47 23.60 20.39 -15.44
C ILE B 47 22.62 20.27 -16.62
N LYS B 48 23.06 19.68 -17.74
CA LYS B 48 22.12 19.42 -18.83
C LYS B 48 21.02 18.45 -18.44
N TYR B 49 21.40 17.41 -17.73
CA TYR B 49 20.42 16.45 -17.26
C TYR B 49 19.46 17.09 -16.26
N MET B 50 20.01 17.93 -15.37
CA MET B 50 19.17 18.59 -14.39
C MET B 50 18.14 19.47 -15.05
N ASN B 51 18.57 20.23 -16.07
CA ASN B 51 17.63 21.10 -16.79
C ASN B 51 16.57 20.27 -17.51
N GLU B 52 16.97 19.14 -18.08
CA GLU B 52 16.01 18.37 -18.88
C GLU B 52 15.03 17.55 -18.06
N HIS B 53 15.32 17.30 -16.78
CA HIS B 53 14.50 16.40 -15.98
C HIS B 53 13.97 17.05 -14.71
N GLY B 54 13.87 18.37 -14.68
CA GLY B 54 13.19 19.04 -13.57
C GLY B 54 13.91 18.98 -12.25
N VAL B 55 15.23 19.05 -12.25
CA VAL B 55 16.03 18.96 -11.03
C VAL B 55 16.76 20.29 -10.83
N GLY B 56 16.34 21.03 -9.81
CA GLY B 56 16.94 22.33 -9.57
C GLY B 56 18.28 22.32 -8.86
N TYR B 57 18.57 21.30 -8.05
CA TYR B 57 19.72 21.37 -7.15
C TYR B 57 20.20 19.97 -6.77
N THR B 58 21.49 19.72 -6.90
CA THR B 58 22.02 18.45 -6.45
C THR B 58 23.22 18.73 -5.56
N ILE B 59 23.33 17.95 -4.49
CA ILE B 59 24.42 18.01 -3.54
C ILE B 59 25.40 16.91 -3.91
N LEU B 60 26.66 17.26 -4.14
CA LEU B 60 27.61 16.31 -4.71
C LEU B 60 28.40 15.60 -3.61
N SER B 61 28.85 14.40 -3.94
CA SER B 61 29.53 13.57 -2.97
C SER B 61 30.59 12.78 -3.70
N TYR B 62 31.65 12.46 -2.98
CA TYR B 62 32.73 11.71 -3.59
C TYR B 62 32.29 10.26 -3.81
N THR B 63 32.66 9.70 -4.95
CA THR B 63 32.26 8.34 -5.29
C THR B 63 32.76 7.37 -4.24
N ALA B 64 32.00 6.31 -4.01
CA ALA B 64 32.48 5.24 -3.15
C ALA B 64 33.44 4.36 -3.95
N PRO B 65 34.34 3.60 -3.27
CA PRO B 65 34.53 3.55 -1.82
C PRO B 65 35.17 4.81 -1.28
N GLY B 66 35.91 5.50 -2.16
CA GLY B 66 36.49 6.77 -1.79
C GLY B 66 37.46 6.66 -0.63
N VAL B 67 37.38 7.65 0.27
CA VAL B 67 38.28 7.68 1.40
C VAL B 67 38.05 6.51 2.34
N GLN B 68 36.86 5.93 2.38
CA GLN B 68 36.68 4.82 3.33
C GLN B 68 37.36 3.54 2.87
N ASP B 69 37.95 3.53 1.68
CA ASP B 69 38.74 2.41 1.18
C ASP B 69 40.23 2.51 1.49
N VAL B 70 40.67 3.63 2.08
CA VAL B 70 42.09 3.97 2.23
C VAL B 70 42.50 3.71 3.66
N TRP B 71 43.33 2.69 3.87
CA TRP B 71 43.64 2.25 5.22
C TRP B 71 44.83 2.98 5.84
N ASP B 72 45.57 3.74 5.05
CA ASP B 72 46.68 4.55 5.62
C ASP B 72 46.11 5.87 6.10
N PRO B 73 46.11 6.16 7.40
CA PRO B 73 45.53 7.37 7.93
C PRO B 73 45.98 8.66 7.25
N LYS B 74 47.27 8.79 6.98
CA LYS B 74 47.77 10.03 6.37
C LYS B 74 47.28 10.17 4.94
N GLU B 75 47.38 9.10 4.17
CA GLU B 75 46.96 9.02 2.75
C GLU B 75 45.45 9.29 2.63
N ALA B 76 44.66 8.85 3.59
CA ALA B 76 43.20 9.03 3.56
C ALA B 76 42.86 10.48 3.90
N GLN B 77 43.62 11.07 4.82
CA GLN B 77 43.35 12.47 5.19
C GLN B 77 43.75 13.33 4.02
N ALA B 78 44.85 12.98 3.37
CA ALA B 78 45.33 13.75 2.21
C ALA B 78 44.29 13.69 1.10
N LEU B 79 43.81 12.50 0.79
CA LEU B 79 42.78 12.31 -0.26
C LEU B 79 41.50 13.09 0.11
N ALA B 80 41.08 13.03 1.35
CA ALA B 80 39.82 13.70 1.74
C ALA B 80 39.96 15.20 1.56
N VAL B 81 41.06 15.78 2.02
CA VAL B 81 41.27 17.24 1.91
C VAL B 81 41.35 17.60 0.44
N GLU B 82 42.04 16.80 -0.36
CA GLU B 82 42.17 17.10 -1.80
C GLU B 82 40.79 17.05 -2.45
N VAL B 83 39.95 16.08 -2.09
CA VAL B 83 38.60 16.00 -2.68
C VAL B 83 37.80 17.25 -2.29
N ASN B 84 37.76 17.58 -1.01
CA ASN B 84 36.96 18.74 -0.58
C ASN B 84 37.44 20.01 -1.26
N ASP B 85 38.75 20.21 -1.37
CA ASP B 85 39.22 21.45 -2.02
C ASP B 85 38.83 21.41 -3.48
N TYR B 86 38.94 20.25 -4.11
CA TYR B 86 38.63 20.14 -5.54
C TYR B 86 37.16 20.46 -5.83
N ILE B 87 36.25 19.82 -5.11
CA ILE B 87 34.80 20.02 -5.39
C ILE B 87 34.38 21.44 -5.03
N ALA B 88 34.98 22.06 -4.04
CA ALA B 88 34.56 23.43 -3.70
C ALA B 88 34.85 24.36 -4.88
N ASP B 89 35.99 24.19 -5.53
CA ASP B 89 36.33 25.02 -6.69
C ASP B 89 35.45 24.64 -7.87
N ALA B 90 35.29 23.36 -8.12
CA ALA B 90 34.57 22.85 -9.30
C ALA B 90 33.10 23.29 -9.38
N ILE B 91 32.45 23.52 -8.26
CA ILE B 91 31.00 23.86 -8.27
C ILE B 91 30.80 25.35 -8.05
N LYS B 92 31.89 26.09 -7.86
CA LYS B 92 31.85 27.55 -7.56
C LYS B 92 31.07 28.35 -8.61
N ALA B 93 31.08 27.96 -9.88
CA ALA B 93 30.36 28.73 -10.90
C ALA B 93 28.86 28.48 -10.88
N HIS B 94 28.38 27.47 -10.18
CA HIS B 94 26.93 27.17 -10.15
C HIS B 94 26.43 26.97 -8.71
N PRO B 95 26.45 27.97 -7.82
CA PRO B 95 25.94 27.77 -6.49
C PRO B 95 24.41 27.75 -6.37
N ASP B 96 23.69 28.05 -7.45
CA ASP B 96 22.21 27.97 -7.51
C ASP B 96 21.80 26.56 -7.94
N ARG B 97 22.76 25.72 -8.33
CA ARG B 97 22.42 24.36 -8.83
C ARG B 97 23.28 23.28 -8.19
N LEU B 98 24.45 23.61 -7.67
CA LEU B 98 25.30 22.53 -7.11
C LEU B 98 25.82 22.86 -5.71
N GLY B 99 25.70 21.87 -4.85
CA GLY B 99 26.18 21.86 -3.46
C GLY B 99 27.06 20.66 -3.24
N ALA B 100 27.67 20.55 -2.09
CA ALA B 100 28.55 19.37 -1.90
C ALA B 100 28.53 18.92 -0.46
N PHE B 101 28.74 17.64 -0.27
CA PHE B 101 28.89 17.07 1.09
C PHE B 101 30.38 16.93 1.33
N ALA B 102 30.81 17.04 2.58
CA ALA B 102 32.25 16.89 2.84
C ALA B 102 32.65 15.44 2.65
N THR B 103 33.85 15.25 2.13
CA THR B 103 34.44 13.90 2.04
C THR B 103 35.39 13.85 3.23
N LEU B 104 35.36 12.78 4.01
CA LEU B 104 36.22 12.81 5.20
C LEU B 104 36.96 11.49 5.39
N SER B 105 38.13 11.58 6.03
CA SER B 105 38.85 10.36 6.43
C SER B 105 38.27 10.03 7.80
N MET B 106 37.91 8.78 8.04
CA MET B 106 37.28 8.53 9.34
C MET B 106 38.18 7.69 10.23
N HIS B 107 39.48 7.93 10.18
CA HIS B 107 40.45 7.18 11.00
C HIS B 107 40.50 7.77 12.40
N ASP B 108 40.26 9.07 12.52
CA ASP B 108 40.33 9.73 13.84
C ASP B 108 39.15 10.68 14.00
N PRO B 109 38.34 10.56 15.06
CA PRO B 109 37.23 11.45 15.27
C PRO B 109 37.56 12.94 15.28
N LYS B 110 38.66 13.33 15.92
CA LYS B 110 38.94 14.78 15.98
C LYS B 110 39.55 15.24 14.67
N GLU B 111 40.32 14.40 13.99
CA GLU B 111 40.87 14.82 12.69
C GLU B 111 39.70 15.06 11.72
N ALA B 112 38.75 14.13 11.72
CA ALA B 112 37.57 14.22 10.86
C ALA B 112 36.74 15.43 11.25
N ALA B 113 36.58 15.66 12.55
CA ALA B 113 35.77 16.77 13.06
C ALA B 113 36.31 18.10 12.55
N GLU B 114 37.62 18.27 12.54
CA GLU B 114 38.24 19.53 12.08
C GLU B 114 38.06 19.66 10.58
N GLU B 115 38.13 18.57 9.82
CA GLU B 115 37.97 18.69 8.36
C GLU B 115 36.50 18.99 8.04
N LEU B 116 35.57 18.44 8.79
CA LEU B 116 34.16 18.76 8.52
C LEU B 116 33.93 20.23 8.89
N ARG B 117 34.49 20.65 10.01
CA ARG B 117 34.28 22.05 10.42
C ARG B 117 34.99 22.95 9.41
N ARG B 118 36.16 22.58 8.95
CA ARG B 118 36.85 23.49 8.00
C ARG B 118 36.05 23.68 6.72
N VAL B 119 35.51 22.62 6.14
CA VAL B 119 34.84 22.73 4.82
C VAL B 119 33.40 23.20 4.95
N VAL B 120 32.75 22.92 6.06
CA VAL B 120 31.37 23.42 6.16
C VAL B 120 31.45 24.92 6.34
N THR B 121 32.40 25.38 7.14
CA THR B 121 32.56 26.81 7.48
C THR B 121 33.10 27.64 6.32
N LYS B 122 34.08 27.14 5.60
CA LYS B 122 34.71 27.99 4.56
C LYS B 122 34.09 27.76 3.19
N TYR B 123 33.50 26.60 2.93
CA TYR B 123 33.01 26.33 1.57
C TYR B 123 31.49 26.26 1.52
N GLY B 124 30.81 26.23 2.64
CA GLY B 124 29.34 26.15 2.58
C GLY B 124 28.87 24.74 2.30
N PHE B 125 29.62 23.73 2.73
CA PHE B 125 29.21 22.32 2.56
C PHE B 125 27.91 22.04 3.31
N LYS B 126 27.10 21.15 2.78
CA LYS B 126 25.76 20.85 3.34
C LYS B 126 25.81 19.79 4.42
N GLY B 127 26.92 19.09 4.54
CA GLY B 127 27.03 18.05 5.56
C GLY B 127 28.09 17.07 5.16
N ALA B 128 28.02 15.86 5.67
CA ALA B 128 29.05 14.89 5.28
C ALA B 128 28.40 13.65 4.70
N LEU B 129 29.06 13.07 3.71
CA LEU B 129 28.65 11.77 3.16
C LEU B 129 29.85 10.86 3.37
N VAL B 130 29.66 9.76 4.07
CA VAL B 130 30.77 8.82 4.32
C VAL B 130 30.35 7.44 3.82
N ASN B 131 31.27 6.74 3.17
CA ASN B 131 30.96 5.41 2.59
C ASN B 131 31.16 4.31 3.63
N ASP B 132 30.28 4.25 4.61
CA ASP B 132 30.21 3.21 5.66
C ASP B 132 31.44 3.18 6.56
N THR B 133 31.99 2.02 6.82
CA THR B 133 33.13 1.92 7.78
C THR B 133 34.43 2.34 7.13
N GLN B 134 35.31 2.89 7.93
CA GLN B 134 36.63 3.33 7.44
C GLN B 134 37.53 2.10 7.43
N ARG B 135 38.03 1.73 6.25
CA ARG B 135 38.98 0.61 6.16
C ARG B 135 40.22 1.01 6.96
N ALA B 136 40.66 0.18 7.89
CA ALA B 136 41.80 0.55 8.74
C ALA B 136 42.76 -0.64 8.86
N GLY B 137 43.87 -0.43 9.57
CA GLY B 137 44.88 -1.47 9.78
C GLY B 137 46.00 -1.36 8.79
N ALA B 138 47.16 -1.92 9.08
CA ALA B 138 48.29 -1.83 8.12
C ALA B 138 47.98 -2.60 6.84
N ASP B 139 47.24 -3.71 6.93
CA ASP B 139 46.94 -4.53 5.73
C ASP B 139 45.50 -4.29 5.28
N GLY B 140 44.86 -3.25 5.79
CA GLY B 140 43.49 -2.87 5.37
C GLY B 140 42.43 -3.91 5.63
N ASP B 141 42.55 -4.71 6.69
CA ASP B 141 41.54 -5.74 7.00
C ASP B 141 40.63 -5.27 8.12
N ASP B 142 40.94 -4.14 8.75
CA ASP B 142 40.09 -3.68 9.86
C ASP B 142 39.04 -2.71 9.35
N MET B 143 37.98 -2.54 10.13
CA MET B 143 36.92 -1.59 9.76
C MET B 143 36.58 -0.73 10.96
N ILE B 144 36.36 0.55 10.74
CA ILE B 144 36.03 1.47 11.86
C ILE B 144 34.56 1.86 11.81
N PHE B 145 33.81 1.53 12.85
CA PHE B 145 32.44 1.99 13.01
C PHE B 145 32.44 3.26 13.85
N TYR B 146 31.37 4.07 13.71
CA TYR B 146 31.32 5.38 14.35
C TYR B 146 30.28 5.42 15.47
N ASP B 147 29.94 4.28 16.04
CA ASP B 147 28.88 4.29 17.04
C ASP B 147 29.40 4.26 18.47
N GLY B 148 30.70 4.08 18.68
CA GLY B 148 31.23 4.10 20.02
C GLY B 148 31.33 5.52 20.56
N PRO B 149 31.43 5.63 21.89
CA PRO B 149 31.51 6.96 22.50
C PRO B 149 32.72 7.74 22.05
N GLU B 150 33.77 7.07 21.56
CA GLU B 150 34.96 7.82 21.16
C GLU B 150 34.69 8.72 19.97
N TRP B 151 33.57 8.53 19.29
CA TRP B 151 33.20 9.41 18.18
C TRP B 151 32.35 10.58 18.65
N ASP B 152 32.04 10.66 19.94
CA ASP B 152 31.22 11.77 20.44
C ASP B 152 31.75 13.13 20.01
N VAL B 153 33.08 13.30 20.02
CA VAL B 153 33.66 14.58 19.70
C VAL B 153 33.36 14.91 18.25
N PHE B 154 33.23 13.88 17.42
CA PHE B 154 32.87 14.14 16.03
C PHE B 154 31.38 14.44 15.90
N TRP B 155 30.54 13.62 16.54
CA TRP B 155 29.10 13.80 16.41
C TRP B 155 28.66 15.13 17.04
N SER B 156 29.38 15.61 18.07
CA SER B 156 29.06 16.91 18.60
C SER B 156 29.48 18.02 17.63
N THR B 157 30.57 17.83 16.89
CA THR B 157 30.87 18.80 15.84
C THR B 157 29.74 18.83 14.80
N VAL B 158 29.28 17.64 14.39
CA VAL B 158 28.19 17.58 13.41
C VAL B 158 26.95 18.31 13.94
N THR B 159 26.59 18.07 15.21
CA THR B 159 25.38 18.74 15.67
C THR B 159 25.58 20.24 15.86
N ASP B 160 26.80 20.66 16.27
CA ASP B 160 27.07 22.08 16.43
C ASP B 160 26.99 22.77 15.10
N LEU B 161 27.60 22.19 14.07
CA LEU B 161 27.40 22.75 12.73
C LEU B 161 25.96 22.64 12.28
N ASP B 162 25.19 21.69 12.83
CA ASP B 162 23.80 21.40 12.49
C ASP B 162 23.63 21.08 11.00
N VAL B 163 24.47 20.15 10.52
CA VAL B 163 24.35 19.62 9.16
C VAL B 163 24.14 18.12 9.27
N PRO B 164 23.46 17.48 8.31
CA PRO B 164 23.26 16.03 8.37
C PRO B 164 24.51 15.26 7.92
N PHE B 165 24.48 13.96 8.20
CA PHE B 165 25.54 13.03 7.83
C PHE B 165 24.93 11.90 7.03
N TYR B 166 25.42 11.71 5.81
CA TYR B 166 24.87 10.74 4.87
C TYR B 166 25.73 9.48 4.95
N LEU B 167 25.14 8.37 5.40
CA LEU B 167 25.84 7.10 5.56
C LEU B 167 25.56 6.25 4.31
N HIS B 168 26.48 6.27 3.33
CA HIS B 168 26.51 5.65 2.01
C HIS B 168 27.13 4.26 2.08
N PRO B 169 26.70 3.31 1.26
CA PRO B 169 27.31 1.97 1.32
C PRO B 169 28.75 2.00 0.82
N ARG B 170 29.45 0.90 1.13
CA ARG B 170 30.81 0.61 0.68
C ARG B 170 30.87 -0.87 0.31
N ASN B 171 31.71 -1.22 -0.67
CA ASN B 171 31.92 -2.62 -1.03
C ASN B 171 32.53 -3.37 0.15
N PRO B 172 32.23 -4.65 0.31
CA PRO B 172 32.83 -5.38 1.44
C PRO B 172 34.30 -5.68 1.18
N THR B 173 35.11 -5.54 2.21
CA THR B 173 36.53 -5.76 2.01
C THR B 173 37.07 -6.72 3.06
N GLY B 174 38.28 -7.19 2.78
CA GLY B 174 39.00 -8.09 3.66
C GLY B 174 38.33 -9.42 3.85
N SER B 175 38.48 -9.97 5.05
CA SER B 175 38.02 -11.31 5.34
C SER B 175 36.51 -11.42 5.15
N ILE B 176 35.74 -10.47 5.67
CA ILE B 176 34.30 -10.52 5.46
C ILE B 176 34.00 -10.72 3.99
N HIS B 177 34.66 -9.94 3.16
CA HIS B 177 34.46 -10.05 1.72
C HIS B 177 34.88 -11.44 1.25
N GLU B 178 36.02 -11.93 1.75
CA GLU B 178 36.50 -13.24 1.32
C GLU B 178 35.57 -14.36 1.78
N LYS B 179 35.02 -14.25 3.01
CA LYS B 179 34.26 -15.36 3.55
C LYS B 179 32.80 -15.44 3.05
N LEU B 180 32.13 -14.30 2.92
CA LEU B 180 30.72 -14.19 2.56
C LEU B 180 30.42 -13.87 1.11
N TRP B 181 31.21 -12.99 0.47
CA TRP B 181 30.82 -12.40 -0.80
C TRP B 181 31.57 -12.91 -2.02
N ALA B 182 32.84 -13.26 -1.87
CA ALA B 182 33.64 -13.62 -3.04
C ALA B 182 32.98 -14.77 -3.81
N LYS B 183 32.35 -15.71 -3.13
CA LYS B 183 31.79 -16.84 -3.85
C LYS B 183 30.35 -16.64 -4.30
N ARG B 184 29.71 -15.54 -3.92
CA ARG B 184 28.47 -15.12 -4.57
C ARG B 184 28.58 -13.63 -4.90
N SER B 185 29.53 -13.30 -5.76
CA SER B 185 29.94 -11.90 -5.85
C SER B 185 29.06 -11.08 -6.77
N TRP B 186 28.01 -11.68 -7.32
CA TRP B 186 27.05 -10.82 -8.02
C TRP B 186 26.09 -10.16 -7.04
N LEU B 187 26.24 -10.43 -5.75
CA LEU B 187 25.38 -9.78 -4.73
C LEU B 187 26.10 -8.56 -4.17
N ILE B 188 27.33 -8.31 -4.63
CA ILE B 188 28.07 -7.15 -4.09
C ILE B 188 27.49 -5.88 -4.70
N GLY B 189 27.26 -4.87 -3.87
CA GLY B 189 26.73 -3.59 -4.33
C GLY B 189 25.24 -3.51 -4.15
N PRO B 190 24.50 -2.89 -5.07
CA PRO B 190 23.07 -2.71 -4.92
C PRO B 190 22.21 -3.93 -4.56
N PRO B 191 22.42 -5.13 -5.14
CA PRO B 191 21.58 -6.25 -4.82
C PRO B 191 21.45 -6.58 -3.33
N LEU B 192 22.52 -6.50 -2.55
CA LEU B 192 22.39 -6.89 -1.13
C LEU B 192 23.49 -6.32 -0.23
N SER B 193 24.74 -6.50 -0.60
CA SER B 193 25.87 -6.09 0.28
C SER B 193 25.82 -4.62 0.70
N PHE B 194 25.44 -3.72 -0.19
CA PHE B 194 25.41 -2.28 0.13
C PHE B 194 24.47 -1.97 1.29
N ALA B 195 23.29 -2.58 1.33
CA ALA B 195 22.32 -2.26 2.40
C ALA B 195 22.65 -3.05 3.66
N GLN B 196 23.33 -4.18 3.53
CA GLN B 196 23.68 -4.98 4.72
C GLN B 196 24.67 -4.19 5.57
N GLY B 197 25.61 -3.49 4.95
CA GLY B 197 26.58 -2.78 5.75
C GLY B 197 26.03 -1.50 6.34
N VAL B 198 25.19 -0.79 5.58
CA VAL B 198 24.66 0.47 6.09
C VAL B 198 23.69 0.20 7.21
N SER B 199 22.83 -0.79 7.04
CA SER B 199 21.84 -1.11 8.05
C SER B 199 22.52 -1.57 9.34
N LEU B 200 23.51 -2.45 9.22
CA LEU B 200 24.26 -2.87 10.40
C LEU B 200 24.81 -1.65 11.12
N HIS B 201 25.44 -0.76 10.36
CA HIS B 201 26.10 0.37 10.96
C HIS B 201 25.09 1.35 11.54
N ALA B 202 24.03 1.63 10.78
CA ALA B 202 23.04 2.60 11.24
C ALA B 202 22.32 2.09 12.47
N LEU B 203 21.91 0.82 12.46
CA LEU B 203 21.28 0.25 13.64
C LEU B 203 22.29 0.19 14.77
N GLY B 204 23.58 0.16 14.43
CA GLY B 204 24.61 0.29 15.45
C GLY B 204 24.56 1.65 16.12
N MET B 205 24.43 2.70 15.31
CA MET B 205 24.29 4.04 15.88
C MET B 205 23.10 4.10 16.84
N VAL B 206 21.99 3.45 16.49
CA VAL B 206 20.83 3.39 17.37
C VAL B 206 21.16 2.64 18.65
N THR B 207 21.53 1.36 18.52
CA THR B 207 21.66 0.51 19.70
C THR B 207 22.83 0.89 20.60
N ASN B 208 23.85 1.56 20.07
CA ASN B 208 24.99 2.01 20.86
C ASN B 208 24.86 3.47 21.25
N GLY B 209 23.68 4.08 21.07
CA GLY B 209 23.40 5.36 21.70
C GLY B 209 23.89 6.61 21.00
N VAL B 210 24.37 6.52 19.75
CA VAL B 210 24.83 7.74 19.08
C VAL B 210 23.73 8.80 19.07
N PHE B 211 22.47 8.40 18.83
CA PHE B 211 21.35 9.35 18.81
C PHE B 211 20.85 9.73 20.20
N ASP B 212 21.28 9.00 21.21
CA ASP B 212 20.92 9.36 22.60
C ASP B 212 21.91 10.42 23.05
N ARG B 213 23.17 10.24 22.70
CA ARG B 213 24.23 11.21 23.09
C ARG B 213 24.16 12.43 22.20
N HIS B 214 23.75 12.27 20.95
CA HIS B 214 23.64 13.39 19.98
C HIS B 214 22.22 13.43 19.44
N PRO B 215 21.23 13.90 20.21
CA PRO B 215 19.84 13.88 19.80
C PRO B 215 19.42 14.81 18.67
N LYS B 216 20.28 15.75 18.30
CA LYS B 216 19.98 16.69 17.21
C LYS B 216 20.57 16.18 15.91
N LEU B 217 21.32 15.08 15.97
CA LEU B 217 22.03 14.52 14.80
C LEU B 217 21.05 13.97 13.78
N GLN B 218 21.30 14.28 12.52
CA GLN B 218 20.48 13.80 11.39
C GLN B 218 21.33 12.92 10.51
N ILE B 219 20.98 11.65 10.44
CA ILE B 219 21.66 10.70 9.57
C ILE B 219 20.74 10.36 8.41
N VAL B 220 21.29 10.34 7.19
CA VAL B 220 20.50 10.09 5.97
C VAL B 220 20.92 8.74 5.40
N LEU B 221 19.94 7.90 5.09
CA LEU B 221 20.21 6.62 4.47
C LEU B 221 19.59 6.62 3.10
N GLY B 222 20.32 6.12 2.11
CA GLY B 222 19.81 6.04 0.77
C GLY B 222 19.01 4.76 0.59
N HIS B 223 18.53 4.57 -0.65
CA HIS B 223 17.92 3.30 -1.03
C HIS B 223 16.77 2.92 -0.07
N LEU B 224 15.95 3.95 0.21
CA LEU B 224 14.73 3.88 1.03
C LEU B 224 14.99 3.26 2.40
N GLY B 225 16.19 3.41 2.93
CA GLY B 225 16.46 2.92 4.26
C GLY B 225 17.22 1.60 4.37
N GLU B 226 17.83 1.11 3.29
CA GLU B 226 18.72 -0.05 3.36
C GLU B 226 18.10 -1.20 4.16
N HIS B 227 16.95 -1.68 3.68
CA HIS B 227 16.10 -2.74 4.22
C HIS B 227 15.38 -2.39 5.52
N ILE B 228 15.84 -1.42 6.29
CA ILE B 228 15.32 -1.26 7.66
C ILE B 228 13.82 -1.06 7.74
N PRO B 229 13.17 -0.23 6.90
CA PRO B 229 11.73 -0.04 7.06
C PRO B 229 10.94 -1.33 6.88
N PHE B 230 11.41 -2.25 6.03
CA PHE B 230 10.70 -3.51 5.88
C PHE B 230 10.54 -4.19 7.24
N ASP B 231 11.49 -3.96 8.16
CA ASP B 231 11.47 -4.61 9.47
C ASP B 231 11.10 -3.65 10.59
N MET B 232 10.54 -2.49 10.26
CA MET B 232 10.17 -1.59 11.33
C MET B 232 9.41 -2.34 12.40
N TRP B 233 8.36 -3.08 12.01
CA TRP B 233 7.54 -3.81 12.97
C TRP B 233 8.38 -4.84 13.72
N ARG B 234 9.14 -5.65 12.98
CA ARG B 234 9.96 -6.70 13.56
C ARG B 234 11.05 -6.12 14.45
N ILE B 235 11.73 -5.07 13.97
CA ILE B 235 12.75 -4.49 14.83
C ILE B 235 12.08 -3.91 16.06
N ASN B 236 10.97 -3.19 15.87
CA ASN B 236 10.33 -2.60 17.03
C ASN B 236 9.95 -3.64 18.08
N HIS B 237 9.31 -4.72 17.64
CA HIS B 237 8.86 -5.73 18.60
C HIS B 237 10.03 -6.33 19.39
N TRP B 238 11.17 -6.60 18.75
CA TRP B 238 12.26 -7.25 19.48
C TRP B 238 13.01 -6.29 20.40
N PHE B 239 13.17 -5.04 19.99
CA PHE B 239 13.75 -4.06 20.90
C PHE B 239 12.84 -3.88 22.11
N GLU B 240 11.56 -3.56 21.90
CA GLU B 240 10.74 -3.13 23.03
C GLU B 240 10.41 -4.29 23.96
N ASP B 241 10.17 -5.48 23.41
CA ASP B 241 9.64 -6.58 24.22
C ASP B 241 10.68 -7.56 24.71
N ILE B 242 11.85 -7.60 24.08
CA ILE B 242 12.81 -8.64 24.42
C ILE B 242 14.15 -8.01 24.78
N LYS B 243 14.76 -7.27 23.84
CA LYS B 243 16.13 -6.84 24.08
C LYS B 243 16.19 -5.76 25.14
N LYS B 244 15.25 -4.82 25.15
CA LYS B 244 15.26 -3.82 26.22
C LYS B 244 15.13 -4.46 27.60
N PRO B 245 14.16 -5.34 27.86
CA PRO B 245 14.14 -6.03 29.16
C PRO B 245 15.41 -6.79 29.46
N LEU B 246 16.19 -7.16 28.44
CA LEU B 246 17.39 -7.93 28.62
C LEU B 246 18.65 -7.09 28.53
N GLY B 247 18.50 -5.77 28.41
CA GLY B 247 19.63 -4.87 28.61
C GLY B 247 19.83 -3.76 27.60
N LEU B 248 19.29 -3.87 26.38
CA LEU B 248 19.45 -2.80 25.40
C LEU B 248 18.93 -1.49 25.97
N SER B 249 19.76 -0.46 25.95
CA SER B 249 19.42 0.70 26.72
C SER B 249 19.12 1.93 25.89
N CYS B 250 19.16 1.89 24.54
CA CYS B 250 18.69 3.10 23.81
C CYS B 250 17.27 3.51 24.28
N LYS B 251 17.10 4.81 24.45
CA LYS B 251 16.04 5.36 25.24
C LYS B 251 14.74 5.56 24.46
N LEU B 252 14.80 5.56 23.13
CA LEU B 252 13.60 5.72 22.32
C LEU B 252 13.32 4.42 21.60
N THR B 253 12.17 4.37 20.94
CA THR B 253 11.84 3.29 20.04
C THR B 253 12.49 3.55 18.68
N ILE B 254 12.60 2.48 17.87
CA ILE B 254 13.13 2.61 16.52
C ILE B 254 12.28 3.60 15.73
N ARG B 255 10.98 3.64 16.00
CA ARG B 255 10.16 4.58 15.25
C ARG B 255 10.51 6.01 15.60
N GLU B 256 10.82 6.27 16.87
CA GLU B 256 11.15 7.63 17.29
C GLU B 256 12.47 8.07 16.68
N TYR B 257 13.44 7.16 16.60
CA TYR B 257 14.69 7.51 15.92
C TYR B 257 14.41 7.84 14.45
N PHE B 258 13.55 7.05 13.80
CA PHE B 258 13.18 7.38 12.43
C PHE B 258 12.40 8.70 12.37
N ALA B 259 11.69 9.06 13.44
CA ALA B 259 10.98 10.34 13.41
C ALA B 259 11.91 11.52 13.71
N ARG B 260 12.91 11.34 14.55
CA ARG B 260 13.74 12.45 15.01
C ARG B 260 15.13 12.51 14.41
N ASN B 261 15.71 11.38 14.01
CA ASN B 261 17.10 11.38 13.64
C ASN B 261 17.39 10.86 12.25
N LEU B 262 16.47 10.12 11.65
CA LEU B 262 16.80 9.40 10.43
C LEU B 262 16.03 9.94 9.23
N TRP B 263 16.64 9.76 8.07
CA TRP B 263 16.06 10.12 6.80
C TRP B 263 16.38 8.98 5.84
N ILE B 264 15.47 8.73 4.90
CA ILE B 264 15.72 7.78 3.82
C ILE B 264 15.53 8.52 2.51
N THR B 265 16.30 8.14 1.51
CA THR B 265 16.14 8.74 0.19
C THR B 265 15.67 7.70 -0.80
N THR B 266 15.21 8.17 -1.97
CA THR B 266 14.79 7.27 -3.02
C THR B 266 15.93 6.89 -3.96
N SER B 267 17.17 7.19 -3.61
CA SER B 267 18.30 6.84 -4.45
C SER B 267 18.24 5.39 -4.89
N GLY B 268 18.36 5.18 -6.19
CA GLY B 268 18.44 3.84 -6.75
C GLY B 268 17.31 2.91 -6.36
N HIS B 269 16.14 3.44 -5.99
CA HIS B 269 15.04 2.61 -5.53
C HIS B 269 13.75 3.24 -6.05
N PHE B 270 13.54 3.15 -7.35
CA PHE B 270 12.44 3.90 -7.98
C PHE B 270 11.17 3.06 -7.98
N SER B 271 10.80 2.61 -6.81
CA SER B 271 9.77 1.60 -6.66
C SER B 271 8.55 2.29 -6.06
N THR B 272 7.50 2.42 -6.85
CA THR B 272 6.28 3.01 -6.35
C THR B 272 5.78 2.24 -5.14
N SER B 273 5.77 0.91 -5.22
CA SER B 273 5.20 0.12 -4.13
C SER B 273 6.00 0.28 -2.84
N THR B 274 7.34 0.19 -2.93
CA THR B 274 8.15 0.31 -1.72
C THR B 274 8.05 1.73 -1.15
N LEU B 275 7.99 2.74 -2.03
CA LEU B 275 7.76 4.09 -1.55
C LEU B 275 6.42 4.20 -0.83
N GLN B 276 5.37 3.59 -1.39
CA GLN B 276 4.07 3.65 -0.74
C GLN B 276 4.14 3.03 0.64
N PHE B 277 4.84 1.90 0.75
CA PHE B 277 5.04 1.26 2.05
C PHE B 277 5.75 2.18 3.03
N CYS B 278 6.71 2.97 2.54
CA CYS B 278 7.50 3.81 3.42
C CYS B 278 6.74 5.03 3.85
N LEU B 279 5.80 5.49 3.04
CA LEU B 279 4.92 6.57 3.45
C LEU B 279 4.25 6.26 4.77
N GLY B 280 3.90 4.99 4.99
CA GLY B 280 3.31 4.53 6.22
C GLY B 280 4.34 4.26 7.31
N GLU B 281 5.39 3.51 6.98
CA GLU B 281 6.32 3.09 8.03
C GLU B 281 7.28 4.23 8.42
N VAL B 282 7.54 5.19 7.53
CA VAL B 282 8.53 6.24 7.74
C VAL B 282 7.89 7.62 7.81
N GLY B 283 7.10 7.96 6.81
CA GLY B 283 6.36 9.22 6.73
C GLY B 283 7.00 10.17 5.75
N ALA B 284 6.19 10.85 4.95
CA ALA B 284 6.73 11.67 3.88
C ALA B 284 7.65 12.76 4.43
N ASP B 285 7.45 13.14 5.69
CA ASP B 285 8.24 14.22 6.25
C ASP B 285 9.70 13.84 6.40
N ARG B 286 10.04 12.57 6.26
CA ARG B 286 11.39 12.09 6.44
C ARG B 286 11.91 11.35 5.21
N ILE B 287 11.32 11.61 4.04
CA ILE B 287 11.71 10.96 2.80
C ILE B 287 12.17 12.02 1.80
N LEU B 288 13.34 11.80 1.20
CA LEU B 288 13.95 12.75 0.27
C LEU B 288 14.15 12.05 -1.06
N PHE B 289 13.78 12.74 -2.14
CA PHE B 289 14.14 12.31 -3.47
C PHE B 289 15.66 12.22 -3.61
N SER B 290 16.10 11.25 -4.40
CA SER B 290 17.50 11.17 -4.80
C SER B 290 17.55 10.21 -5.97
N ILE B 291 18.67 10.25 -6.69
CA ILE B 291 18.84 9.52 -7.93
C ILE B 291 19.92 8.44 -7.83
N ASP B 292 21.04 8.75 -7.20
CA ASP B 292 22.26 7.94 -7.26
C ASP B 292 22.94 8.09 -8.63
N TYR B 293 22.94 9.30 -9.15
CA TYR B 293 23.66 9.58 -10.38
C TYR B 293 25.16 9.48 -10.15
N PRO B 294 25.93 8.93 -11.10
CA PRO B 294 25.50 8.37 -12.40
C PRO B 294 25.24 6.85 -12.45
N PHE B 295 25.32 6.17 -11.30
CA PHE B 295 25.03 4.75 -11.29
C PHE B 295 23.62 4.48 -11.80
N GLU B 296 22.71 5.37 -11.49
CA GLU B 296 21.40 5.45 -12.08
C GLU B 296 21.41 6.63 -13.03
N ASN B 297 20.51 6.65 -14.00
CA ASN B 297 20.49 7.81 -14.87
C ASN B 297 19.33 8.71 -14.50
N PHE B 298 19.48 10.00 -14.83
CA PHE B 298 18.46 10.99 -14.45
C PHE B 298 17.09 10.61 -14.97
N SER B 299 17.05 10.04 -16.16
CA SER B 299 15.75 9.89 -16.81
C SER B 299 14.92 8.82 -16.10
N ASP B 300 15.55 7.72 -15.71
CA ASP B 300 14.86 6.71 -14.90
C ASP B 300 14.34 7.31 -13.59
N ALA B 301 15.17 8.07 -12.90
CA ALA B 301 14.80 8.59 -11.59
C ALA B 301 13.66 9.60 -11.69
N CYS B 302 13.70 10.48 -12.69
CA CYS B 302 12.74 11.59 -12.74
C CYS B 302 11.50 11.29 -13.58
N THR B 303 11.58 10.41 -14.58
CA THR B 303 10.34 9.93 -15.17
C THR B 303 9.50 9.25 -14.10
N TRP B 304 10.14 8.38 -13.30
CA TRP B 304 9.44 7.70 -12.22
C TRP B 304 8.87 8.70 -11.22
N TYR B 305 9.70 9.62 -10.73
CA TYR B 305 9.23 10.52 -9.68
C TYR B 305 8.19 11.48 -10.23
N ASP B 306 8.52 12.17 -11.32
CA ASP B 306 7.58 13.11 -11.91
C ASP B 306 6.24 12.46 -12.19
N GLY B 307 6.23 11.16 -12.55
CA GLY B 307 4.98 10.48 -12.85
C GLY B 307 4.23 9.87 -11.67
N LEU B 308 4.75 9.98 -10.44
CA LEU B 308 4.10 9.36 -9.29
C LEU B 308 2.71 9.93 -9.08
N ALA B 309 1.73 9.05 -8.98
CA ALA B 309 0.34 9.44 -8.72
C ALA B 309 0.11 9.41 -7.22
N ILE B 310 0.77 10.35 -6.53
CA ILE B 310 0.59 10.53 -5.09
C ILE B 310 0.18 11.97 -4.81
N ASN B 311 -0.31 12.20 -3.61
CA ASN B 311 -0.76 13.52 -3.20
C ASN B 311 0.34 14.56 -3.36
N ASP B 312 -0.08 15.79 -3.63
CA ASP B 312 0.84 16.86 -4.02
C ASP B 312 1.66 17.39 -2.86
N VAL B 313 1.12 17.41 -1.65
CA VAL B 313 1.88 17.87 -0.49
C VAL B 313 3.15 17.04 -0.33
N ASP B 314 2.98 15.73 -0.25
CA ASP B 314 4.14 14.85 -0.11
C ASP B 314 5.02 14.89 -1.36
N LYS B 315 4.42 14.97 -2.55
CA LYS B 315 5.26 15.02 -3.75
C LYS B 315 6.20 16.22 -3.68
N ARG B 316 5.72 17.35 -3.16
CA ARG B 316 6.58 18.51 -3.06
C ARG B 316 7.61 18.36 -1.94
N LYS B 317 7.18 17.82 -0.78
CA LYS B 317 8.09 17.63 0.35
C LYS B 317 9.23 16.66 -0.03
N ILE B 318 8.86 15.53 -0.59
CA ILE B 318 9.91 14.51 -0.89
C ILE B 318 10.79 14.99 -2.04
N GLY B 319 10.23 15.77 -2.95
CA GLY B 319 10.93 16.20 -4.17
C GLY B 319 11.85 17.38 -3.99
N LYS B 320 11.53 18.29 -3.07
CA LYS B 320 12.44 19.46 -2.87
C LYS B 320 12.21 20.11 -1.51
N ASP B 321 10.99 20.21 -1.03
CA ASP B 321 10.78 20.95 0.24
C ASP B 321 11.50 20.32 1.41
N ASN B 322 11.56 19.00 1.52
CA ASN B 322 12.23 18.41 2.70
C ASN B 322 13.70 18.74 2.68
N ALA B 323 14.32 18.64 1.53
CA ALA B 323 15.77 18.90 1.40
C ALA B 323 16.02 20.38 1.59
N LYS B 324 15.10 21.21 1.12
CA LYS B 324 15.29 22.67 1.25
C LYS B 324 15.33 23.05 2.72
N LYS B 325 14.63 22.32 3.57
CA LYS B 325 14.67 22.72 4.99
C LYS B 325 15.88 22.06 5.66
N LEU B 326 16.02 20.75 5.50
CA LEU B 326 17.13 19.99 6.11
C LEU B 326 18.49 20.62 5.80
N PHE B 327 18.76 20.93 4.56
CA PHE B 327 20.09 21.43 4.16
C PHE B 327 20.11 22.95 4.10
N LYS B 328 19.07 23.60 4.59
CA LYS B 328 18.95 25.09 4.62
C LYS B 328 19.33 25.66 3.27
N LEU B 329 18.69 25.19 2.22
CA LEU B 329 19.01 25.72 0.88
C LEU B 329 18.31 27.06 0.69
N PRO B 330 18.99 28.02 0.03
CA PRO B 330 18.41 29.31 -0.30
C PRO B 330 17.53 29.23 -1.56
N GLN B 331 16.91 30.31 -1.95
CA GLN B 331 16.06 30.22 -3.16
C GLN B 331 16.96 29.94 -4.35
N PHE B 332 17.08 28.66 -4.72
CA PHE B 332 17.90 28.15 -5.84
C PHE B 332 17.03 27.97 -7.10
N TYR B 333 17.61 27.45 -8.18
CA TYR B 333 16.94 27.27 -9.49
C TYR B 333 15.65 26.46 -9.42
N GLN B 334 14.52 27.12 -9.71
CA GLN B 334 13.13 26.57 -9.75
C GLN B 334 12.65 26.17 -8.36
N SER B 335 13.20 26.77 -7.31
CA SER B 335 12.82 26.47 -5.91
C SER B 335 11.61 27.32 -5.52
N MET C 2 2.85 -7.37 -21.41
CA MET C 2 2.33 -8.71 -21.33
C MET C 2 1.36 -8.90 -22.48
N LEU C 3 1.52 -10.03 -23.14
CA LEU C 3 0.71 -10.37 -24.30
C LEU C 3 -0.47 -11.21 -23.88
N GLY C 4 -1.51 -11.15 -24.70
CA GLY C 4 -2.68 -11.99 -24.49
C GLY C 4 -3.69 -11.50 -23.50
N LYS C 5 -3.64 -10.21 -23.12
CA LYS C 5 -4.56 -9.66 -22.12
C LYS C 5 -6.03 -9.77 -22.57
N VAL C 6 -6.92 -9.84 -21.59
CA VAL C 6 -8.36 -9.86 -21.82
C VAL C 6 -9.00 -8.64 -21.17
N ALA C 7 -9.91 -7.99 -21.89
CA ALA C 7 -10.67 -6.85 -21.41
C ALA C 7 -12.15 -7.10 -21.65
N LEU C 8 -13.01 -6.60 -20.75
CA LEU C 8 -14.42 -6.95 -20.84
C LEU C 8 -15.36 -5.83 -20.38
N GLU C 9 -14.97 -4.57 -20.44
CA GLU C 9 -15.90 -3.47 -20.35
C GLU C 9 -15.69 -2.57 -21.58
N GLU C 10 -15.87 -3.21 -22.74
CA GLU C 10 -15.49 -2.70 -24.05
C GLU C 10 -16.74 -2.53 -24.89
N ALA C 11 -17.00 -1.31 -25.31
CA ALA C 11 -18.33 -0.96 -25.79
C ALA C 11 -18.40 -0.84 -27.32
N PHE C 12 -19.62 -1.04 -27.82
CA PHE C 12 -19.96 -0.85 -29.22
C PHE C 12 -21.34 -0.20 -29.29
N ALA C 13 -21.64 0.45 -30.43
CA ALA C 13 -22.94 1.04 -30.71
C ALA C 13 -23.44 0.54 -32.05
N LEU C 14 -24.74 0.74 -32.31
CA LEU C 14 -25.35 0.29 -33.57
C LEU C 14 -25.04 1.27 -34.70
N PRO C 15 -24.59 0.78 -35.87
CA PRO C 15 -24.37 1.68 -37.01
C PRO C 15 -25.55 2.58 -37.36
N ARG C 16 -26.78 2.13 -37.23
CA ARG C 16 -27.88 2.99 -37.60
C ARG C 16 -28.03 4.18 -36.68
N HIS C 17 -27.32 4.19 -35.54
CA HIS C 17 -27.34 5.31 -34.63
C HIS C 17 -26.16 6.25 -34.84
N LYS C 18 -25.44 6.08 -35.96
CA LYS C 18 -24.16 6.74 -36.17
C LYS C 18 -24.22 8.22 -35.76
N GLU C 19 -25.30 8.91 -36.14
CA GLU C 19 -25.38 10.36 -35.93
C GLU C 19 -25.74 10.72 -34.49
N ARG C 20 -26.72 10.05 -33.91
CA ARG C 20 -26.89 10.13 -32.47
C ARG C 20 -25.55 9.90 -31.75
N THR C 21 -24.82 8.85 -32.15
CA THR C 21 -23.58 8.44 -31.47
C THR C 21 -22.50 9.51 -31.59
N ARG C 22 -22.32 10.01 -32.79
CA ARG C 22 -21.27 11.01 -32.97
C ARG C 22 -21.63 12.30 -32.25
N TRP C 23 -22.92 12.60 -32.10
CA TRP C 23 -23.29 13.77 -31.32
C TRP C 23 -22.83 13.62 -29.87
N TRP C 24 -23.26 12.53 -29.22
CA TRP C 24 -22.84 12.26 -27.85
C TRP C 24 -21.34 12.20 -27.72
N ALA C 25 -20.63 11.74 -28.75
CA ALA C 25 -19.18 11.66 -28.63
C ALA C 25 -18.55 13.04 -28.47
N GLY C 26 -19.14 14.07 -29.10
CA GLY C 26 -18.63 15.42 -28.96
C GLY C 26 -18.80 16.01 -27.56
N LEU C 27 -19.73 15.47 -26.77
CA LEU C 27 -19.92 16.02 -25.44
C LEU C 27 -19.18 15.23 -24.38
N PHE C 28 -18.23 14.39 -24.78
CA PHE C 28 -17.59 13.45 -23.88
C PHE C 28 -16.11 13.68 -23.83
N ALA C 29 -15.50 13.66 -25.01
CA ALA C 29 -14.07 13.77 -25.21
C ALA C 29 -13.85 14.59 -26.47
N ILE C 30 -12.62 15.05 -26.67
CA ILE C 30 -12.31 15.71 -27.93
C ILE C 30 -12.27 14.60 -28.98
N ASP C 31 -11.90 14.94 -30.21
CA ASP C 31 -11.89 13.99 -31.32
C ASP C 31 -13.16 13.11 -31.44
N PRO C 32 -14.33 13.73 -31.48
CA PRO C 32 -15.52 12.88 -31.54
C PRO C 32 -15.60 12.07 -32.84
N ASP C 33 -14.98 12.51 -33.93
CA ASP C 33 -15.05 11.69 -35.14
C ASP C 33 -14.33 10.37 -34.94
N LYS C 34 -13.15 10.39 -34.31
CA LYS C 34 -12.41 9.15 -34.11
C LYS C 34 -13.07 8.25 -33.09
N HIS C 35 -13.69 8.82 -32.05
CA HIS C 35 -14.31 7.98 -31.02
C HIS C 35 -15.62 7.38 -31.52
N ALA C 36 -16.37 8.14 -32.32
CA ALA C 36 -17.61 7.59 -32.88
C ALA C 36 -17.31 6.46 -33.85
N ALA C 37 -16.27 6.63 -34.67
CA ALA C 37 -15.87 5.59 -35.60
C ALA C 37 -15.40 4.34 -34.83
N GLU C 38 -14.71 4.55 -33.69
CA GLU C 38 -14.18 3.41 -32.94
C GLU C 38 -15.28 2.63 -32.24
N ILE C 39 -16.29 3.34 -31.70
CA ILE C 39 -17.35 2.64 -30.95
C ILE C 39 -18.35 1.94 -31.88
N ASN C 40 -18.36 2.30 -33.18
CA ASN C 40 -19.12 1.60 -34.21
C ASN C 40 -18.34 0.45 -34.83
N ASP C 41 -17.01 0.55 -34.90
CA ASP C 41 -16.16 -0.47 -35.50
C ASP C 41 -16.07 -1.70 -34.61
N ILE C 42 -16.16 -2.88 -35.22
CA ILE C 42 -15.99 -4.12 -34.50
C ILE C 42 -14.72 -4.84 -34.90
N THR C 43 -14.37 -4.82 -36.19
CA THR C 43 -13.34 -5.76 -36.62
C THR C 43 -12.09 -5.12 -37.21
N GLU C 44 -12.03 -3.80 -37.35
CA GLU C 44 -10.89 -3.18 -38.01
C GLU C 44 -9.99 -2.46 -37.02
N GLN C 45 -10.19 -1.15 -36.76
CA GLN C 45 -9.34 -0.46 -35.77
C GLN C 45 -9.36 -1.17 -34.42
N ARG C 46 -10.53 -1.61 -33.99
CA ARG C 46 -10.61 -2.22 -32.68
C ARG C 46 -9.65 -3.40 -32.59
N ILE C 47 -9.60 -4.25 -33.62
CA ILE C 47 -8.67 -5.36 -33.53
C ILE C 47 -7.24 -4.91 -33.79
N LYS C 48 -7.06 -3.85 -34.60
CA LYS C 48 -5.73 -3.29 -34.76
C LYS C 48 -5.14 -2.87 -33.43
N TYR C 49 -5.96 -2.20 -32.63
CA TYR C 49 -5.53 -1.74 -31.33
C TYR C 49 -5.16 -2.91 -30.43
N MET C 50 -5.96 -3.97 -30.46
CA MET C 50 -5.68 -5.17 -29.68
C MET C 50 -4.35 -5.79 -30.09
N ASN C 51 -4.04 -5.79 -31.39
CA ASN C 51 -2.77 -6.32 -31.84
C ASN C 51 -1.61 -5.45 -31.38
N GLU C 52 -1.77 -4.14 -31.43
CA GLU C 52 -0.63 -3.25 -31.11
C GLU C 52 -0.37 -3.17 -29.61
N HIS C 53 -1.29 -3.65 -28.79
CA HIS C 53 -1.18 -3.34 -27.37
C HIS C 53 -1.26 -4.58 -26.53
N GLY C 54 -1.04 -5.74 -27.13
CA GLY C 54 -0.96 -6.96 -26.39
C GLY C 54 -2.26 -7.43 -25.78
N VAL C 55 -3.38 -7.25 -26.48
CA VAL C 55 -4.67 -7.67 -25.96
C VAL C 55 -5.13 -8.81 -26.85
N GLY C 56 -5.26 -10.01 -26.29
CA GLY C 56 -5.69 -11.14 -27.11
C GLY C 56 -7.19 -11.18 -27.33
N TYR C 57 -7.97 -10.65 -26.41
CA TYR C 57 -9.39 -10.94 -26.47
C TYR C 57 -10.15 -9.91 -25.67
N THR C 58 -11.25 -9.43 -26.22
CA THR C 58 -12.14 -8.54 -25.50
C THR C 58 -13.58 -9.01 -25.64
N ILE C 59 -14.35 -8.83 -24.58
CA ILE C 59 -15.77 -9.07 -24.59
C ILE C 59 -16.45 -7.74 -24.75
N LEU C 60 -17.36 -7.67 -25.70
CA LEU C 60 -17.99 -6.40 -26.05
C LEU C 60 -19.37 -6.30 -25.39
N SER C 61 -19.82 -5.08 -25.21
CA SER C 61 -21.07 -4.76 -24.54
C SER C 61 -21.71 -3.57 -25.26
N TYR C 62 -23.04 -3.51 -25.22
CA TYR C 62 -23.71 -2.38 -25.83
C TYR C 62 -23.51 -1.17 -24.94
N THR C 63 -23.16 -0.03 -25.54
CA THR C 63 -22.79 1.15 -24.79
C THR C 63 -23.95 1.72 -23.97
N ALA C 64 -23.63 2.27 -22.82
CA ALA C 64 -24.66 2.81 -21.97
C ALA C 64 -25.19 4.11 -22.57
N PRO C 65 -26.42 4.52 -22.21
CA PRO C 65 -27.37 3.88 -21.30
C PRO C 65 -27.94 2.58 -21.86
N GLY C 66 -27.82 2.42 -23.15
CA GLY C 66 -28.28 1.20 -23.81
C GLY C 66 -29.77 0.97 -23.64
N VAL C 67 -30.15 -0.31 -23.47
CA VAL C 67 -31.55 -0.71 -23.36
C VAL C 67 -32.16 -0.20 -22.06
N GLN C 68 -31.36 -0.01 -21.05
CA GLN C 68 -31.88 0.43 -19.76
C GLN C 68 -32.36 1.88 -19.78
N ASP C 69 -32.25 2.59 -20.90
CA ASP C 69 -32.79 3.94 -20.99
C ASP C 69 -34.18 3.96 -21.61
N VAL C 70 -34.65 2.83 -22.11
CA VAL C 70 -35.85 2.70 -22.91
C VAL C 70 -36.97 2.18 -22.01
N TRP C 71 -37.99 3.01 -21.75
CA TRP C 71 -39.02 2.68 -20.77
C TRP C 71 -40.24 1.98 -21.35
N ASP C 72 -40.39 1.93 -22.67
CA ASP C 72 -41.46 1.14 -23.23
C ASP C 72 -41.01 -0.32 -23.34
N PRO C 73 -41.73 -1.27 -22.74
CA PRO C 73 -41.22 -2.64 -22.71
C PRO C 73 -41.05 -3.24 -24.08
N LYS C 74 -42.02 -3.02 -24.97
CA LYS C 74 -41.96 -3.67 -26.27
C LYS C 74 -40.77 -3.16 -27.06
N GLU C 75 -40.50 -1.85 -26.99
CA GLU C 75 -39.37 -1.30 -27.71
C GLU C 75 -38.02 -1.73 -27.12
N ALA C 76 -37.95 -1.89 -25.79
CA ALA C 76 -36.71 -2.31 -25.15
C ALA C 76 -36.35 -3.73 -25.54
N GLN C 77 -37.31 -4.64 -25.44
CA GLN C 77 -37.05 -6.02 -25.86
C GLN C 77 -36.55 -6.07 -27.30
N ALA C 78 -37.17 -5.32 -28.22
CA ALA C 78 -36.74 -5.45 -29.61
C ALA C 78 -35.32 -4.96 -29.78
N LEU C 79 -34.98 -3.83 -29.14
CA LEU C 79 -33.61 -3.33 -29.25
C LEU C 79 -32.62 -4.37 -28.71
N ALA C 80 -32.94 -5.03 -27.60
CA ALA C 80 -32.04 -6.06 -27.11
C ALA C 80 -31.85 -7.16 -28.17
N VAL C 81 -32.95 -7.61 -28.79
CA VAL C 81 -32.80 -8.65 -29.80
C VAL C 81 -31.99 -8.10 -30.98
N GLU C 82 -32.29 -6.88 -31.40
CA GLU C 82 -31.55 -6.32 -32.51
C GLU C 82 -30.06 -6.29 -32.18
N VAL C 83 -29.73 -5.79 -31.00
CA VAL C 83 -28.32 -5.64 -30.63
C VAL C 83 -27.66 -6.99 -30.54
N ASN C 84 -28.29 -7.95 -29.85
CA ASN C 84 -27.67 -9.27 -29.69
C ASN C 84 -27.44 -9.92 -31.05
N ASP C 85 -28.48 -9.93 -31.90
CA ASP C 85 -28.31 -10.50 -33.24
C ASP C 85 -27.26 -9.72 -34.01
N TYR C 86 -27.23 -8.40 -33.82
CA TYR C 86 -26.25 -7.59 -34.53
C TYR C 86 -24.83 -8.03 -34.19
N ILE C 87 -24.52 -8.06 -32.88
CA ILE C 87 -23.14 -8.24 -32.41
C ILE C 87 -22.69 -9.68 -32.59
N ALA C 88 -23.58 -10.64 -32.34
CA ALA C 88 -23.26 -12.04 -32.63
C ALA C 88 -22.78 -12.22 -34.05
N ASP C 89 -23.44 -11.53 -35.01
CA ASP C 89 -23.09 -11.70 -36.41
C ASP C 89 -21.82 -10.96 -36.76
N ALA C 90 -21.67 -9.75 -36.22
CA ALA C 90 -20.50 -8.92 -36.51
C ALA C 90 -19.20 -9.53 -35.99
N ILE C 91 -19.26 -10.37 -34.93
CA ILE C 91 -18.04 -10.95 -34.36
C ILE C 91 -17.78 -12.38 -34.79
N LYS C 92 -18.72 -13.01 -35.52
CA LYS C 92 -18.64 -14.46 -35.77
C LYS C 92 -17.30 -14.94 -36.33
N ALA C 93 -16.60 -14.11 -37.10
CA ALA C 93 -15.40 -14.64 -37.74
C ALA C 93 -14.18 -14.65 -36.82
N HIS C 94 -14.25 -14.07 -35.62
CA HIS C 94 -13.08 -13.91 -34.77
C HIS C 94 -13.33 -14.45 -33.36
N PRO C 95 -13.73 -15.72 -33.22
CA PRO C 95 -13.98 -16.24 -31.86
C PRO C 95 -12.73 -16.24 -30.98
N ASP C 96 -11.55 -16.25 -31.57
CA ASP C 96 -10.35 -16.13 -30.75
C ASP C 96 -10.02 -14.70 -30.33
N ARG C 97 -10.72 -13.68 -30.85
CA ARG C 97 -10.48 -12.32 -30.38
C ARG C 97 -11.68 -11.66 -29.73
N LEU C 98 -12.91 -12.02 -30.09
CA LEU C 98 -14.07 -11.29 -29.57
C LEU C 98 -15.12 -12.22 -29.02
N GLY C 99 -15.62 -11.90 -27.83
CA GLY C 99 -16.87 -12.40 -27.34
C GLY C 99 -17.78 -11.22 -27.08
N ALA C 100 -18.99 -11.53 -26.65
CA ALA C 100 -20.00 -10.52 -26.41
C ALA C 100 -20.79 -10.87 -25.16
N PHE C 101 -21.16 -9.84 -24.38
CA PHE C 101 -22.15 -9.99 -23.34
C PHE C 101 -23.53 -9.70 -23.91
N ALA C 102 -24.53 -10.39 -23.39
CA ALA C 102 -25.90 -10.10 -23.78
C ALA C 102 -26.28 -8.68 -23.36
N THR C 103 -26.98 -8.02 -24.26
CA THR C 103 -27.75 -6.83 -23.94
C THR C 103 -29.17 -7.30 -23.66
N LEU C 104 -29.78 -6.75 -22.62
CA LEU C 104 -31.05 -7.26 -22.20
C LEU C 104 -32.03 -6.12 -21.90
N SER C 105 -33.30 -6.41 -22.15
CA SER C 105 -34.36 -5.66 -21.50
C SER C 105 -34.62 -6.27 -20.13
N MET C 106 -34.51 -5.45 -19.09
CA MET C 106 -34.77 -5.88 -17.72
C MET C 106 -36.14 -5.41 -17.23
N HIS C 107 -37.10 -5.29 -18.13
CA HIS C 107 -38.46 -4.93 -17.69
C HIS C 107 -39.16 -6.11 -17.01
N ASP C 108 -39.00 -7.32 -17.55
CA ASP C 108 -39.71 -8.47 -17.02
C ASP C 108 -38.69 -9.56 -16.70
N PRO C 109 -38.70 -10.09 -15.48
CA PRO C 109 -37.73 -11.13 -15.11
C PRO C 109 -37.70 -12.32 -16.09
N LYS C 110 -38.86 -12.77 -16.59
CA LYS C 110 -38.83 -13.98 -17.41
C LYS C 110 -38.53 -13.68 -18.87
N GLU C 111 -38.88 -12.49 -19.34
CA GLU C 111 -38.42 -12.06 -20.65
C GLU C 111 -36.89 -11.92 -20.68
N ALA C 112 -36.31 -11.28 -19.66
CA ALA C 112 -34.87 -11.13 -19.61
C ALA C 112 -34.16 -12.49 -19.53
N ALA C 113 -34.68 -13.42 -18.75
CA ALA C 113 -34.01 -14.72 -18.65
C ALA C 113 -34.07 -15.48 -19.96
N GLU C 114 -35.15 -15.35 -20.71
CA GLU C 114 -35.25 -16.08 -21.96
C GLU C 114 -34.28 -15.53 -23.00
N GLU C 115 -34.16 -14.21 -23.07
CA GLU C 115 -33.26 -13.63 -24.05
C GLU C 115 -31.81 -13.95 -23.72
N LEU C 116 -31.46 -13.99 -22.42
CA LEU C 116 -30.11 -14.41 -22.06
C LEU C 116 -29.87 -15.85 -22.52
N ARG C 117 -30.85 -16.73 -22.25
CA ARG C 117 -30.76 -18.13 -22.65
C ARG C 117 -30.69 -18.25 -24.17
N ARG C 118 -31.50 -17.50 -24.89
CA ARG C 118 -31.38 -17.57 -26.35
C ARG C 118 -29.95 -17.29 -26.80
N VAL C 119 -29.40 -16.16 -26.37
CA VAL C 119 -28.14 -15.71 -26.95
C VAL C 119 -26.94 -16.42 -26.34
N VAL C 120 -27.04 -16.85 -25.07
CA VAL C 120 -25.97 -17.66 -24.52
C VAL C 120 -25.94 -19.01 -25.23
N THR C 121 -27.12 -19.59 -25.49
CA THR C 121 -27.18 -20.93 -26.08
C THR C 121 -26.80 -20.88 -27.56
N LYS C 122 -27.39 -19.94 -28.29
CA LYS C 122 -27.20 -19.88 -29.73
C LYS C 122 -25.93 -19.16 -30.12
N TYR C 123 -25.52 -18.16 -29.35
CA TYR C 123 -24.40 -17.31 -29.77
C TYR C 123 -23.16 -17.48 -28.91
N GLY C 124 -23.24 -18.21 -27.80
CA GLY C 124 -22.05 -18.33 -26.99
C GLY C 124 -21.64 -17.04 -26.31
N PHE C 125 -22.60 -16.17 -26.00
CA PHE C 125 -22.31 -14.98 -25.21
C PHE C 125 -21.73 -15.38 -23.87
N LYS C 126 -20.91 -14.52 -23.29
CA LYS C 126 -20.18 -14.83 -22.06
C LYS C 126 -20.94 -14.42 -20.80
N GLY C 127 -22.09 -13.76 -20.94
CA GLY C 127 -22.81 -13.31 -19.77
C GLY C 127 -23.71 -12.15 -20.17
N ALA C 128 -24.05 -11.35 -19.18
CA ALA C 128 -24.87 -10.14 -19.38
C ALA C 128 -24.11 -8.93 -18.82
N LEU C 129 -24.26 -7.80 -19.53
CA LEU C 129 -23.82 -6.49 -19.08
C LEU C 129 -25.08 -5.61 -19.10
N VAL C 130 -25.43 -5.08 -17.94
CA VAL C 130 -26.64 -4.29 -17.78
C VAL C 130 -26.29 -2.96 -17.14
N ASN C 131 -26.87 -1.89 -17.67
CA ASN C 131 -26.51 -0.53 -17.23
C ASN C 131 -27.46 -0.12 -16.09
N ASP C 132 -27.21 -0.72 -14.93
CA ASP C 132 -27.86 -0.40 -13.65
C ASP C 132 -29.37 -0.62 -13.82
N THR C 133 -30.19 0.26 -13.26
CA THR C 133 -31.61 -0.02 -13.17
C THR C 133 -32.27 0.19 -14.52
N GLN C 134 -33.42 -0.42 -14.68
CA GLN C 134 -34.15 -0.31 -15.93
C GLN C 134 -35.15 0.84 -15.83
N ARG C 135 -34.99 1.84 -16.70
CA ARG C 135 -35.99 2.91 -16.78
C ARG C 135 -37.32 2.30 -17.15
N ALA C 136 -38.34 2.75 -16.44
CA ALA C 136 -39.71 2.24 -16.62
C ALA C 136 -40.70 3.34 -16.30
N GLY C 137 -41.99 3.08 -16.47
CA GLY C 137 -42.98 4.13 -16.22
C GLY C 137 -43.57 4.60 -17.51
N ALA C 138 -44.67 5.32 -17.46
CA ALA C 138 -45.32 5.73 -18.72
C ALA C 138 -44.42 6.72 -19.47
N ASP C 139 -43.71 7.59 -18.75
CA ASP C 139 -42.77 8.47 -19.48
C ASP C 139 -41.37 8.33 -18.89
N GLY C 140 -41.03 7.10 -18.49
CA GLY C 140 -39.69 6.76 -17.99
C GLY C 140 -39.30 7.48 -16.71
N ASP C 141 -40.22 7.64 -15.78
CA ASP C 141 -39.85 8.36 -14.53
C ASP C 141 -39.67 7.37 -13.38
N ASP C 142 -39.83 6.07 -13.64
CA ASP C 142 -39.62 5.05 -12.60
C ASP C 142 -38.40 4.20 -13.00
N MET C 143 -38.01 3.28 -12.14
CA MET C 143 -36.89 2.38 -12.45
C MET C 143 -37.21 1.02 -11.84
N ILE C 144 -36.69 -0.03 -12.46
CA ILE C 144 -36.86 -1.43 -12.04
C ILE C 144 -35.56 -1.92 -11.42
N PHE C 145 -35.62 -2.36 -10.16
CA PHE C 145 -34.51 -3.04 -9.51
C PHE C 145 -34.63 -4.56 -9.67
N TYR C 146 -33.49 -5.25 -9.57
CA TYR C 146 -33.44 -6.67 -9.88
C TYR C 146 -33.17 -7.53 -8.65
N ASP C 147 -33.41 -7.01 -7.45
CA ASP C 147 -33.13 -7.79 -6.25
C ASP C 147 -34.41 -8.28 -5.57
N GLY C 148 -35.58 -7.92 -6.06
CA GLY C 148 -36.80 -8.40 -5.45
C GLY C 148 -36.99 -9.88 -5.71
N PRO C 149 -37.91 -10.53 -5.00
CA PRO C 149 -38.10 -11.97 -5.21
C PRO C 149 -38.53 -12.31 -6.62
N GLU C 150 -39.27 -11.42 -7.29
CA GLU C 150 -39.70 -11.77 -8.64
C GLU C 150 -38.54 -11.88 -9.62
N TRP C 151 -37.34 -11.45 -9.22
CA TRP C 151 -36.20 -11.60 -10.13
C TRP C 151 -35.47 -12.91 -9.91
N ASP C 152 -35.85 -13.68 -8.90
CA ASP C 152 -35.21 -14.99 -8.69
C ASP C 152 -35.21 -15.82 -9.96
N VAL C 153 -36.28 -15.76 -10.75
CA VAL C 153 -36.26 -16.61 -11.93
C VAL C 153 -35.15 -16.18 -12.88
N PHE C 154 -34.79 -14.89 -12.90
CA PHE C 154 -33.73 -14.47 -13.79
C PHE C 154 -32.37 -14.94 -13.28
N TRP C 155 -32.13 -14.76 -11.97
CA TRP C 155 -30.82 -15.13 -11.45
C TRP C 155 -30.57 -16.62 -11.54
N SER C 156 -31.63 -17.44 -11.41
CA SER C 156 -31.48 -18.88 -11.58
C SER C 156 -31.10 -19.24 -13.01
N THR C 157 -31.66 -18.53 -14.00
CA THR C 157 -31.18 -18.69 -15.37
C THR C 157 -29.70 -18.31 -15.51
N VAL C 158 -29.29 -17.21 -14.85
CA VAL C 158 -27.89 -16.80 -14.91
C VAL C 158 -26.98 -17.88 -14.33
N THR C 159 -27.29 -18.40 -13.14
CA THR C 159 -26.43 -19.43 -12.58
C THR C 159 -26.56 -20.75 -13.34
N ASP C 160 -27.74 -21.03 -13.89
CA ASP C 160 -27.87 -22.25 -14.67
C ASP C 160 -26.98 -22.21 -15.90
N LEU C 161 -26.99 -21.09 -16.62
CA LEU C 161 -26.04 -20.87 -17.69
C LEU C 161 -24.61 -20.75 -17.17
N ASP C 162 -24.45 -20.43 -15.89
CA ASP C 162 -23.13 -20.26 -15.28
C ASP C 162 -22.29 -19.24 -16.05
N VAL C 163 -22.88 -18.06 -16.27
CA VAL C 163 -22.19 -16.93 -16.87
C VAL C 163 -22.32 -15.76 -15.91
N PRO C 164 -21.32 -14.88 -15.86
CA PRO C 164 -21.38 -13.72 -14.96
C PRO C 164 -22.32 -12.63 -15.48
N PHE C 165 -22.59 -11.68 -14.60
CA PHE C 165 -23.47 -10.52 -14.90
C PHE C 165 -22.68 -9.25 -14.57
N TYR C 166 -22.42 -8.45 -15.59
CA TYR C 166 -21.65 -7.19 -15.41
C TYR C 166 -22.60 -6.02 -15.21
N LEU C 167 -22.57 -5.42 -14.03
CA LEU C 167 -23.43 -4.28 -13.66
C LEU C 167 -22.65 -2.97 -13.90
N HIS C 168 -22.91 -2.35 -15.04
CA HIS C 168 -22.28 -1.11 -15.55
C HIS C 168 -23.11 0.11 -15.14
N PRO C 169 -22.51 1.28 -14.94
CA PRO C 169 -23.27 2.46 -14.57
C PRO C 169 -24.20 2.99 -15.65
N ARG C 170 -25.11 3.85 -15.23
CA ARG C 170 -26.06 4.52 -16.14
C ARG C 170 -26.14 5.96 -15.67
N ASN C 171 -26.36 6.88 -16.59
CA ASN C 171 -26.49 8.31 -16.19
C ASN C 171 -27.66 8.37 -15.23
N PRO C 172 -27.50 8.89 -14.00
CA PRO C 172 -28.62 8.95 -13.08
C PRO C 172 -29.71 9.88 -13.61
N THR C 173 -30.97 9.51 -13.39
CA THR C 173 -32.11 10.34 -13.87
C THR C 173 -32.68 11.10 -12.67
N GLY C 174 -32.10 12.23 -12.33
CA GLY C 174 -32.60 12.99 -11.17
C GLY C 174 -33.25 14.29 -11.58
N SER C 175 -33.15 15.30 -10.71
CA SER C 175 -33.79 16.61 -10.93
C SER C 175 -33.30 17.31 -12.19
N ILE C 176 -34.13 18.22 -12.66
CA ILE C 176 -33.81 19.10 -13.80
C ILE C 176 -32.63 19.97 -13.35
N HIS C 177 -32.70 20.49 -12.13
CA HIS C 177 -31.66 21.39 -11.58
C HIS C 177 -30.35 20.63 -11.45
N GLU C 178 -30.44 19.38 -11.02
CA GLU C 178 -29.25 18.53 -10.83
C GLU C 178 -28.59 18.22 -12.17
N LYS C 179 -29.35 17.82 -13.19
CA LYS C 179 -28.71 17.45 -14.47
C LYS C 179 -28.03 18.67 -15.06
N LEU C 180 -28.70 19.81 -15.00
CA LEU C 180 -28.16 21.05 -15.57
C LEU C 180 -26.91 21.45 -14.79
N TRP C 181 -26.93 21.28 -13.47
CA TRP C 181 -25.73 21.59 -12.67
C TRP C 181 -24.62 20.59 -13.05
N ALA C 182 -24.95 19.32 -13.19
CA ALA C 182 -23.92 18.33 -13.54
C ALA C 182 -23.31 18.65 -14.91
N LYS C 183 -24.14 18.99 -15.89
CA LYS C 183 -23.62 19.27 -17.25
C LYS C 183 -22.77 20.53 -17.22
N ARG C 184 -23.24 21.56 -16.53
CA ARG C 184 -22.50 22.83 -16.49
C ARG C 184 -21.23 22.66 -15.65
N SER C 185 -21.19 21.66 -14.78
CA SER C 185 -20.00 21.48 -13.92
C SER C 185 -19.01 20.44 -14.45
N TRP C 186 -19.09 20.04 -15.72
CA TRP C 186 -18.06 19.19 -16.29
C TRP C 186 -17.95 17.87 -15.53
N LEU C 187 -19.00 17.48 -14.83
CA LEU C 187 -18.92 16.25 -14.02
C LEU C 187 -19.87 15.16 -14.52
N ILE C 188 -20.42 15.30 -15.71
CA ILE C 188 -21.40 14.27 -16.11
C ILE C 188 -20.88 13.38 -17.24
N GLY C 189 -21.24 12.10 -17.21
CA GLY C 189 -20.94 11.20 -18.34
C GLY C 189 -19.78 10.25 -18.15
N PRO C 190 -19.40 9.54 -19.22
CA PRO C 190 -18.30 8.59 -19.20
C PRO C 190 -16.98 9.24 -19.58
N PRO C 191 -15.83 8.65 -19.20
CA PRO C 191 -15.84 7.42 -18.41
C PRO C 191 -16.00 7.58 -16.90
N LEU C 192 -15.94 8.80 -16.37
CA LEU C 192 -16.00 8.99 -14.90
C LEU C 192 -17.22 8.31 -14.28
N SER C 193 -18.42 8.59 -14.77
CA SER C 193 -19.70 8.04 -14.24
C SER C 193 -19.78 8.28 -12.73
N PHE C 194 -19.44 9.49 -12.30
CA PHE C 194 -19.28 9.82 -10.86
C PHE C 194 -20.62 9.76 -10.14
N ALA C 195 -21.69 10.04 -10.86
CA ALA C 195 -22.98 9.99 -10.19
C ALA C 195 -23.58 8.59 -10.14
N GLN C 196 -22.87 7.57 -10.61
CA GLN C 196 -23.41 6.22 -10.75
C GLN C 196 -24.07 5.68 -9.47
N GLY C 197 -25.11 4.87 -9.67
CA GLY C 197 -25.83 4.18 -8.62
C GLY C 197 -25.54 2.69 -8.51
N VAL C 198 -24.53 2.21 -9.21
CA VAL C 198 -24.19 0.78 -9.19
C VAL C 198 -23.69 0.35 -7.82
N SER C 199 -22.83 1.16 -7.20
CA SER C 199 -22.31 0.71 -5.91
C SER C 199 -23.43 0.56 -4.89
N LEU C 200 -24.36 1.51 -4.84
CA LEU C 200 -25.52 1.31 -3.99
C LEU C 200 -26.30 0.07 -4.43
N HIS C 201 -26.52 -0.10 -5.73
CA HIS C 201 -27.40 -1.18 -6.16
C HIS C 201 -26.77 -2.53 -5.91
N ALA C 202 -25.45 -2.64 -6.10
CA ALA C 202 -24.76 -3.88 -5.80
C ALA C 202 -24.86 -4.21 -4.30
N LEU C 203 -24.75 -3.21 -3.44
CA LEU C 203 -24.98 -3.49 -2.01
C LEU C 203 -26.41 -3.92 -1.74
N GLY C 204 -27.36 -3.46 -2.56
CA GLY C 204 -28.73 -3.92 -2.41
C GLY C 204 -28.87 -5.41 -2.69
N MET C 205 -28.24 -5.87 -3.77
CA MET C 205 -28.29 -7.30 -4.04
C MET C 205 -27.77 -8.10 -2.87
N VAL C 206 -26.73 -7.61 -2.21
CA VAL C 206 -26.19 -8.26 -1.02
C VAL C 206 -27.22 -8.25 0.10
N THR C 207 -27.72 -7.06 0.45
CA THR C 207 -28.60 -6.99 1.62
C THR C 207 -29.94 -7.64 1.38
N ASN C 208 -30.39 -7.74 0.13
CA ASN C 208 -31.67 -8.37 -0.16
C ASN C 208 -31.51 -9.85 -0.46
N GLY C 209 -30.32 -10.40 -0.23
CA GLY C 209 -30.12 -11.82 -0.22
C GLY C 209 -29.99 -12.45 -1.57
N VAL C 210 -29.88 -11.66 -2.64
CA VAL C 210 -29.76 -12.27 -3.95
C VAL C 210 -28.61 -13.29 -3.95
N PHE C 211 -27.52 -13.00 -3.26
CA PHE C 211 -26.42 -13.95 -3.20
C PHE C 211 -26.65 -15.08 -2.22
N ASP C 212 -27.57 -14.92 -1.26
CA ASP C 212 -27.91 -16.08 -0.45
C ASP C 212 -28.75 -17.08 -1.24
N ARG C 213 -29.71 -16.56 -2.03
CA ARG C 213 -30.55 -17.41 -2.88
C ARG C 213 -29.83 -17.86 -4.14
N HIS C 214 -28.72 -17.20 -4.53
CA HIS C 214 -27.97 -17.57 -5.73
C HIS C 214 -26.48 -17.56 -5.37
N PRO C 215 -26.07 -18.47 -4.49
CA PRO C 215 -24.70 -18.41 -3.95
C PRO C 215 -23.64 -18.58 -4.99
N LYS C 216 -24.00 -19.01 -6.20
CA LYS C 216 -23.06 -19.22 -7.28
C LYS C 216 -23.10 -18.08 -8.30
N LEU C 217 -23.91 -17.06 -8.04
CA LEU C 217 -24.02 -15.91 -8.93
C LEU C 217 -22.73 -15.08 -8.92
N GLN C 218 -22.28 -14.68 -10.12
CA GLN C 218 -21.08 -13.86 -10.30
C GLN C 218 -21.49 -12.51 -10.87
N ILE C 219 -21.31 -11.45 -10.07
CA ILE C 219 -21.56 -10.08 -10.50
C ILE C 219 -20.21 -9.37 -10.64
N VAL C 220 -20.04 -8.64 -11.75
CA VAL C 220 -18.79 -7.94 -12.06
C VAL C 220 -19.01 -6.44 -11.96
N LEU C 221 -18.09 -5.75 -11.28
CA LEU C 221 -18.13 -4.28 -11.14
C LEU C 221 -16.91 -3.66 -11.76
N GLY C 222 -17.11 -2.53 -12.45
CA GLY C 222 -16.00 -1.77 -13.02
C GLY C 222 -15.42 -0.75 -12.02
N HIS C 223 -14.46 0.04 -12.52
CA HIS C 223 -13.86 1.09 -11.71
C HIS C 223 -13.36 0.52 -10.40
N LEU C 224 -12.74 -0.67 -10.45
CA LEU C 224 -12.14 -1.32 -9.27
C LEU C 224 -13.19 -1.42 -8.17
N GLY C 225 -14.44 -1.68 -8.54
CA GLY C 225 -15.48 -1.96 -7.57
C GLY C 225 -16.36 -0.79 -7.20
N GLU C 226 -16.35 0.28 -8.00
CA GLU C 226 -17.16 1.48 -7.81
C GLU C 226 -17.05 1.98 -6.36
N HIS C 227 -15.80 2.14 -5.92
CA HIS C 227 -15.36 2.62 -4.61
C HIS C 227 -15.73 1.73 -3.43
N ILE C 228 -16.45 0.62 -3.64
CA ILE C 228 -16.85 -0.23 -2.51
C ILE C 228 -15.63 -0.70 -1.74
N PRO C 229 -14.52 -1.12 -2.36
CA PRO C 229 -13.36 -1.51 -1.54
C PRO C 229 -12.85 -0.38 -0.63
N PHE C 230 -12.98 0.87 -1.05
CA PHE C 230 -12.61 1.99 -0.17
C PHE C 230 -13.49 2.03 1.08
N ASP C 231 -14.73 1.54 0.98
CA ASP C 231 -15.65 1.58 2.12
C ASP C 231 -15.88 0.20 2.72
N MET C 232 -15.04 -0.77 2.39
CA MET C 232 -15.18 -2.11 2.93
C MET C 232 -15.35 -2.08 4.43
N TRP C 233 -14.51 -1.31 5.11
CA TRP C 233 -14.62 -1.23 6.56
C TRP C 233 -15.97 -0.63 6.96
N ARG C 234 -16.37 0.47 6.33
CA ARG C 234 -17.63 1.09 6.70
C ARG C 234 -18.77 0.13 6.44
N ILE C 235 -18.75 -0.56 5.30
CA ILE C 235 -19.84 -1.47 4.94
C ILE C 235 -19.88 -2.67 5.87
N ASN C 236 -18.72 -3.24 6.18
CA ASN C 236 -18.70 -4.33 7.15
C ASN C 236 -19.29 -3.86 8.47
N HIS C 237 -18.87 -2.68 8.92
CA HIS C 237 -19.33 -2.14 10.19
C HIS C 237 -20.83 -1.94 10.20
N TRP C 238 -21.39 -1.53 9.06
CA TRP C 238 -22.81 -1.27 8.94
C TRP C 238 -23.60 -2.57 8.99
N PHE C 239 -23.11 -3.63 8.34
CA PHE C 239 -23.76 -4.93 8.43
C PHE C 239 -23.63 -5.51 9.83
N GLU C 240 -22.40 -5.71 10.27
CA GLU C 240 -22.19 -6.56 11.43
C GLU C 240 -22.62 -5.87 12.71
N ASP C 241 -22.43 -4.56 12.82
CA ASP C 241 -22.61 -3.89 14.10
C ASP C 241 -23.91 -3.13 14.26
N ILE C 242 -24.60 -2.81 13.16
CA ILE C 242 -25.80 -1.99 13.23
C ILE C 242 -26.98 -2.71 12.60
N LYS C 243 -26.87 -3.02 11.31
CA LYS C 243 -28.05 -3.50 10.59
C LYS C 243 -28.39 -4.93 10.93
N LYS C 244 -27.40 -5.81 10.98
CA LYS C 244 -27.70 -7.20 11.33
C LYS C 244 -28.36 -7.27 12.70
N PRO C 245 -27.90 -6.54 13.71
CA PRO C 245 -28.62 -6.51 15.01
C PRO C 245 -30.07 -6.06 14.92
N LEU C 246 -30.47 -5.33 13.90
CA LEU C 246 -31.86 -4.88 13.79
C LEU C 246 -32.68 -5.69 12.79
N GLY C 247 -32.12 -6.77 12.22
CA GLY C 247 -32.97 -7.65 11.46
C GLY C 247 -32.44 -8.09 10.11
N LEU C 248 -31.44 -7.37 9.57
CA LEU C 248 -30.84 -7.71 8.25
C LEU C 248 -30.44 -9.18 8.25
N SER C 249 -30.99 -9.96 7.34
CA SER C 249 -30.75 -11.42 7.43
C SER C 249 -29.77 -11.98 6.41
N CYS C 250 -29.01 -11.18 5.66
CA CYS C 250 -28.04 -11.81 4.72
C CYS C 250 -27.04 -12.65 5.54
N LYS C 251 -26.92 -13.93 5.19
CA LYS C 251 -26.12 -14.95 5.91
C LYS C 251 -24.63 -14.65 6.05
N LEU C 252 -23.97 -14.14 5.01
CA LEU C 252 -22.50 -13.98 5.08
C LEU C 252 -22.08 -12.54 5.34
N THR C 253 -20.77 -12.32 5.49
CA THR C 253 -20.21 -10.95 5.68
C THR C 253 -19.89 -10.35 4.32
N ILE C 254 -19.69 -9.03 4.28
CA ILE C 254 -19.42 -8.36 2.99
C ILE C 254 -18.17 -8.99 2.38
N ARG C 255 -17.17 -9.33 3.18
CA ARG C 255 -15.95 -9.89 2.61
C ARG C 255 -16.18 -11.28 2.06
N GLU C 256 -17.04 -12.06 2.68
CA GLU C 256 -17.35 -13.38 2.14
C GLU C 256 -18.08 -13.26 0.79
N TYR C 257 -19.03 -12.33 0.66
CA TYR C 257 -19.64 -12.12 -0.65
C TYR C 257 -18.60 -11.68 -1.68
N PHE C 258 -17.69 -10.78 -1.30
CA PHE C 258 -16.67 -10.40 -2.26
C PHE C 258 -15.81 -11.58 -2.67
N ALA C 259 -15.65 -12.56 -1.78
CA ALA C 259 -14.84 -13.72 -2.13
C ALA C 259 -15.59 -14.71 -3.02
N ARG C 260 -16.92 -14.79 -2.93
CA ARG C 260 -17.69 -15.77 -3.68
C ARG C 260 -18.43 -15.21 -4.88
N ASN C 261 -18.86 -13.96 -4.85
CA ASN C 261 -19.85 -13.49 -5.80
C ASN C 261 -19.49 -12.27 -6.62
N LEU C 262 -18.46 -11.49 -6.23
CA LEU C 262 -18.12 -10.21 -6.86
C LEU C 262 -16.73 -10.25 -7.48
N TRP C 263 -16.57 -9.43 -8.49
CA TRP C 263 -15.35 -9.25 -9.25
C TRP C 263 -15.24 -7.76 -9.49
N ILE C 264 -14.02 -7.27 -9.58
CA ILE C 264 -13.80 -5.89 -9.98
C ILE C 264 -12.84 -5.90 -11.16
N THR C 265 -13.03 -4.95 -12.07
CA THR C 265 -12.14 -4.76 -13.19
C THR C 265 -11.43 -3.42 -13.06
N THR C 266 -10.36 -3.27 -13.83
CA THR C 266 -9.64 -2.01 -13.83
C THR C 266 -10.22 -1.02 -14.82
N SER C 267 -11.48 -1.23 -15.25
CA SER C 267 -12.07 -0.30 -16.21
C SER C 267 -11.86 1.15 -15.77
N GLY C 268 -11.24 1.91 -16.66
CA GLY C 268 -11.00 3.32 -16.46
C GLY C 268 -10.27 3.69 -15.16
N HIS C 269 -9.50 2.76 -14.58
CA HIS C 269 -8.85 2.99 -13.31
C HIS C 269 -7.44 2.45 -13.36
N PHE C 270 -6.57 3.18 -14.05
CA PHE C 270 -5.22 2.71 -14.33
C PHE C 270 -4.26 3.17 -13.25
N SER C 271 -4.61 2.80 -12.02
CA SER C 271 -4.00 3.32 -10.81
C SER C 271 -3.22 2.21 -10.15
N THR C 272 -1.89 2.32 -10.15
CA THR C 272 -1.10 1.34 -9.42
C THR C 272 -1.42 1.38 -7.94
N SER C 273 -1.51 2.58 -7.36
CA SER C 273 -1.77 2.63 -5.93
C SER C 273 -3.13 2.05 -5.59
N THR C 274 -4.16 2.37 -6.37
CA THR C 274 -5.47 1.81 -6.03
C THR C 274 -5.51 0.30 -6.30
N LEU C 275 -4.91 -0.14 -7.39
CA LEU C 275 -4.88 -1.57 -7.60
C LEU C 275 -4.20 -2.28 -6.43
N GLN C 276 -3.03 -1.81 -5.98
CA GLN C 276 -2.32 -2.46 -4.85
C GLN C 276 -3.18 -2.42 -3.59
N PHE C 277 -3.91 -1.35 -3.38
CA PHE C 277 -4.84 -1.31 -2.26
C PHE C 277 -5.90 -2.40 -2.39
N CYS C 278 -6.35 -2.68 -3.62
CA CYS C 278 -7.38 -3.68 -3.83
C CYS C 278 -6.83 -5.11 -3.75
N LEU C 279 -5.53 -5.30 -3.99
CA LEU C 279 -4.92 -6.57 -3.66
C LEU C 279 -5.19 -6.94 -2.21
N GLY C 280 -5.22 -5.96 -1.33
CA GLY C 280 -5.52 -6.27 0.04
C GLY C 280 -7.01 -6.44 0.24
N GLU C 281 -7.82 -5.49 -0.26
CA GLU C 281 -9.23 -5.55 0.08
C GLU C 281 -10.00 -6.59 -0.71
N VAL C 282 -9.58 -6.90 -1.94
CA VAL C 282 -10.33 -7.81 -2.80
C VAL C 282 -9.50 -9.04 -3.18
N GLY C 283 -8.27 -8.84 -3.63
CA GLY C 283 -7.40 -9.95 -3.96
C GLY C 283 -7.23 -10.19 -5.45
N ALA C 284 -6.01 -10.57 -5.84
CA ALA C 284 -5.72 -10.73 -7.26
C ALA C 284 -6.65 -11.73 -7.94
N ASP C 285 -7.17 -12.70 -7.21
CA ASP C 285 -8.03 -13.73 -7.79
C ASP C 285 -9.40 -13.20 -8.18
N ARG C 286 -9.77 -11.98 -7.77
CA ARG C 286 -11.10 -11.44 -8.06
C ARG C 286 -11.04 -10.13 -8.82
N ILE C 287 -9.92 -9.84 -9.46
CA ILE C 287 -9.68 -8.61 -10.19
C ILE C 287 -9.40 -8.94 -11.65
N LEU C 288 -10.07 -8.22 -12.54
CA LEU C 288 -9.97 -8.43 -13.97
C LEU C 288 -9.45 -7.16 -14.62
N PHE C 289 -8.47 -7.31 -15.49
CA PHE C 289 -8.10 -6.20 -16.35
C PHE C 289 -9.28 -5.82 -17.25
N SER C 290 -9.42 -4.51 -17.52
CA SER C 290 -10.38 -4.05 -18.53
C SER C 290 -10.03 -2.63 -18.86
N ILE C 291 -10.51 -2.14 -20.01
CA ILE C 291 -10.08 -0.87 -20.54
C ILE C 291 -11.16 0.20 -20.47
N ASP C 292 -12.39 -0.16 -20.83
CA ASP C 292 -13.50 0.77 -21.10
C ASP C 292 -13.28 1.52 -22.42
N TYR C 293 -12.75 0.83 -23.40
CA TYR C 293 -12.64 1.35 -24.76
C TYR C 293 -14.03 1.55 -25.36
N PRO C 294 -14.24 2.60 -26.18
CA PRO C 294 -13.26 3.59 -26.58
C PRO C 294 -13.29 4.87 -25.71
N PHE C 295 -14.10 4.91 -24.65
CA PHE C 295 -13.99 6.05 -23.73
C PHE C 295 -12.58 6.17 -23.14
N GLU C 296 -11.90 5.06 -22.87
CA GLU C 296 -10.48 5.06 -22.61
C GLU C 296 -9.79 4.47 -23.83
N ASN C 297 -8.53 4.81 -24.06
CA ASN C 297 -7.84 4.26 -25.21
C ASN C 297 -6.93 3.10 -24.77
N PHE C 298 -6.64 2.20 -25.72
CA PHE C 298 -5.83 1.01 -25.42
C PHE C 298 -4.51 1.40 -24.81
N SER C 299 -3.94 2.51 -25.30
CA SER C 299 -2.57 2.84 -24.96
C SER C 299 -2.47 3.19 -23.48
N ASP C 300 -3.39 4.00 -22.99
CA ASP C 300 -3.36 4.34 -21.58
C ASP C 300 -3.50 3.10 -20.72
N ALA C 301 -4.46 2.21 -21.06
CA ALA C 301 -4.77 1.04 -20.23
C ALA C 301 -3.62 0.01 -20.24
N CYS C 302 -3.12 -0.34 -21.43
CA CYS C 302 -2.12 -1.41 -21.55
C CYS C 302 -0.70 -0.90 -21.36
N THR C 303 -0.42 0.36 -21.67
CA THR C 303 0.86 0.90 -21.23
C THR C 303 0.96 0.81 -19.72
N TRP C 304 -0.08 1.23 -19.03
CA TRP C 304 -0.08 1.15 -17.57
C TRP C 304 0.08 -0.28 -17.10
N TYR C 305 -0.78 -1.19 -17.59
CA TYR C 305 -0.80 -2.55 -17.05
C TYR C 305 0.47 -3.30 -17.39
N ASP C 306 0.91 -3.25 -18.64
CA ASP C 306 2.14 -3.92 -19.03
C ASP C 306 3.30 -3.52 -18.13
N GLY C 307 3.32 -2.27 -17.68
CA GLY C 307 4.40 -1.78 -16.84
C GLY C 307 4.23 -2.05 -15.36
N LEU C 308 3.16 -2.68 -14.92
CA LEU C 308 2.94 -2.87 -13.49
C LEU C 308 4.10 -3.64 -12.87
N ALA C 309 4.71 -3.07 -11.83
CA ALA C 309 5.82 -3.71 -11.12
C ALA C 309 5.30 -4.50 -9.93
N ILE C 310 4.53 -5.56 -10.22
CA ILE C 310 4.01 -6.45 -9.21
C ILE C 310 4.37 -7.91 -9.50
N ASN C 311 4.20 -8.76 -8.49
CA ASN C 311 4.61 -10.15 -8.59
C ASN C 311 3.97 -10.84 -9.80
N ASP C 312 4.72 -11.73 -10.41
CA ASP C 312 4.36 -12.36 -11.71
C ASP C 312 3.02 -13.07 -11.69
N VAL C 313 2.75 -13.90 -10.69
CA VAL C 313 1.46 -14.65 -10.67
C VAL C 313 0.26 -13.72 -10.68
N ASP C 314 0.22 -12.72 -9.83
CA ASP C 314 -0.96 -11.82 -9.79
C ASP C 314 -1.08 -11.06 -11.11
N LYS C 315 0.03 -10.65 -11.70
CA LYS C 315 0.02 -9.88 -12.96
C LYS C 315 -0.57 -10.72 -14.10
N ARG C 316 -0.33 -12.03 -14.11
CA ARG C 316 -0.89 -12.93 -15.13
C ARG C 316 -2.37 -13.19 -14.79
N LYS C 317 -2.66 -13.38 -13.52
CA LYS C 317 -4.04 -13.67 -13.10
C LYS C 317 -4.92 -12.51 -13.51
N ILE C 318 -4.50 -11.30 -13.18
CA ILE C 318 -5.33 -10.11 -13.49
C ILE C 318 -5.31 -9.80 -14.99
N GLY C 319 -4.17 -10.00 -15.65
CA GLY C 319 -4.07 -9.63 -17.05
C GLY C 319 -4.85 -10.55 -17.98
N LYS C 320 -4.90 -11.84 -17.67
CA LYS C 320 -5.59 -12.76 -18.55
C LYS C 320 -6.07 -14.06 -17.91
N ASP C 321 -5.35 -14.61 -16.93
CA ASP C 321 -5.66 -15.97 -16.55
C ASP C 321 -6.96 -16.08 -15.75
N ASN C 322 -7.36 -15.00 -15.10
CA ASN C 322 -8.64 -15.02 -14.36
C ASN C 322 -9.81 -15.05 -15.34
N ALA C 323 -9.79 -14.19 -16.34
CA ALA C 323 -10.89 -14.13 -17.32
C ALA C 323 -10.87 -15.37 -18.22
N LYS C 324 -9.69 -15.90 -18.51
CA LYS C 324 -9.59 -17.07 -19.42
C LYS C 324 -10.45 -18.19 -18.87
N LYS C 325 -10.38 -18.41 -17.56
CA LYS C 325 -11.21 -19.43 -16.91
C LYS C 325 -12.63 -18.92 -16.67
N LEU C 326 -12.78 -17.73 -16.11
CA LEU C 326 -14.12 -17.21 -15.77
C LEU C 326 -15.03 -17.14 -17.00
N PHE C 327 -14.50 -16.77 -18.15
CA PHE C 327 -15.34 -16.64 -19.37
C PHE C 327 -15.14 -17.81 -20.31
N LYS C 328 -14.49 -18.86 -19.85
CA LYS C 328 -14.24 -20.09 -20.63
C LYS C 328 -13.72 -19.73 -22.00
N LEU C 329 -12.62 -18.99 -22.05
CA LEU C 329 -12.02 -18.56 -23.33
C LEU C 329 -11.47 -19.75 -24.11
N PRO C 330 -11.39 -19.68 -25.44
CA PRO C 330 -10.89 -20.79 -26.18
C PRO C 330 -9.41 -21.04 -25.94
N GLN C 331 -9.03 -22.30 -25.80
CA GLN C 331 -7.60 -22.66 -25.71
C GLN C 331 -6.93 -22.20 -27.00
N PHE C 332 -5.72 -21.67 -26.87
CA PHE C 332 -4.89 -21.10 -27.97
C PHE C 332 -5.53 -19.83 -28.52
N TYR C 333 -6.34 -19.14 -27.75
CA TYR C 333 -6.96 -17.90 -28.29
C TYR C 333 -5.86 -16.87 -28.59
N GLN C 334 -4.75 -16.91 -27.87
CA GLN C 334 -3.66 -15.92 -27.93
C GLN C 334 -2.76 -16.18 -29.12
N SER C 335 -2.98 -17.24 -29.90
CA SER C 335 -2.16 -17.50 -31.10
C SER C 335 -2.56 -16.61 -32.27
N GLU C 336 -3.63 -15.83 -32.15
CA GLU C 336 -4.10 -14.86 -33.16
C GLU C 336 -3.87 -13.40 -32.69
N ASP C 337 -2.63 -12.90 -32.60
CA ASP C 337 -2.39 -11.50 -32.17
C ASP C 337 -1.18 -10.85 -32.91
N HIS C 338 0.00 -10.75 -32.27
CA HIS C 338 1.26 -10.15 -32.77
C HIS C 338 2.42 -10.46 -31.82
N MET D 2 -2.85 7.54 22.27
CA MET D 2 -2.30 8.88 22.19
C MET D 2 -3.26 9.87 22.88
N LEU D 3 -2.72 10.76 23.71
CA LEU D 3 -3.54 11.71 24.45
C LEU D 3 -3.63 13.04 23.71
N GLY D 4 -4.72 13.76 23.96
CA GLY D 4 -4.87 15.08 23.36
C GLY D 4 -5.45 15.07 21.96
N LYS D 5 -6.10 13.98 21.57
CA LYS D 5 -6.67 13.86 20.24
C LYS D 5 -7.77 14.91 20.03
N VAL D 6 -7.91 15.33 18.78
CA VAL D 6 -8.89 16.31 18.37
C VAL D 6 -9.85 15.64 17.40
N ALA D 7 -11.16 15.77 17.66
CA ALA D 7 -12.19 15.23 16.78
C ALA D 7 -13.21 16.32 16.47
N LEU D 8 -13.67 16.33 15.20
CA LEU D 8 -14.45 17.48 14.75
C LEU D 8 -15.58 17.11 13.78
N GLU D 9 -16.06 15.88 13.82
CA GLU D 9 -17.35 15.63 13.19
C GLU D 9 -18.27 15.03 14.24
N GLU D 10 -18.51 15.79 15.31
CA GLU D 10 -19.21 15.31 16.50
C GLU D 10 -20.52 16.09 16.65
N ALA D 11 -21.63 15.37 16.62
CA ALA D 11 -22.93 15.98 16.44
C ALA D 11 -23.67 16.12 17.77
N PHE D 12 -24.57 17.09 17.79
CA PHE D 12 -25.47 17.33 18.89
C PHE D 12 -26.81 17.72 18.28
N ALA D 13 -27.88 17.59 19.06
CA ALA D 13 -29.21 17.99 18.62
C ALA D 13 -29.81 18.96 19.63
N LEU D 14 -30.91 19.59 19.23
CA LEU D 14 -31.64 20.47 20.15
C LEU D 14 -32.44 19.60 21.12
N PRO D 15 -32.35 19.85 22.44
CA PRO D 15 -33.15 19.05 23.38
C PRO D 15 -34.64 19.03 23.04
N ARG D 16 -35.16 20.12 22.47
CA ARG D 16 -36.59 20.21 22.19
C ARG D 16 -37.06 19.15 21.21
N HIS D 17 -36.17 18.48 20.50
CA HIS D 17 -36.57 17.43 19.56
C HIS D 17 -36.38 16.02 20.11
N GLY D 26 -38.11 9.06 16.16
CA GLY D 26 -37.45 9.43 17.40
C GLY D 26 -36.51 8.37 17.94
N LEU D 27 -36.72 7.12 17.50
CA LEU D 27 -35.87 5.99 17.88
C LEU D 27 -35.31 5.34 16.60
N PHE D 28 -33.96 5.27 16.45
CA PHE D 28 -33.38 4.86 15.16
C PHE D 28 -32.30 3.75 15.11
N ALA D 29 -31.65 3.34 16.21
CA ALA D 29 -30.52 2.39 16.12
C ALA D 29 -30.62 1.33 17.25
N ILE D 30 -29.64 0.41 17.32
CA ILE D 30 -29.62 -0.67 18.32
C ILE D 30 -29.27 -0.11 19.69
N ASP D 31 -29.90 -0.65 20.76
CA ASP D 31 -30.01 0.08 22.02
C ASP D 31 -30.11 1.60 21.82
N PRO D 32 -31.22 2.08 21.22
CA PRO D 32 -31.37 3.51 20.89
C PRO D 32 -31.35 4.46 22.08
N ASP D 33 -31.58 4.03 23.33
CA ASP D 33 -31.61 5.00 24.42
C ASP D 33 -30.27 5.68 24.62
N LYS D 34 -29.18 4.94 24.47
CA LYS D 34 -27.87 5.55 24.64
C LYS D 34 -27.62 6.64 23.60
N HIS D 35 -28.19 6.48 22.40
CA HIS D 35 -27.95 7.46 21.34
C HIS D 35 -28.69 8.79 21.55
N ALA D 36 -29.96 8.72 21.95
CA ALA D 36 -30.73 9.95 22.12
C ALA D 36 -30.22 10.78 23.29
N ALA D 37 -29.84 10.14 24.40
CA ALA D 37 -29.28 10.88 25.51
C ALA D 37 -27.91 11.47 25.15
N GLU D 38 -27.09 10.72 24.42
CA GLU D 38 -25.72 11.14 24.16
C GLU D 38 -25.66 12.30 23.16
N ILE D 39 -26.52 12.30 22.14
CA ILE D 39 -26.48 13.37 21.14
C ILE D 39 -27.12 14.68 21.63
N ASN D 40 -27.92 14.64 22.69
CA ASN D 40 -28.43 15.86 23.29
C ASN D 40 -27.48 16.44 24.34
N ASP D 41 -26.70 15.57 24.99
CA ASP D 41 -25.72 15.98 25.99
C ASP D 41 -24.53 16.71 25.38
N ILE D 42 -24.10 17.81 26.01
CA ILE D 42 -22.92 18.53 25.59
C ILE D 42 -21.80 18.51 26.64
N THR D 43 -22.14 18.52 27.94
CA THR D 43 -21.11 18.73 28.96
C THR D 43 -20.94 17.58 29.97
N GLU D 44 -21.79 16.53 29.91
CA GLU D 44 -21.79 15.45 30.89
C GLU D 44 -21.29 14.19 30.20
N GLN D 45 -22.15 13.43 29.51
CA GLN D 45 -21.73 12.22 28.77
C GLN D 45 -20.51 12.48 27.90
N ARG D 46 -20.58 13.55 27.10
CA ARG D 46 -19.59 13.82 26.06
C ARG D 46 -18.21 14.05 26.67
N ILE D 47 -18.13 14.85 27.73
CA ILE D 47 -16.81 15.12 28.27
C ILE D 47 -16.28 13.94 29.06
N LYS D 48 -17.13 13.08 29.61
CA LYS D 48 -16.55 11.98 30.38
C LYS D 48 -15.87 11.00 29.43
N TYR D 49 -16.48 10.73 28.24
CA TYR D 49 -15.83 9.87 27.24
C TYR D 49 -14.53 10.49 26.71
N MET D 50 -14.52 11.82 26.55
CA MET D 50 -13.30 12.49 26.08
C MET D 50 -12.15 12.22 27.04
N ASN D 51 -12.45 12.17 28.35
CA ASN D 51 -11.45 11.85 29.37
C ASN D 51 -11.05 10.37 29.33
N GLU D 52 -11.99 9.47 29.04
CA GLU D 52 -11.66 8.05 29.09
C GLU D 52 -10.87 7.55 27.91
N HIS D 53 -10.89 8.27 26.78
CA HIS D 53 -10.30 7.74 25.57
C HIS D 53 -9.24 8.67 24.96
N GLY D 54 -8.71 9.58 25.76
CA GLY D 54 -7.60 10.40 25.28
C GLY D 54 -7.97 11.45 24.25
N VAL D 55 -9.12 12.08 24.38
CA VAL D 55 -9.57 13.10 23.44
C VAL D 55 -9.60 14.44 24.17
N GLY D 56 -8.66 15.34 23.84
CA GLY D 56 -8.59 16.59 24.58
C GLY D 56 -9.64 17.61 24.18
N TYR D 57 -10.11 17.56 22.94
CA TYR D 57 -10.89 18.67 22.41
C TYR D 57 -11.71 18.16 21.25
N THR D 58 -12.99 18.48 21.24
CA THR D 58 -13.86 18.11 20.13
C THR D 58 -14.59 19.35 19.66
N ILE D 59 -14.75 19.47 18.34
CA ILE D 59 -15.53 20.61 17.81
C ILE D 59 -16.91 20.05 17.53
N LEU D 60 -17.94 20.64 18.14
CA LEU D 60 -19.31 20.10 18.01
C LEU D 60 -20.01 20.69 16.81
N SER D 61 -20.95 19.93 16.25
CA SER D 61 -21.68 20.37 15.04
C SER D 61 -23.14 19.93 15.16
N TYR D 62 -24.02 20.65 14.48
CA TYR D 62 -25.46 20.33 14.52
C TYR D 62 -25.79 19.14 13.60
N THR D 63 -26.47 18.17 14.18
CA THR D 63 -26.88 16.90 13.55
C THR D 63 -27.56 17.13 12.21
N ALA D 64 -27.24 16.26 11.24
CA ALA D 64 -27.81 16.32 9.88
C ALA D 64 -29.26 15.82 9.93
N PRO D 65 -30.11 16.18 8.96
CA PRO D 65 -29.79 17.19 7.96
C PRO D 65 -29.88 18.62 8.48
N GLY D 66 -30.56 18.78 9.61
CA GLY D 66 -30.71 20.08 10.28
C GLY D 66 -31.26 21.18 9.41
N VAL D 67 -30.63 22.33 9.45
CA VAL D 67 -31.07 23.52 8.68
C VAL D 67 -31.12 23.23 7.19
N GLN D 68 -30.20 22.45 6.65
CA GLN D 68 -30.23 22.20 5.19
C GLN D 68 -31.51 21.47 4.80
N ASP D 69 -32.25 20.97 5.77
CA ASP D 69 -33.51 20.32 5.40
C ASP D 69 -34.69 21.29 5.40
N VAL D 70 -34.49 22.54 5.83
CA VAL D 70 -35.59 23.49 6.02
C VAL D 70 -35.62 24.43 4.82
N TRP D 71 -36.67 24.33 4.02
CA TRP D 71 -36.71 25.07 2.77
C TRP D 71 -37.31 26.46 2.89
N ASP D 72 -37.90 26.80 4.03
CA ASP D 72 -38.44 28.14 4.21
C ASP D 72 -37.35 29.10 4.67
N PRO D 73 -37.08 30.19 3.94
CA PRO D 73 -35.97 31.05 4.34
C PRO D 73 -36.10 31.64 5.73
N LYS D 74 -37.26 32.20 6.12
CA LYS D 74 -37.24 32.76 7.48
C LYS D 74 -37.18 31.66 8.55
N GLU D 75 -37.82 30.52 8.31
CA GLU D 75 -37.77 29.44 9.29
C GLU D 75 -36.37 28.82 9.37
N ALA D 76 -35.64 28.78 8.26
CA ALA D 76 -34.27 28.28 8.25
C ALA D 76 -33.32 29.22 8.96
N GLN D 77 -33.37 30.52 8.61
CA GLN D 77 -32.52 31.48 9.32
C GLN D 77 -32.76 31.41 10.81
N ALA D 78 -34.02 31.28 11.21
CA ALA D 78 -34.33 31.31 12.63
C ALA D 78 -33.73 30.12 13.36
N LEU D 79 -33.95 28.91 12.83
CA LEU D 79 -33.38 27.73 13.49
C LEU D 79 -31.87 27.82 13.57
N ALA D 80 -31.24 28.31 12.50
CA ALA D 80 -29.78 28.44 12.51
C ALA D 80 -29.32 29.37 13.64
N VAL D 81 -29.96 30.54 13.76
CA VAL D 81 -29.61 31.44 14.86
C VAL D 81 -29.97 30.81 16.19
N GLU D 82 -31.10 30.10 16.26
CA GLU D 82 -31.42 29.38 17.48
C GLU D 82 -30.31 28.41 17.85
N VAL D 83 -29.91 27.55 16.89
CA VAL D 83 -28.92 26.52 17.18
C VAL D 83 -27.58 27.15 17.56
N ASN D 84 -27.13 28.18 16.82
CA ASN D 84 -25.84 28.77 17.13
C ASN D 84 -25.82 29.34 18.54
N ASP D 85 -26.80 30.18 18.86
CA ASP D 85 -26.86 30.82 20.20
C ASP D 85 -26.96 29.76 21.29
N TYR D 86 -27.57 28.63 20.99
CA TYR D 86 -27.79 27.59 22.04
C TYR D 86 -26.50 26.84 22.35
N ILE D 87 -25.74 26.50 21.33
CA ILE D 87 -24.52 25.65 21.55
C ILE D 87 -23.40 26.50 22.11
N ALA D 88 -23.36 27.78 21.74
CA ALA D 88 -22.31 28.71 22.22
C ALA D 88 -22.40 28.87 23.74
N ASP D 89 -23.62 28.85 24.29
CA ASP D 89 -23.89 28.98 25.74
C ASP D 89 -23.71 27.60 26.40
N ALA D 90 -24.17 26.55 25.75
CA ALA D 90 -24.08 25.18 26.29
C ALA D 90 -22.64 24.70 26.51
N ILE D 91 -21.69 25.20 25.73
CA ILE D 91 -20.26 24.81 25.83
C ILE D 91 -19.46 25.94 26.47
N LYS D 92 -20.13 26.99 26.95
CA LYS D 92 -19.39 28.15 27.52
C LYS D 92 -18.46 27.76 28.67
N ALA D 93 -18.87 26.82 29.52
CA ALA D 93 -18.08 26.47 30.71
C ALA D 93 -16.82 25.70 30.38
N HIS D 94 -16.74 25.07 29.20
CA HIS D 94 -15.57 24.22 28.90
C HIS D 94 -14.87 24.59 27.60
N PRO D 95 -14.30 25.80 27.47
CA PRO D 95 -13.67 26.20 26.22
C PRO D 95 -12.27 25.62 25.98
N ASP D 96 -11.74 24.84 26.91
CA ASP D 96 -10.43 24.21 26.66
C ASP D 96 -10.67 22.79 26.17
N ARG D 97 -11.94 22.39 26.05
CA ARG D 97 -12.33 21.02 25.64
C ARG D 97 -13.40 21.04 24.54
N LEU D 98 -14.32 22.00 24.56
CA LEU D 98 -15.42 22.05 23.56
C LEU D 98 -15.30 23.23 22.60
N GLY D 99 -15.54 22.98 21.31
CA GLY D 99 -15.54 24.00 20.25
C GLY D 99 -16.78 23.84 19.38
N ALA D 100 -17.07 24.79 18.52
CA ALA D 100 -18.32 24.60 17.76
C ALA D 100 -18.25 25.11 16.34
N PHE D 101 -18.88 24.39 15.42
CA PHE D 101 -19.09 24.91 14.07
C PHE D 101 -20.43 25.62 14.00
N ALA D 102 -20.46 26.69 13.22
CA ALA D 102 -21.70 27.40 12.94
C ALA D 102 -22.66 26.50 12.17
N THR D 103 -23.94 26.56 12.54
CA THR D 103 -25.05 26.08 11.74
C THR D 103 -25.56 27.23 10.87
N LEU D 104 -25.87 26.96 9.60
CA LEU D 104 -26.22 28.07 8.73
C LEU D 104 -27.41 27.73 7.86
N SER D 105 -28.24 28.73 7.61
CA SER D 105 -29.16 28.67 6.49
C SER D 105 -28.40 29.11 5.25
N MET D 106 -28.31 28.22 4.27
CA MET D 106 -27.62 28.50 3.02
C MET D 106 -28.59 28.84 1.90
N HIS D 107 -29.62 29.62 2.22
CA HIS D 107 -30.60 30.08 1.21
C HIS D 107 -30.08 31.36 0.56
N ASP D 108 -29.50 32.23 1.37
CA ASP D 108 -28.96 33.51 0.87
C ASP D 108 -27.49 33.60 1.25
N PRO D 109 -26.58 33.78 0.28
CA PRO D 109 -25.17 33.85 0.58
C PRO D 109 -24.83 35.01 1.51
N LYS D 110 -25.41 36.17 1.27
CA LYS D 110 -25.07 37.34 2.10
C LYS D 110 -25.65 37.16 3.51
N GLU D 111 -26.79 36.49 3.63
CA GLU D 111 -27.36 36.27 4.97
C GLU D 111 -26.54 35.19 5.68
N ALA D 112 -26.09 34.16 4.98
CA ALA D 112 -25.32 33.08 5.61
C ALA D 112 -23.97 33.64 6.01
N ALA D 113 -23.41 34.50 5.19
CA ALA D 113 -22.09 35.08 5.52
C ALA D 113 -22.19 35.87 6.80
N GLU D 114 -23.25 36.65 6.94
CA GLU D 114 -23.52 37.50 8.12
C GLU D 114 -23.60 36.65 9.39
N GLU D 115 -24.38 35.56 9.35
CA GLU D 115 -24.56 34.68 10.53
C GLU D 115 -23.26 33.95 10.82
N LEU D 116 -22.53 33.58 9.79
CA LEU D 116 -21.23 32.92 10.07
C LEU D 116 -20.38 33.98 10.76
N ARG D 117 -20.33 35.17 10.20
CA ARG D 117 -19.52 36.25 10.79
C ARG D 117 -19.95 36.46 12.23
N ARG D 118 -21.24 36.67 12.51
CA ARG D 118 -21.73 36.91 13.85
C ARG D 118 -21.17 35.84 14.81
N VAL D 119 -21.37 34.56 14.49
CA VAL D 119 -21.09 33.56 15.52
C VAL D 119 -19.59 33.32 15.67
N VAL D 120 -18.81 33.45 14.59
CA VAL D 120 -17.36 33.39 14.73
C VAL D 120 -16.87 34.57 15.56
N THR D 121 -17.46 35.74 15.34
CA THR D 121 -17.02 36.96 16.03
C THR D 121 -17.52 37.00 17.46
N LYS D 122 -18.76 36.60 17.68
CA LYS D 122 -19.29 36.71 19.02
C LYS D 122 -18.96 35.49 19.88
N TYR D 123 -18.93 34.31 19.30
CA TYR D 123 -18.80 33.08 20.07
C TYR D 123 -17.50 32.31 19.85
N GLY D 124 -16.66 32.71 18.89
CA GLY D 124 -15.45 31.94 18.66
C GLY D 124 -15.65 30.56 18.05
N PHE D 125 -16.66 30.39 17.21
CA PHE D 125 -16.86 29.14 16.49
C PHE D 125 -15.67 28.85 15.58
N LYS D 126 -15.45 27.55 15.31
CA LYS D 126 -14.23 27.15 14.61
C LYS D 126 -14.38 27.17 13.09
N GLY D 127 -15.58 27.35 12.58
CA GLY D 127 -15.84 27.32 11.15
C GLY D 127 -17.32 27.08 10.95
N ALA D 128 -17.67 26.53 9.79
CA ALA D 128 -19.06 26.17 9.48
C ALA D 128 -19.14 24.71 9.10
N LEU D 129 -20.23 24.04 9.49
CA LEU D 129 -20.56 22.71 8.99
C LEU D 129 -21.95 22.77 8.36
N VAL D 130 -22.03 22.47 7.06
CA VAL D 130 -23.27 22.52 6.30
C VAL D 130 -23.51 21.15 5.68
N ASN D 131 -24.77 20.69 5.74
CA ASN D 131 -25.13 19.32 5.36
C ASN D 131 -25.52 19.29 3.89
N ASP D 132 -24.49 19.31 3.05
CA ASP D 132 -24.56 19.24 1.59
C ASP D 132 -25.44 20.41 1.15
N THR D 133 -26.28 20.23 0.13
CA THR D 133 -27.06 21.31 -0.46
C THR D 133 -28.26 21.66 0.42
N GLN D 134 -28.71 22.90 0.23
CA GLN D 134 -29.84 23.47 1.01
C GLN D 134 -31.15 23.25 0.30
N ARG D 135 -32.11 22.62 0.98
CA ARG D 135 -33.46 22.39 0.44
C ARG D 135 -34.09 23.76 0.20
N ALA D 136 -34.74 23.93 -0.92
CA ALA D 136 -35.30 25.26 -1.24
C ALA D 136 -36.48 25.11 -2.20
N GLY D 137 -37.24 26.18 -2.38
CA GLY D 137 -38.37 26.13 -3.32
C GLY D 137 -39.68 25.70 -2.67
N ALA D 138 -40.79 26.08 -3.29
CA ALA D 138 -42.13 25.72 -2.78
C ALA D 138 -42.17 24.21 -2.57
N ASP D 139 -42.37 23.79 -1.32
CA ASP D 139 -42.48 22.37 -0.87
C ASP D 139 -41.12 21.69 -0.72
N GLY D 140 -40.01 22.38 -1.02
CA GLY D 140 -38.66 21.82 -0.88
C GLY D 140 -38.28 20.86 -1.97
N ASP D 141 -38.70 21.11 -3.20
CA ASP D 141 -38.36 20.21 -4.33
C ASP D 141 -37.13 20.75 -5.05
N ASP D 142 -36.54 21.81 -4.54
CA ASP D 142 -35.33 22.36 -5.18
C ASP D 142 -34.17 22.32 -4.19
N MET D 143 -32.96 22.54 -4.67
CA MET D 143 -31.81 22.58 -3.76
C MET D 143 -30.92 23.74 -4.17
N ILE D 144 -30.17 24.28 -3.23
CA ILE D 144 -29.26 25.39 -3.59
C ILE D 144 -27.83 24.85 -3.61
N PHE D 145 -27.09 25.17 -4.66
CA PHE D 145 -25.66 24.81 -4.78
C PHE D 145 -24.90 26.09 -4.44
N TYR D 146 -23.68 25.94 -3.98
CA TYR D 146 -22.91 27.08 -3.51
C TYR D 146 -21.68 27.38 -4.35
N ASP D 147 -21.61 26.89 -5.58
CA ASP D 147 -20.38 27.08 -6.33
C ASP D 147 -20.45 28.18 -7.38
N GLY D 148 -21.62 28.77 -7.58
CA GLY D 148 -21.81 29.87 -8.52
C GLY D 148 -21.22 31.18 -8.04
N PRO D 149 -21.11 32.19 -8.93
CA PRO D 149 -20.45 33.44 -8.51
C PRO D 149 -21.21 34.16 -7.40
N GLU D 150 -22.53 33.98 -7.33
CA GLU D 150 -23.28 34.72 -6.33
C GLU D 150 -22.86 34.37 -4.90
N TRP D 151 -22.10 33.29 -4.71
CA TRP D 151 -21.63 32.88 -3.39
C TRP D 151 -20.24 33.41 -3.07
N ASP D 152 -19.57 34.08 -4.01
CA ASP D 152 -18.26 34.64 -3.69
C ASP D 152 -18.32 35.48 -2.41
N VAL D 153 -19.42 36.22 -2.21
CA VAL D 153 -19.48 37.06 -1.02
C VAL D 153 -19.45 36.19 0.23
N PHE D 154 -20.00 34.98 0.16
CA PHE D 154 -19.94 34.07 1.30
C PHE D 154 -18.53 33.50 1.47
N TRP D 155 -17.92 33.03 0.38
CA TRP D 155 -16.61 32.40 0.51
C TRP D 155 -15.54 33.39 0.93
N SER D 156 -15.65 34.65 0.50
CA SER D 156 -14.71 35.67 0.97
C SER D 156 -14.91 35.94 2.44
N THR D 157 -16.16 35.88 2.92
CA THR D 157 -16.38 35.93 4.36
C THR D 157 -15.73 34.73 5.04
N VAL D 158 -15.89 33.54 4.47
CA VAL D 158 -15.28 32.34 5.06
C VAL D 158 -13.76 32.48 5.10
N THR D 159 -13.16 32.90 3.98
CA THR D 159 -11.71 33.05 4.01
C THR D 159 -11.26 34.24 4.83
N ASP D 160 -12.04 35.33 4.90
CA ASP D 160 -11.63 36.46 5.73
C ASP D 160 -11.57 36.06 7.20
N LEU D 161 -12.60 35.37 7.69
CA LEU D 161 -12.55 34.83 9.04
C LEU D 161 -11.47 33.77 9.14
N ASP D 162 -11.04 33.22 8.01
CA ASP D 162 -10.00 32.19 7.96
C ASP D 162 -10.36 30.98 8.82
N VAL D 163 -11.57 30.47 8.60
CA VAL D 163 -12.06 29.27 9.28
C VAL D 163 -12.44 28.26 8.21
N PRO D 164 -12.32 26.97 8.49
CA PRO D 164 -12.69 25.96 7.49
C PRO D 164 -14.20 25.81 7.38
N PHE D 165 -14.60 25.17 6.28
CA PHE D 165 -16.00 24.88 5.98
C PHE D 165 -16.11 23.38 5.79
N TYR D 166 -16.93 22.75 6.60
CA TYR D 166 -17.07 21.31 6.64
C TYR D 166 -18.29 20.92 5.82
N LEU D 167 -18.08 20.19 4.74
CA LEU D 167 -19.17 19.78 3.82
C LEU D 167 -19.55 18.35 4.18
N HIS D 168 -20.61 18.20 4.99
CA HIS D 168 -21.21 17.02 5.58
C HIS D 168 -22.32 16.45 4.71
N PRO D 169 -22.49 15.13 4.71
CA PRO D 169 -23.59 14.53 3.94
C PRO D 169 -24.94 14.97 4.46
N ARG D 170 -25.94 14.69 3.66
CA ARG D 170 -27.36 14.97 3.96
C ARG D 170 -28.18 13.89 3.27
N ASN D 171 -29.29 13.49 3.88
CA ASN D 171 -30.29 12.56 3.30
C ASN D 171 -30.49 12.88 1.83
N PRO D 172 -30.28 11.96 0.89
CA PRO D 172 -30.42 12.26 -0.52
C PRO D 172 -31.86 12.54 -0.99
N THR D 173 -31.94 13.11 -2.19
CA THR D 173 -33.18 13.45 -2.91
C THR D 173 -34.14 12.27 -2.85
N GLY D 174 -35.41 12.54 -2.57
CA GLY D 174 -36.39 11.44 -2.56
C GLY D 174 -36.83 11.05 -3.96
N SER D 175 -37.53 9.94 -4.07
CA SER D 175 -38.04 9.51 -5.38
C SER D 175 -39.21 8.56 -5.17
N ILE D 176 -39.62 8.36 -3.91
CA ILE D 176 -40.70 7.44 -3.47
C ILE D 176 -40.25 5.98 -3.61
N HIS D 177 -40.07 5.49 -4.83
CA HIS D 177 -39.57 4.12 -5.08
C HIS D 177 -38.14 4.01 -4.57
N GLU D 178 -37.32 5.01 -4.91
CA GLU D 178 -35.91 5.00 -4.48
C GLU D 178 -35.83 5.00 -2.95
N LYS D 179 -36.63 5.82 -2.29
CA LYS D 179 -36.60 5.87 -0.81
C LYS D 179 -37.10 4.54 -0.23
N LEU D 180 -38.17 4.00 -0.79
CA LEU D 180 -38.75 2.74 -0.28
C LEU D 180 -37.75 1.61 -0.50
N TRP D 181 -37.16 1.53 -1.69
CA TRP D 181 -36.18 0.47 -2.02
C TRP D 181 -35.00 0.53 -1.05
N ALA D 182 -34.52 1.73 -0.74
CA ALA D 182 -33.38 1.95 0.16
C ALA D 182 -33.71 1.54 1.58
N LYS D 183 -34.93 1.84 2.01
CA LYS D 183 -35.35 1.58 3.37
C LYS D 183 -35.89 0.16 3.57
N ARG D 184 -36.06 -0.60 2.50
CA ARG D 184 -36.35 -2.06 2.65
C ARG D 184 -35.05 -2.81 2.45
N SER D 185 -34.05 -2.20 1.81
CA SER D 185 -32.74 -2.79 1.47
C SER D 185 -31.68 -2.55 2.54
N TRP D 186 -32.04 -1.86 3.63
CA TRP D 186 -31.17 -1.57 4.79
C TRP D 186 -29.97 -0.69 4.44
N LEU D 187 -30.00 0.03 3.34
CA LEU D 187 -28.86 0.88 2.90
C LEU D 187 -29.19 2.34 3.17
N ILE D 188 -30.28 2.59 3.90
CA ILE D 188 -30.67 4.01 4.09
C ILE D 188 -30.12 4.63 5.37
N GLY D 189 -29.80 5.92 5.29
CA GLY D 189 -29.43 6.74 6.44
C GLY D 189 -27.98 6.71 6.86
N PRO D 190 -27.66 7.45 7.93
CA PRO D 190 -26.32 7.50 8.48
C PRO D 190 -26.13 6.40 9.52
N PRO D 191 -24.88 5.99 9.85
CA PRO D 191 -23.70 6.74 9.51
C PRO D 191 -23.15 6.33 8.14
N LEU D 192 -23.81 5.40 7.47
CA LEU D 192 -23.30 5.07 6.12
C LEU D 192 -23.64 6.24 5.21
N SER D 193 -24.92 6.61 5.07
CA SER D 193 -25.30 7.67 4.09
C SER D 193 -24.61 7.36 2.76
N PHE D 194 -24.84 6.17 2.21
CA PHE D 194 -24.15 5.70 0.99
C PHE D 194 -24.52 6.54 -0.23
N ALA D 195 -25.73 7.09 -0.25
CA ALA D 195 -26.12 7.93 -1.40
C ALA D 195 -25.73 9.38 -1.10
N GLN D 196 -24.54 9.61 -0.54
CA GLN D 196 -24.19 11.01 -0.24
C GLN D 196 -23.91 11.78 -1.54
N GLY D 197 -24.16 13.09 -1.55
CA GLY D 197 -23.89 13.88 -2.74
C GLY D 197 -22.66 14.73 -2.53
N VAL D 198 -22.04 14.62 -1.36
CA VAL D 198 -20.86 15.45 -1.01
C VAL D 198 -19.75 15.26 -2.04
N SER D 199 -19.49 14.03 -2.47
CA SER D 199 -18.43 13.75 -3.45
C SER D 199 -18.62 14.60 -4.70
N LEU D 200 -19.81 14.52 -5.29
CA LEU D 200 -20.16 15.27 -6.52
C LEU D 200 -20.06 16.78 -6.27
N HIS D 201 -20.64 17.26 -5.19
CA HIS D 201 -20.65 18.71 -4.88
C HIS D 201 -19.24 19.22 -4.56
N ALA D 202 -18.47 18.47 -3.81
CA ALA D 202 -17.10 18.91 -3.52
C ALA D 202 -16.34 19.06 -4.83
N LEU D 203 -16.49 18.09 -5.73
CA LEU D 203 -15.79 18.21 -6.99
C LEU D 203 -16.32 19.35 -7.81
N GLY D 204 -17.61 19.68 -7.63
CA GLY D 204 -18.15 20.84 -8.31
C GLY D 204 -17.46 22.11 -7.91
N MET D 205 -17.21 22.28 -6.61
CA MET D 205 -16.52 23.48 -6.17
C MET D 205 -15.20 23.65 -6.90
N VAL D 206 -14.52 22.55 -7.24
CA VAL D 206 -13.31 22.64 -8.05
C VAL D 206 -13.62 23.09 -9.48
N THR D 207 -14.48 22.35 -10.18
CA THR D 207 -14.71 22.59 -11.61
C THR D 207 -15.43 23.91 -11.88
N ASN D 208 -16.20 24.43 -10.92
CA ASN D 208 -16.84 25.72 -11.08
C ASN D 208 -16.02 26.86 -10.52
N GLY D 209 -14.76 26.59 -10.13
CA GLY D 209 -13.84 27.65 -9.82
C GLY D 209 -13.92 28.24 -8.42
N VAL D 210 -14.68 27.65 -7.49
CA VAL D 210 -14.69 28.21 -6.14
C VAL D 210 -13.28 28.32 -5.58
N PHE D 211 -12.45 27.28 -5.76
CA PHE D 211 -11.09 27.40 -5.21
C PHE D 211 -10.20 28.28 -6.08
N ASP D 212 -10.54 28.49 -7.34
CA ASP D 212 -9.81 29.46 -8.13
C ASP D 212 -10.15 30.88 -7.67
N ARG D 213 -11.43 31.14 -7.40
CA ARG D 213 -11.80 32.47 -6.92
C ARG D 213 -11.47 32.66 -5.45
N HIS D 214 -11.27 31.59 -4.69
CA HIS D 214 -11.01 31.69 -3.26
C HIS D 214 -9.86 30.78 -2.90
N PRO D 215 -8.66 31.13 -3.34
CA PRO D 215 -7.53 30.20 -3.19
C PRO D 215 -7.22 29.87 -1.75
N LYS D 216 -7.74 30.61 -0.76
CA LYS D 216 -7.43 30.30 0.63
C LYS D 216 -8.52 29.54 1.34
N LEU D 217 -9.64 29.24 0.65
CA LEU D 217 -10.73 28.55 1.31
C LEU D 217 -10.31 27.13 1.71
N GLN D 218 -10.71 26.71 2.92
CA GLN D 218 -10.43 25.37 3.44
C GLN D 218 -11.73 24.59 3.62
N ILE D 219 -11.91 23.51 2.83
CA ILE D 219 -13.10 22.65 2.90
C ILE D 219 -12.72 21.31 3.51
N VAL D 220 -13.53 20.82 4.44
CA VAL D 220 -13.27 19.57 5.14
C VAL D 220 -14.31 18.53 4.75
N LEU D 221 -13.83 17.31 4.44
CA LEU D 221 -14.69 16.20 4.04
C LEU D 221 -14.58 15.05 5.03
N GLY D 222 -15.72 14.44 5.35
CA GLY D 222 -15.76 13.29 6.23
C GLY D 222 -15.57 11.97 5.51
N HIS D 223 -15.63 10.90 6.30
CA HIS D 223 -15.57 9.53 5.80
C HIS D 223 -14.35 9.33 4.90
N LEU D 224 -13.22 9.88 5.35
CA LEU D 224 -11.95 9.80 4.64
C LEU D 224 -12.10 10.31 3.22
N GLY D 225 -12.95 11.30 3.02
CA GLY D 225 -13.07 11.95 1.74
C GLY D 225 -14.21 11.47 0.87
N GLU D 226 -15.16 10.73 1.44
CA GLU D 226 -16.29 10.22 0.66
C GLU D 226 -15.80 9.60 -0.64
N HIS D 227 -14.86 8.66 -0.51
CA HIS D 227 -14.30 7.86 -1.61
C HIS D 227 -13.54 8.63 -2.70
N ILE D 228 -13.44 9.96 -2.62
CA ILE D 228 -12.69 10.69 -3.62
C ILE D 228 -11.26 10.18 -3.65
N PRO D 229 -10.62 9.88 -2.53
CA PRO D 229 -9.26 9.35 -2.63
C PRO D 229 -9.21 8.07 -3.43
N PHE D 230 -10.20 7.22 -3.28
CA PHE D 230 -10.21 5.95 -4.05
C PHE D 230 -10.26 6.26 -5.55
N ASP D 231 -10.87 7.38 -5.91
CA ASP D 231 -11.07 7.76 -7.33
C ASP D 231 -10.17 8.92 -7.72
N MET D 232 -9.19 9.27 -6.90
CA MET D 232 -8.27 10.38 -7.24
C MET D 232 -7.61 10.16 -8.61
N TRP D 233 -7.19 8.94 -8.95
CA TRP D 233 -6.58 8.72 -10.28
C TRP D 233 -7.59 9.00 -11.37
N ARG D 234 -8.83 8.54 -11.20
CA ARG D 234 -9.88 8.72 -12.23
C ARG D 234 -10.22 10.20 -12.38
N ILE D 235 -10.33 10.92 -11.28
CA ILE D 235 -10.68 12.35 -11.34
C ILE D 235 -9.54 13.14 -11.97
N ASN D 236 -8.31 12.84 -11.63
CA ASN D 236 -7.16 13.58 -12.20
C ASN D 236 -7.13 13.40 -13.70
N HIS D 237 -7.34 12.16 -14.14
CA HIS D 237 -7.34 11.74 -15.55
C HIS D 237 -8.50 12.40 -16.29
N TRP D 238 -9.61 12.56 -15.60
CA TRP D 238 -10.83 13.22 -16.10
C TRP D 238 -10.52 14.69 -16.33
N PHE D 239 -9.90 15.35 -15.36
CA PHE D 239 -9.56 16.75 -15.53
C PHE D 239 -8.48 16.92 -16.57
N GLU D 240 -7.33 16.30 -16.34
CA GLU D 240 -6.18 16.58 -17.18
C GLU D 240 -6.28 15.96 -18.57
N ASP D 241 -6.91 14.81 -18.72
CA ASP D 241 -6.80 14.16 -20.06
C ASP D 241 -8.09 14.19 -20.86
N ILE D 242 -9.21 14.57 -20.28
CA ILE D 242 -10.48 14.54 -21.06
C ILE D 242 -11.17 15.90 -21.05
N LYS D 243 -11.50 16.41 -19.86
CA LYS D 243 -12.27 17.66 -19.71
C LYS D 243 -11.43 18.92 -19.96
N LYS D 244 -10.24 19.00 -19.41
CA LYS D 244 -9.44 20.22 -19.64
C LYS D 244 -9.19 20.40 -21.14
N PRO D 245 -8.82 19.37 -21.92
CA PRO D 245 -8.60 19.51 -23.35
C PRO D 245 -9.91 19.80 -24.13
N LEU D 246 -11.04 19.41 -23.56
CA LEU D 246 -12.38 19.69 -24.11
C LEU D 246 -12.80 21.12 -23.76
N GLY D 247 -12.17 21.78 -22.80
CA GLY D 247 -12.65 23.13 -22.50
C GLY D 247 -12.74 23.48 -21.02
N LEU D 248 -12.64 22.52 -20.10
CA LEU D 248 -12.67 22.87 -18.66
C LEU D 248 -11.51 23.81 -18.38
N SER D 249 -11.76 24.88 -17.63
CA SER D 249 -10.81 25.97 -17.49
C SER D 249 -10.27 26.15 -16.06
N CYS D 250 -10.73 25.38 -15.05
CA CYS D 250 -10.13 25.46 -13.71
C CYS D 250 -8.59 25.40 -13.79
N LYS D 251 -7.93 26.17 -12.93
CA LYS D 251 -6.50 26.47 -13.11
C LYS D 251 -5.51 25.41 -12.59
N LEU D 252 -5.90 24.60 -11.60
CA LEU D 252 -5.01 23.62 -10.98
C LEU D 252 -5.50 22.19 -11.23
N THR D 253 -4.66 21.21 -10.85
CA THR D 253 -5.09 19.82 -10.89
C THR D 253 -5.86 19.49 -9.62
N ILE D 254 -6.61 18.38 -9.68
CA ILE D 254 -7.36 17.94 -8.50
C ILE D 254 -6.41 17.65 -7.33
N ARG D 255 -5.23 17.13 -7.62
CA ARG D 255 -4.32 16.85 -6.52
C ARG D 255 -3.84 18.14 -5.89
N GLU D 256 -3.60 19.19 -6.72
CA GLU D 256 -3.16 20.46 -6.17
C GLU D 256 -4.26 21.08 -5.31
N TYR D 257 -5.53 21.01 -5.75
CA TYR D 257 -6.62 21.48 -4.91
C TYR D 257 -6.69 20.68 -3.61
N PHE D 258 -6.51 19.36 -3.68
CA PHE D 258 -6.51 18.60 -2.43
C PHE D 258 -5.37 19.02 -1.55
N ALA D 259 -4.27 19.46 -2.13
CA ALA D 259 -3.17 19.88 -1.29
C ALA D 259 -3.40 21.27 -0.70
N ARG D 260 -4.15 22.13 -1.38
CA ARG D 260 -4.27 23.48 -0.89
C ARG D 260 -5.58 23.76 -0.20
N ASN D 261 -6.67 23.08 -0.57
CA ASN D 261 -7.97 23.55 -0.11
C ASN D 261 -8.82 22.53 0.60
N LEU D 262 -8.53 21.22 0.49
CA LEU D 262 -9.45 20.20 1.02
C LEU D 262 -8.82 19.46 2.20
N TRP D 263 -9.69 18.89 3.03
CA TRP D 263 -9.27 18.04 4.15
C TRP D 263 -10.21 16.83 4.23
N ILE D 264 -9.66 15.69 4.67
CA ILE D 264 -10.48 14.53 4.97
C ILE D 264 -10.27 14.18 6.43
N THR D 265 -11.32 13.66 7.04
CA THR D 265 -11.32 13.19 8.41
C THR D 265 -11.58 11.68 8.43
N THR D 266 -11.33 11.09 9.59
CA THR D 266 -11.54 9.65 9.78
C THR D 266 -12.93 9.31 10.27
N SER D 267 -13.87 10.27 10.23
CA SER D 267 -15.23 10.03 10.71
C SER D 267 -15.81 8.75 10.15
N GLY D 268 -16.29 7.90 11.04
CA GLY D 268 -16.98 6.65 10.76
C GLY D 268 -16.20 5.72 9.86
N HIS D 269 -14.88 5.87 9.80
CA HIS D 269 -14.09 5.05 8.87
C HIS D 269 -12.74 4.66 9.50
N PHE D 270 -12.78 3.73 10.45
CA PHE D 270 -11.63 3.39 11.30
C PHE D 270 -10.81 2.22 10.72
N SER D 271 -10.34 2.38 9.48
CA SER D 271 -9.73 1.31 8.71
C SER D 271 -8.25 1.63 8.55
N THR D 272 -7.38 0.83 9.15
CA THR D 272 -5.95 1.11 9.00
C THR D 272 -5.51 1.05 7.54
N SER D 273 -5.97 0.04 6.80
CA SER D 273 -5.53 -0.11 5.43
C SER D 273 -6.03 1.07 4.59
N THR D 274 -7.29 1.49 4.78
CA THR D 274 -7.74 2.65 4.02
C THR D 274 -6.94 3.90 4.39
N LEU D 275 -6.67 4.10 5.68
CA LEU D 275 -5.89 5.28 6.07
C LEU D 275 -4.57 5.29 5.36
N GLN D 276 -3.87 4.15 5.36
CA GLN D 276 -2.59 4.08 4.67
C GLN D 276 -2.78 4.31 3.20
N PHE D 277 -3.89 3.84 2.64
CA PHE D 277 -4.16 4.18 1.25
C PHE D 277 -4.25 5.69 1.09
N CYS D 278 -4.77 6.39 2.10
CA CYS D 278 -4.93 7.82 1.92
C CYS D 278 -3.64 8.61 2.20
N LEU D 279 -2.68 8.06 2.98
CA LEU D 279 -1.36 8.71 3.03
C LEU D 279 -0.80 8.91 1.63
N GLY D 280 -1.10 7.98 0.72
CA GLY D 280 -0.62 8.14 -0.63
C GLY D 280 -1.51 9.11 -1.36
N GLU D 281 -2.82 8.90 -1.30
CA GLU D 281 -3.70 9.67 -2.18
C GLU D 281 -3.90 11.09 -1.70
N VAL D 282 -3.85 11.30 -0.39
CA VAL D 282 -4.13 12.59 0.21
C VAL D 282 -2.92 13.11 0.99
N GLY D 283 -2.41 12.31 1.91
CA GLY D 283 -1.24 12.68 2.69
C GLY D 283 -1.59 13.03 4.12
N ALA D 284 -0.70 12.66 5.04
CA ALA D 284 -0.94 12.84 6.47
C ALA D 284 -1.19 14.30 6.84
N ASP D 285 -0.62 15.25 6.09
CA ASP D 285 -0.79 16.66 6.43
C ASP D 285 -2.22 17.16 6.25
N ARG D 286 -3.10 16.39 5.58
CA ARG D 286 -4.45 16.83 5.30
C ARG D 286 -5.50 15.85 5.79
N ILE D 287 -5.16 15.00 6.77
CA ILE D 287 -6.09 14.03 7.35
C ILE D 287 -6.24 14.39 8.83
N LEU D 288 -7.48 14.47 9.29
CA LEU D 288 -7.78 14.84 10.66
C LEU D 288 -8.56 13.70 11.27
N PHE D 289 -8.17 13.31 12.47
CA PHE D 289 -9.00 12.39 13.23
C PHE D 289 -10.37 12.99 13.43
N SER D 290 -11.38 12.12 13.41
CA SER D 290 -12.73 12.49 13.82
C SER D 290 -13.47 11.18 14.01
N ILE D 291 -14.58 11.24 14.74
CA ILE D 291 -15.23 10.03 15.21
C ILE D 291 -16.60 9.83 14.57
N ASP D 292 -17.36 10.91 14.40
CA ASP D 292 -18.78 10.84 14.07
C ASP D 292 -19.60 10.44 15.30
N TYR D 293 -19.23 11.00 16.48
CA TYR D 293 -20.03 10.84 17.69
C TYR D 293 -21.35 11.60 17.57
N PRO D 294 -22.47 11.02 18.05
CA PRO D 294 -22.58 9.70 18.69
C PRO D 294 -23.01 8.56 17.74
N PHE D 295 -23.15 8.86 16.45
CA PHE D 295 -23.44 7.81 15.49
C PHE D 295 -22.37 6.72 15.53
N GLU D 296 -21.12 7.10 15.78
CA GLU D 296 -20.07 6.18 16.18
C GLU D 296 -19.73 6.46 17.64
N ASN D 297 -19.18 5.47 18.33
CA ASN D 297 -18.82 5.64 19.73
C ASN D 297 -17.31 5.86 19.90
N PHE D 298 -16.95 6.51 21.00
CA PHE D 298 -15.55 6.88 21.22
C PHE D 298 -14.64 5.66 21.23
N SER D 299 -15.08 4.56 21.83
CA SER D 299 -14.15 3.46 22.09
C SER D 299 -13.75 2.79 20.78
N ASP D 300 -14.69 2.60 19.87
CA ASP D 300 -14.30 2.11 18.56
C ASP D 300 -13.34 3.10 17.90
N ALA D 301 -13.65 4.40 17.96
CA ALA D 301 -12.82 5.38 17.25
C ALA D 301 -11.43 5.50 17.87
N CYS D 302 -11.35 5.60 19.19
CA CYS D 302 -10.05 5.90 19.80
C CYS D 302 -9.25 4.68 20.13
N THR D 303 -9.90 3.55 20.38
CA THR D 303 -9.13 2.30 20.43
C THR D 303 -8.43 2.05 19.10
N TRP D 304 -9.14 2.25 17.98
CA TRP D 304 -8.49 2.10 16.67
C TRP D 304 -7.28 3.04 16.54
N TYR D 305 -7.49 4.34 16.80
CA TYR D 305 -6.45 5.34 16.51
C TYR D 305 -5.24 5.15 17.41
N ASP D 306 -5.48 5.00 18.72
CA ASP D 306 -4.39 4.79 19.67
C ASP D 306 -3.51 3.61 19.26
N GLY D 307 -4.09 2.57 18.67
CA GLY D 307 -3.32 1.42 18.28
C GLY D 307 -2.63 1.45 16.93
N LEU D 308 -2.73 2.54 16.16
CA LEU D 308 -2.18 2.56 14.80
C LEU D 308 -0.66 2.37 14.79
N ALA D 309 -0.19 1.37 14.03
CA ALA D 309 1.25 1.13 13.86
C ALA D 309 1.76 1.82 12.59
N ILE D 310 1.70 3.16 12.61
CA ILE D 310 2.23 3.96 11.52
C ILE D 310 3.29 4.89 12.09
N ASN D 311 4.05 5.50 11.19
CA ASN D 311 5.14 6.36 11.64
C ASN D 311 4.62 7.39 12.61
N ASP D 312 5.53 7.83 13.49
CA ASP D 312 5.17 8.62 14.66
C ASP D 312 4.69 10.02 14.28
N VAL D 313 5.42 10.68 13.37
CA VAL D 313 5.02 12.03 12.97
C VAL D 313 3.59 12.02 12.42
N ASP D 314 3.27 11.17 11.45
CA ASP D 314 1.89 11.19 10.92
C ASP D 314 0.82 10.86 11.97
N LYS D 315 1.13 10.04 12.95
CA LYS D 315 0.14 9.71 13.99
C LYS D 315 -0.20 10.94 14.81
N ARG D 316 0.79 11.76 15.17
CA ARG D 316 0.49 12.95 15.99
C ARG D 316 -0.09 14.04 15.11
N LYS D 317 0.20 14.03 13.83
CA LYS D 317 -0.36 15.07 12.96
C LYS D 317 -1.85 14.83 12.76
N ILE D 318 -2.22 13.58 12.50
CA ILE D 318 -3.63 13.22 12.20
C ILE D 318 -4.46 13.18 13.47
N GLY D 319 -3.84 12.82 14.59
CA GLY D 319 -4.54 12.75 15.87
C GLY D 319 -4.81 14.09 16.50
N LYS D 320 -3.94 15.07 16.33
CA LYS D 320 -4.20 16.37 16.97
C LYS D 320 -3.44 17.53 16.32
N ASP D 321 -2.17 17.31 15.98
CA ASP D 321 -1.32 18.40 15.47
C ASP D 321 -1.90 19.11 14.25
N ASN D 322 -2.53 18.39 13.33
CA ASN D 322 -3.10 19.09 12.15
C ASN D 322 -4.31 19.89 12.59
N ALA D 323 -5.11 19.37 13.50
CA ALA D 323 -6.31 20.13 13.91
C ALA D 323 -5.89 21.33 14.75
N LYS D 324 -4.82 21.21 15.52
CA LYS D 324 -4.39 22.34 16.38
C LYS D 324 -3.98 23.54 15.50
N LYS D 325 -3.34 23.28 14.38
CA LYS D 325 -2.88 24.39 13.50
C LYS D 325 -4.04 24.90 12.65
N LEU D 326 -4.76 24.00 12.00
CA LEU D 326 -5.85 24.41 11.12
C LEU D 326 -6.89 25.23 11.87
N PHE D 327 -7.24 24.81 13.09
CA PHE D 327 -8.30 25.45 13.87
C PHE D 327 -7.76 26.41 14.90
N LYS D 328 -6.46 26.70 14.88
CA LYS D 328 -5.86 27.70 15.75
C LYS D 328 -6.33 27.52 17.20
N LEU D 329 -6.00 26.26 17.78
CA LEU D 329 -6.37 25.78 19.11
C LEU D 329 -5.26 26.04 20.14
N PRO D 330 -5.64 26.22 21.42
CA PRO D 330 -4.70 26.43 22.54
C PRO D 330 -3.58 25.42 22.60
#